data_7P06
#
_entry.id   7P06
#
_cell.length_a   1.00
_cell.length_b   1.00
_cell.length_c   1.00
_cell.angle_alpha   90.00
_cell.angle_beta   90.00
_cell.angle_gamma   90.00
#
_symmetry.space_group_name_H-M   'P 1'
#
loop_
_entity.id
_entity.type
_entity.pdbx_description
1 polymer 'Pleiotropic ABC efflux transporter of multiple drugs'
2 non-polymer "ADENOSINE-5'-TRIPHOSPHATE"
3 non-polymer 'MAGNESIUM ION'
4 non-polymer 'ADP ORTHOVANADATE'
#
_entity_poly.entity_id   1
_entity_poly.type   'polypeptide(L)'
_entity_poly.pdbx_seq_one_letter_code
;MPEAKLNNNVNDVTSYSSASSSTENAADLHNYNGFDEHTEARIQKLARTLTAQSMQNSTQSAPNKSDAQSIFSSGVEGVN
PIFSDPEAPGYDPKLDPNSENFSSAAWVKNMAHLSAADPDFYKPYSLGCAWKNLSASGASADVAYQSTVVNIPYKILKSG
LRKFQRSKETNTFQILKPMDGCLNPGELLVVLGRPGSGCTTLLKSISSNTHGFDLGADTKISYSGYSGDDIKKHFRGEVV
YNAEADVHLPHLTVFETLVTVARLKTPQNRIKGVDRESYANHLAEVAMATYGLSHTRNTKVGNDIVRGVSGGERKRVSIA
EVSICGSKFQCWDNATRGLDSATALEFIRALKTQADISNTSATVAIYQCSQDAYDLFNKVCVLDDGYQIYYGPADKAKKY
FEDMGYVCPSRQTTADFLTSVTSPSERTLNKDMLKKGIHIPQTPKEMNDYWVKSPNYKELMKEVDQRLLNDDEASREAIK
EAHIAKQSKRARPSSPYTVSYMMQVKYLLIRNMWRLRNNIGFTLFMILGNCSMALILGSMFFKIMKKGDTSTFYFRGSAM
FFAILFNAFSSLLEIFSLYEARPITEKHRTYSLYHPSADAFASVLSEIPSKLIIAVCFNIIFYFLVDFRRNGGVFFFYLL
INIVAVFSMSHLFRCVGSLTKTLSEAMVPASMLLLALSMYTGFAIPKKKILRWSKWIWYINPLAYLFESLLINEFHGIKF
PCAEYVPRGPAYANISSTESVCTVVGAVPGQDYVLGDDFIRGTYQYYHKDKWRGFGIGMAYVVFFFFVYLFLCEYNEGAK
QKGEILVFPRSIVKRMKKRGVLTEKNANDPENVGERSDLSSDRKMLQESSEEESDTYGEIGLSKSEAIFHWRNLCYEVQI
KAETRRILNNVDGWVKPGTLTALMGASGAGKTTLLDCLAERVTMGVITGDILVNGIPRDKSFPRSIGYCQQQDLHLKTAT
VRESLRFSAYLRQPAEVSIEEKNRYVEEVIKILEMEKYADAVVGVAGEGLNVEQRKRLTIGVELTAKPKLLVFLDEPTSG
LDSQTAWSICQLMKKLANHGQAILCTIHQPSAILMQEFDRLLFMQRGGKTVYFGDLGEGCKTMIDYFESHGAHKCPADAN
PAEWMLEVVGAAPGSHANQDYYEVWRNSEEYRAVQSELDWMERELPKKGSITAAEDKHEFSQSIIYQTKLVSIRLFQQYW
RSPDYLWSKFILTIFNQLFIGFTFFKAGTSLQGLQNQMLAVFMFTVIFNPILQQYLPSFVQQRDLYEARERPSRTFSWIS
FIFAQIFVEVPWNILAGTIAYFIYYYPIGFYSNASAAGQLHERGALFWLFSCAFYVYVGSMGLLVISFNQVAESAANLAS
LLFTMSLSFCGVMTTPSAMPRFWIFMYRVSPLTYFIQALLAVGVANVDVKCADYELLEFTPPSGMTCGQYMEPYLQLAKT
GYLTDENATDTCSFCQISTTNDYLANVNSFYSERWRNYGIFICYIAFNYIAGVFFYWLARVPKKNGKLSKK
;
_entity_poly.pdbx_strand_id   A
#
loop_
_chem_comp.id
_chem_comp.type
_chem_comp.name
_chem_comp.formula
AOV non-polymer 'ADP ORTHOVANADATE' 'C10 H17 N5 O14 P2 V'
ATP non-polymer ADENOSINE-5'-TRIPHOSPHATE 'C10 H16 N5 O13 P3'
MG non-polymer 'MAGNESIUM ION' 'Mg 2'
#
# COMPACT_ATOMS: atom_id res chain seq x y z
N ASP A 92 12.86 38.53 18.07
CA ASP A 92 14.05 37.87 17.56
C ASP A 92 14.11 36.39 17.93
N PRO A 93 13.94 36.07 19.22
CA PRO A 93 13.99 34.66 19.62
C PRO A 93 12.77 33.86 19.21
N LYS A 94 11.75 34.48 18.63
CA LYS A 94 10.52 33.79 18.26
C LYS A 94 10.17 33.90 16.79
N LEU A 95 11.13 34.32 15.95
CA LEU A 95 10.96 34.24 14.49
C LEU A 95 11.46 32.87 14.07
N ASP A 96 10.53 31.94 13.81
CA ASP A 96 10.93 30.54 13.73
C ASP A 96 11.88 30.22 12.59
N PRO A 97 12.02 31.01 11.51
CA PRO A 97 13.03 30.64 10.52
C PRO A 97 14.42 31.09 10.92
N ASN A 98 14.53 31.95 11.94
CA ASN A 98 15.82 32.46 12.40
C ASN A 98 16.42 31.42 13.32
N SER A 99 17.02 30.39 12.72
CA SER A 99 17.60 29.31 13.51
C SER A 99 18.65 29.83 14.49
N GLU A 100 19.25 30.97 14.20
CA GLU A 100 20.31 31.49 15.06
C GLU A 100 19.83 31.70 16.49
N ASN A 101 18.54 31.99 16.68
CA ASN A 101 18.06 32.44 17.98
C ASN A 101 16.76 31.80 18.44
N PHE A 102 16.03 31.08 17.58
CA PHE A 102 14.69 30.63 17.93
C PHE A 102 14.71 29.84 19.23
N SER A 103 13.69 30.07 20.06
CA SER A 103 13.57 29.38 21.35
C SER A 103 12.10 29.09 21.59
N SER A 104 11.73 27.81 21.49
CA SER A 104 10.32 27.43 21.57
C SER A 104 9.64 28.02 22.79
N ALA A 105 10.28 27.89 23.96
CA ALA A 105 9.68 28.39 25.18
C ALA A 105 9.25 29.84 25.02
N ALA A 106 10.07 30.65 24.37
CA ALA A 106 9.70 32.03 24.17
C ALA A 106 8.43 32.15 23.33
N TRP A 107 8.33 31.35 22.26
CA TRP A 107 7.16 31.43 21.42
C TRP A 107 5.90 31.05 22.18
N VAL A 108 5.94 29.96 22.93
CA VAL A 108 4.73 29.53 23.62
C VAL A 108 4.38 30.49 24.74
N LYS A 109 5.37 31.04 25.45
CA LYS A 109 5.08 32.02 26.48
C LYS A 109 4.44 33.27 25.87
N ASN A 110 4.97 33.74 24.74
CA ASN A 110 4.38 34.90 24.09
C ASN A 110 2.96 34.61 23.66
N MET A 111 2.73 33.44 23.09
CA MET A 111 1.39 33.11 22.62
C MET A 111 0.42 32.97 23.79
N ALA A 112 0.91 32.54 24.96
CA ALA A 112 0.07 32.52 26.14
C ALA A 112 -0.25 33.93 26.62
N HIS A 113 0.75 34.83 26.58
CA HIS A 113 0.49 36.22 26.94
C HIS A 113 -0.52 36.85 26.00
N LEU A 114 -0.50 36.44 24.73
CA LEU A 114 -1.46 36.98 23.77
C LEU A 114 -2.85 36.37 23.98
N SER A 115 -2.91 35.07 24.27
CA SER A 115 -4.20 34.41 24.44
C SER A 115 -4.79 34.65 25.82
N ALA A 116 -3.98 35.09 26.78
CA ALA A 116 -4.52 35.50 28.07
C ALA A 116 -4.92 36.96 28.08
N ALA A 117 -4.55 37.72 27.04
CA ALA A 117 -4.89 39.13 27.01
C ALA A 117 -6.40 39.35 26.94
N ASP A 118 -7.10 38.59 26.09
CA ASP A 118 -8.54 38.72 25.92
C ASP A 118 -9.18 37.35 26.02
N PRO A 119 -9.38 36.85 27.23
CA PRO A 119 -9.97 35.51 27.37
C PRO A 119 -11.34 35.39 26.73
N ASP A 120 -12.04 36.51 26.55
CA ASP A 120 -13.34 36.47 25.88
C ASP A 120 -13.21 36.00 24.44
N PHE A 121 -12.07 36.28 23.80
CA PHE A 121 -11.90 35.99 22.38
C PHE A 121 -11.17 34.66 22.15
N TYR A 122 -10.07 34.44 22.86
CA TYR A 122 -9.32 33.19 22.73
C TYR A 122 -9.91 32.07 23.58
N LYS A 123 -10.78 32.39 24.53
CA LYS A 123 -11.53 31.40 25.28
C LYS A 123 -10.61 30.33 25.87
N PRO A 124 -9.84 30.65 26.90
CA PRO A 124 -9.00 29.64 27.53
C PRO A 124 -9.87 28.55 28.15
N TYR A 125 -9.37 27.32 28.11
CA TYR A 125 -10.11 26.18 28.66
C TYR A 125 -9.11 25.13 29.11
N SER A 126 -9.63 24.06 29.70
CA SER A 126 -8.80 23.01 30.27
C SER A 126 -9.52 21.68 30.15
N LEU A 127 -8.74 20.60 30.13
CA LEU A 127 -9.28 19.27 29.92
C LEU A 127 -8.36 18.25 30.56
N GLY A 128 -8.94 17.40 31.41
CA GLY A 128 -8.19 16.31 32.01
C GLY A 128 -8.93 15.00 31.80
N CYS A 129 -8.83 14.11 32.77
CA CYS A 129 -9.60 12.88 32.75
C CYS A 129 -9.49 12.21 34.11
N ALA A 130 -10.24 11.12 34.28
CA ALA A 130 -10.16 10.30 35.48
C ALA A 130 -10.92 9.01 35.22
N TRP A 131 -10.28 7.86 35.48
CA TRP A 131 -10.85 6.59 35.10
C TRP A 131 -10.85 5.62 36.26
N LYS A 132 -11.95 4.88 36.39
CA LYS A 132 -12.12 3.86 37.42
C LYS A 132 -12.30 2.50 36.76
N ASN A 133 -11.75 1.48 37.41
CA ASN A 133 -11.91 0.10 36.96
C ASN A 133 -11.82 -0.01 35.44
N LEU A 134 -10.77 0.53 34.85
CA LEU A 134 -10.58 0.47 33.41
C LEU A 134 -10.09 -0.93 33.04
N SER A 135 -10.88 -1.66 32.27
CA SER A 135 -10.53 -3.02 31.90
C SER A 135 -10.84 -3.24 30.43
N ALA A 136 -9.94 -3.94 29.75
CA ALA A 136 -10.09 -4.21 28.33
C ALA A 136 -9.86 -5.68 28.08
N SER A 137 -10.55 -6.20 27.06
CA SER A 137 -10.44 -7.61 26.73
C SER A 137 -10.53 -7.75 25.22
N GLY A 138 -9.91 -8.82 24.70
CA GLY A 138 -9.87 -9.03 23.26
C GLY A 138 -10.03 -10.48 22.87
N ALA A 139 -9.49 -10.84 21.70
CA ALA A 139 -9.63 -12.19 21.18
C ALA A 139 -8.89 -13.18 22.07
N SER A 140 -8.99 -14.47 21.74
CA SER A 140 -8.34 -15.52 22.51
C SER A 140 -7.69 -16.51 21.56
N ALA A 141 -6.72 -17.26 22.08
CA ALA A 141 -6.01 -18.23 21.25
C ALA A 141 -6.94 -19.28 20.67
N ASP A 142 -8.11 -19.49 21.28
CA ASP A 142 -9.07 -20.44 20.73
C ASP A 142 -9.56 -20.02 19.35
N VAL A 143 -9.39 -18.75 18.97
CA VAL A 143 -9.83 -18.27 17.67
C VAL A 143 -8.71 -17.67 16.85
N ALA A 144 -7.54 -17.39 17.41
CA ALA A 144 -6.45 -16.77 16.67
C ALA A 144 -5.68 -17.84 15.91
N TYR A 145 -5.52 -17.63 14.60
CA TYR A 145 -4.85 -18.61 13.74
C TYR A 145 -4.31 -17.88 12.52
N GLN A 146 -3.39 -18.53 11.83
CA GLN A 146 -2.92 -17.99 10.56
C GLN A 146 -3.86 -18.41 9.44
N SER A 147 -4.72 -17.48 9.02
CA SER A 147 -5.70 -17.79 8.00
C SER A 147 -5.01 -18.19 6.70
N THR A 148 -5.62 -19.11 5.98
CA THR A 148 -5.05 -19.62 4.74
C THR A 148 -6.15 -20.13 3.84
N VAL A 149 -5.77 -20.45 2.60
CA VAL A 149 -6.76 -20.78 1.57
C VAL A 149 -7.66 -21.92 2.03
N VAL A 150 -7.08 -22.95 2.63
CA VAL A 150 -7.87 -24.10 3.05
C VAL A 150 -8.78 -23.74 4.21
N ASN A 151 -8.27 -22.97 5.16
CA ASN A 151 -8.98 -22.78 6.42
C ASN A 151 -9.98 -21.64 6.38
N ILE A 152 -9.95 -20.79 5.36
CA ILE A 152 -10.83 -19.61 5.34
C ILE A 152 -12.30 -19.99 5.41
N PRO A 153 -12.80 -20.98 4.65
CA PRO A 153 -14.22 -21.32 4.77
C PRO A 153 -14.61 -21.76 6.18
N TYR A 154 -13.86 -22.70 6.75
CA TYR A 154 -14.14 -23.11 8.12
C TYR A 154 -13.94 -21.95 9.09
N LYS A 155 -12.96 -21.09 8.82
CA LYS A 155 -12.74 -19.93 9.68
C LYS A 155 -13.96 -19.02 9.67
N ILE A 156 -14.55 -18.80 8.50
CA ILE A 156 -15.73 -17.94 8.41
C ILE A 156 -16.91 -18.59 9.11
N LEU A 157 -17.06 -19.91 8.93
CA LEU A 157 -18.16 -20.62 9.61
C LEU A 157 -18.04 -20.48 11.12
N LYS A 158 -16.83 -20.69 11.66
CA LYS A 158 -16.65 -20.57 13.09
C LYS A 158 -16.74 -19.12 13.55
N SER A 159 -16.43 -18.16 12.68
CA SER A 159 -16.67 -16.76 13.01
C SER A 159 -18.16 -16.48 13.15
N GLY A 160 -18.97 -17.02 12.25
CA GLY A 160 -20.42 -16.90 12.40
C GLY A 160 -20.90 -17.53 13.68
N LEU A 161 -20.37 -18.72 14.01
CA LEU A 161 -20.72 -19.36 15.27
C LEU A 161 -20.31 -18.49 16.46
N ARG A 162 -19.13 -17.87 16.38
CA ARG A 162 -18.68 -16.99 17.45
C ARG A 162 -19.63 -15.82 17.63
N LYS A 163 -20.09 -15.23 16.53
CA LYS A 163 -21.06 -14.15 16.61
C LYS A 163 -22.35 -14.64 17.26
N PHE A 164 -22.81 -15.84 16.87
CA PHE A 164 -24.03 -16.40 17.42
C PHE A 164 -23.76 -17.75 18.09
N ASN A 171 -14.07 -16.94 27.08
CA ASN A 171 -12.68 -16.98 27.51
C ASN A 171 -11.86 -15.88 26.82
N THR A 172 -12.49 -14.72 26.63
CA THR A 172 -11.82 -13.61 25.96
C THR A 172 -10.60 -13.17 26.77
N PHE A 173 -9.47 -13.04 26.09
CA PHE A 173 -8.25 -12.59 26.74
C PHE A 173 -8.47 -11.23 27.39
N GLN A 174 -8.32 -11.17 28.71
CA GLN A 174 -8.36 -9.89 29.41
C GLN A 174 -6.95 -9.32 29.43
N ILE A 175 -6.79 -8.11 28.90
CA ILE A 175 -5.46 -7.54 28.72
C ILE A 175 -5.13 -6.54 29.82
N LEU A 176 -6.06 -5.64 30.12
CA LEU A 176 -5.85 -4.64 31.16
C LEU A 176 -6.75 -4.99 32.33
N LYS A 177 -6.22 -5.57 33.28
CA LYS A 177 -6.98 -5.90 34.46
C LYS A 177 -7.23 -4.64 35.29
N PRO A 178 -8.29 -4.61 36.10
CA PRO A 178 -8.81 -3.34 36.61
C PRO A 178 -7.75 -2.32 37.01
N MET A 179 -7.93 -1.07 36.57
CA MET A 179 -7.01 0.02 36.84
C MET A 179 -7.77 1.22 37.36
N ASP A 180 -7.02 2.28 37.66
CA ASP A 180 -7.58 3.53 38.15
C ASP A 180 -6.64 4.67 37.80
N GLY A 181 -6.93 5.84 38.36
CA GLY A 181 -6.05 6.97 38.21
C GLY A 181 -6.81 8.20 37.76
N CYS A 182 -6.31 9.34 38.20
CA CYS A 182 -6.85 10.62 37.77
C CYS A 182 -5.69 11.47 37.28
N LEU A 183 -5.96 12.28 36.25
CA LEU A 183 -4.93 13.10 35.63
C LEU A 183 -5.43 14.54 35.57
N ASN A 184 -5.09 15.33 36.58
CA ASN A 184 -5.51 16.72 36.59
C ASN A 184 -4.93 17.44 35.39
N PRO A 185 -5.63 18.43 34.86
CA PRO A 185 -5.06 19.21 33.75
C PRO A 185 -3.79 19.92 34.19
N GLY A 186 -2.81 19.97 33.29
CA GLY A 186 -1.56 20.62 33.58
C GLY A 186 -0.52 19.75 34.24
N GLU A 187 -0.74 18.45 34.31
CA GLU A 187 0.16 17.51 34.95
C GLU A 187 0.49 16.37 33.99
N LEU A 188 1.75 16.23 33.65
CA LEU A 188 2.20 15.16 32.78
C LEU A 188 2.03 13.82 33.47
N LEU A 189 1.84 12.78 32.67
CA LEU A 189 1.78 11.41 33.16
C LEU A 189 2.71 10.58 32.31
N VAL A 190 3.46 9.67 32.94
CA VAL A 190 4.40 8.80 32.25
C VAL A 190 4.04 7.36 32.58
N VAL A 191 3.92 6.54 31.54
CA VAL A 191 3.51 5.15 31.68
C VAL A 191 4.73 4.27 31.42
N LEU A 192 5.00 3.35 32.34
CA LEU A 192 6.14 2.45 32.23
C LEU A 192 5.68 1.01 32.31
N GLY A 193 6.39 0.15 31.59
CA GLY A 193 6.11 -1.27 31.63
C GLY A 193 6.97 -1.97 30.60
N ARG A 194 7.12 -3.28 30.80
CA ARG A 194 7.85 -4.09 29.83
C ARG A 194 7.06 -4.15 28.52
N PRO A 195 7.73 -4.27 27.39
CA PRO A 195 6.99 -4.49 26.14
C PRO A 195 6.10 -5.71 26.26
N GLY A 196 4.81 -5.50 26.02
CA GLY A 196 3.81 -6.53 26.23
C GLY A 196 3.08 -6.43 27.55
N SER A 197 3.27 -5.34 28.29
CA SER A 197 2.66 -5.20 29.61
C SER A 197 1.36 -4.41 29.60
N GLY A 198 0.92 -3.92 28.44
CA GLY A 198 -0.34 -3.21 28.34
C GLY A 198 -0.22 -1.70 28.26
N CYS A 199 0.91 -1.15 27.81
CA CYS A 199 1.06 0.30 27.81
C CYS A 199 0.20 0.94 26.73
N THR A 200 0.45 0.59 25.47
CA THR A 200 -0.26 1.24 24.38
C THR A 200 -1.76 0.95 24.45
N THR A 201 -2.14 -0.21 24.97
CA THR A 201 -3.56 -0.49 25.16
C THR A 201 -4.15 0.45 26.21
N LEU A 202 -3.41 0.73 27.28
CA LEU A 202 -3.90 1.70 28.26
C LEU A 202 -4.05 3.07 27.64
N LEU A 203 -3.02 3.53 26.91
CA LEU A 203 -3.10 4.84 26.29
C LEU A 203 -4.27 4.92 25.33
N LYS A 204 -4.46 3.89 24.51
CA LYS A 204 -5.59 3.85 23.60
C LYS A 204 -6.91 3.84 24.35
N SER A 205 -6.94 3.22 25.53
CA SER A 205 -8.18 3.12 26.29
C SER A 205 -8.58 4.46 26.90
N ILE A 206 -7.63 5.17 27.50
CA ILE A 206 -7.98 6.43 28.14
C ILE A 206 -8.38 7.48 27.12
N SER A 207 -7.84 7.44 25.92
CA SER A 207 -8.15 8.42 24.89
C SER A 207 -9.33 8.01 24.03
N SER A 208 -10.21 7.15 24.53
CA SER A 208 -11.44 6.77 23.84
C SER A 208 -11.19 6.50 22.35
N ASN A 209 -10.09 5.82 22.05
CA ASN A 209 -9.72 5.48 20.68
C ASN A 209 -9.62 3.98 20.49
N THR A 210 -10.59 3.22 21.00
CA THR A 210 -10.43 1.79 21.26
C THR A 210 -11.03 0.94 20.15
N HIS A 211 -10.35 0.92 19.01
CA HIS A 211 -10.66 -0.07 17.99
C HIS A 211 -9.99 -1.39 18.34
N GLY A 212 -10.55 -2.48 17.82
CA GLY A 212 -10.02 -3.79 18.12
C GLY A 212 -10.63 -4.37 19.38
N PHE A 213 -9.93 -4.22 20.50
CA PHE A 213 -10.44 -4.71 21.77
C PHE A 213 -11.69 -3.93 22.16
N ASP A 214 -12.25 -4.27 23.32
CA ASP A 214 -13.42 -3.58 23.84
C ASP A 214 -13.33 -3.53 25.35
N LEU A 215 -13.77 -2.40 25.92
CA LEU A 215 -13.65 -2.19 27.35
C LEU A 215 -14.65 -3.04 28.12
N GLY A 216 -14.44 -3.14 29.42
CA GLY A 216 -15.41 -3.79 30.27
C GLY A 216 -16.60 -2.88 30.52
N ALA A 217 -17.73 -3.50 30.86
CA ALA A 217 -18.93 -2.73 31.19
C ALA A 217 -18.78 -1.99 32.51
N ASP A 218 -17.87 -2.43 33.38
CA ASP A 218 -17.68 -1.77 34.66
C ASP A 218 -16.92 -0.46 34.54
N THR A 219 -16.06 -0.32 33.53
CA THR A 219 -15.22 0.85 33.42
C THR A 219 -16.04 2.13 33.53
N LYS A 220 -15.39 3.20 33.96
CA LYS A 220 -16.01 4.51 34.06
C LYS A 220 -14.97 5.59 33.80
N ILE A 221 -15.03 6.21 32.63
CA ILE A 221 -14.10 7.26 32.24
C ILE A 221 -14.86 8.58 32.25
N SER A 222 -14.13 9.66 32.49
CA SER A 222 -14.72 10.99 32.55
C SER A 222 -13.67 12.02 32.15
N TYR A 223 -13.91 12.72 31.05
CA TYR A 223 -13.01 13.78 30.60
C TYR A 223 -13.44 15.12 31.19
N SER A 224 -13.54 15.16 32.50
CA SER A 224 -13.93 16.35 33.26
C SER A 224 -15.37 16.73 33.00
N GLY A 225 -16.23 15.74 32.76
CA GLY A 225 -17.65 15.96 32.60
C GLY A 225 -18.22 15.22 31.40
N TYR A 226 -17.42 15.11 30.35
CA TYR A 226 -17.86 14.40 29.16
C TYR A 226 -17.66 12.91 29.32
N SER A 227 -18.63 12.13 28.88
CA SER A 227 -18.42 10.70 28.76
C SER A 227 -17.49 10.43 27.60
N GLY A 228 -17.03 9.18 27.49
CA GLY A 228 -16.18 8.83 26.38
C GLY A 228 -16.83 9.09 25.04
N ASP A 229 -18.10 8.70 24.89
CA ASP A 229 -18.77 8.82 23.60
C ASP A 229 -18.90 10.27 23.17
N ASP A 230 -19.25 11.16 24.11
CA ASP A 230 -19.45 12.56 23.72
C ASP A 230 -18.18 13.21 23.21
N ILE A 231 -17.02 12.63 23.53
CA ILE A 231 -15.77 13.11 22.93
C ILE A 231 -15.72 12.73 21.45
N LYS A 232 -16.08 11.48 21.14
CA LYS A 232 -16.17 11.08 19.75
C LYS A 232 -17.22 11.89 19.00
N LYS A 233 -18.38 12.08 19.61
CA LYS A 233 -19.51 12.68 18.90
C LYS A 233 -19.29 14.16 18.61
N HIS A 234 -18.67 14.88 19.52
CA HIS A 234 -18.51 16.32 19.36
C HIS A 234 -17.07 16.80 19.40
N PHE A 235 -16.24 16.27 20.29
CA PHE A 235 -14.97 16.89 20.61
C PHE A 235 -13.74 16.05 20.28
N ARG A 236 -13.90 14.92 19.61
CA ARG A 236 -12.72 14.18 19.18
C ARG A 236 -11.76 15.13 18.48
N GLY A 237 -10.60 15.33 19.08
CA GLY A 237 -9.70 16.38 18.68
C GLY A 237 -9.12 17.04 19.91
N GLU A 238 -9.90 17.04 20.99
CA GLU A 238 -9.39 17.47 22.28
C GLU A 238 -8.70 16.32 23.01
N VAL A 239 -8.68 15.13 22.43
CA VAL A 239 -8.03 13.96 23.02
C VAL A 239 -7.34 13.20 21.91
N VAL A 240 -6.02 13.36 21.79
CA VAL A 240 -5.27 12.90 20.63
C VAL A 240 -4.32 11.79 21.06
N TYR A 241 -4.39 10.67 20.36
CA TYR A 241 -3.50 9.54 20.59
C TYR A 241 -2.58 9.38 19.39
N ASN A 242 -1.27 9.33 19.65
CA ASN A 242 -0.26 9.21 18.60
C ASN A 242 0.29 7.80 18.60
N ALA A 243 -0.23 6.95 17.72
CA ALA A 243 0.21 5.57 17.67
C ALA A 243 1.71 5.49 17.43
N GLU A 244 2.29 4.35 17.82
CA GLU A 244 3.72 4.15 17.64
C GLU A 244 4.11 4.13 16.17
N ALA A 245 3.22 3.68 15.30
CA ALA A 245 3.54 3.58 13.89
C ALA A 245 3.68 4.96 13.26
N ASP A 246 4.85 5.23 12.70
CA ASP A 246 5.10 6.47 11.97
C ASP A 246 4.57 6.33 10.53
N VAL A 247 3.31 6.67 10.35
CA VAL A 247 2.63 6.48 9.06
C VAL A 247 2.55 7.81 8.35
N HIS A 248 3.03 7.85 7.10
CA HIS A 248 2.99 9.06 6.28
C HIS A 248 2.93 8.64 4.83
N LEU A 249 2.62 9.61 3.98
CA LEU A 249 2.74 9.39 2.55
C LEU A 249 4.22 9.39 2.19
N PRO A 250 4.72 8.33 1.56
CA PRO A 250 6.17 8.23 1.39
C PRO A 250 6.78 9.37 0.58
N HIS A 251 6.04 9.92 -0.37
CA HIS A 251 6.64 10.84 -1.34
C HIS A 251 6.38 12.31 -1.03
N LEU A 252 5.38 12.60 -0.21
CA LEU A 252 5.12 14.00 0.15
C LEU A 252 6.19 14.51 1.10
N THR A 253 6.81 15.62 0.73
CA THR A 253 7.91 16.15 1.52
C THR A 253 7.42 16.53 2.92
N VAL A 254 8.38 16.89 3.78
CA VAL A 254 8.04 17.21 5.15
C VAL A 254 7.22 18.49 5.22
N PHE A 255 7.67 19.54 4.52
CA PHE A 255 6.98 20.82 4.64
C PHE A 255 5.54 20.70 4.19
N GLU A 256 5.29 20.02 3.08
CA GLU A 256 3.91 19.82 2.63
C GLU A 256 3.11 19.04 3.66
N THR A 257 3.71 17.98 4.22
CA THR A 257 3.02 17.17 5.22
C THR A 257 2.55 18.03 6.38
N LEU A 258 3.44 18.90 6.88
CA LEU A 258 3.09 19.70 8.04
C LEU A 258 2.13 20.82 7.68
N VAL A 259 2.34 21.47 6.53
CA VAL A 259 1.53 22.62 6.19
C VAL A 259 0.10 22.20 5.90
N THR A 260 -0.12 21.00 5.35
CA THR A 260 -1.50 20.57 5.11
C THR A 260 -2.28 20.50 6.42
N VAL A 261 -1.71 19.88 7.44
CA VAL A 261 -2.41 19.80 8.73
C VAL A 261 -2.51 21.18 9.37
N ALA A 262 -1.48 22.00 9.24
CA ALA A 262 -1.57 23.36 9.74
C ALA A 262 -2.76 24.08 9.13
N ARG A 263 -2.87 24.06 7.80
CA ARG A 263 -4.04 24.62 7.12
C ARG A 263 -5.31 24.06 7.71
N LEU A 264 -5.39 22.74 7.84
CA LEU A 264 -6.62 22.11 8.30
C LEU A 264 -6.95 22.49 9.74
N LYS A 265 -5.99 23.01 10.50
CA LYS A 265 -6.21 23.31 11.91
C LYS A 265 -6.03 24.79 12.26
N THR A 266 -5.84 25.66 11.28
CA THR A 266 -5.77 27.08 11.58
C THR A 266 -7.06 27.52 12.23
N PRO A 267 -7.07 27.88 13.51
CA PRO A 267 -8.32 28.26 14.16
C PRO A 267 -8.86 29.58 13.62
N GLN A 268 -10.15 29.77 13.80
CA GLN A 268 -10.67 31.13 13.87
C GLN A 268 -10.18 31.72 15.18
N ASN A 269 -10.36 33.02 15.34
CA ASN A 269 -9.90 33.73 16.53
C ASN A 269 -8.42 33.44 16.81
N ARG A 270 -7.65 33.19 15.77
CA ARG A 270 -6.21 33.25 15.90
C ARG A 270 -5.80 34.71 16.13
N ILE A 271 -4.48 34.95 16.19
CA ILE A 271 -4.02 36.31 16.39
C ILE A 271 -4.81 37.23 15.47
N LYS A 272 -5.42 38.26 16.05
CA LYS A 272 -6.43 39.01 15.33
C LYS A 272 -5.79 40.02 14.38
N GLY A 273 -4.80 39.58 13.61
CA GLY A 273 -4.18 40.45 12.62
C GLY A 273 -3.66 39.72 11.40
N VAL A 274 -3.98 38.44 11.24
CA VAL A 274 -3.30 37.60 10.26
C VAL A 274 -4.35 36.87 9.41
N ASP A 275 -3.95 36.51 8.19
CA ASP A 275 -4.78 35.73 7.30
C ASP A 275 -4.54 34.24 7.50
N ARG A 276 -5.44 33.42 6.94
CA ARG A 276 -5.36 31.99 7.16
C ARG A 276 -4.07 31.41 6.59
N GLU A 277 -3.72 31.78 5.36
CA GLU A 277 -2.59 31.14 4.70
C GLU A 277 -1.29 31.44 5.43
N SER A 278 -1.06 32.71 5.77
CA SER A 278 0.17 33.08 6.45
C SER A 278 0.27 32.39 7.80
N TYR A 279 -0.83 32.36 8.54
CA TYR A 279 -0.82 31.71 9.85
C TYR A 279 -0.53 30.23 9.73
N ALA A 280 -1.15 29.56 8.76
CA ALA A 280 -0.88 28.14 8.56
C ALA A 280 0.58 27.90 8.25
N ASN A 281 1.14 28.71 7.34
CA ASN A 281 2.53 28.54 6.95
C ASN A 281 3.45 28.77 8.13
N HIS A 282 3.19 29.82 8.91
CA HIS A 282 4.04 30.12 10.05
C HIS A 282 3.93 29.06 11.13
N LEU A 283 2.71 28.53 11.34
CA LEU A 283 2.54 27.47 12.32
C LEU A 283 3.31 26.23 11.91
N ALA A 284 3.28 25.88 10.62
CA ALA A 284 4.09 24.76 10.16
C ALA A 284 5.58 25.03 10.37
N GLU A 285 6.03 26.25 10.05
CA GLU A 285 7.45 26.56 10.19
C GLU A 285 7.89 26.46 11.66
N VAL A 286 7.08 26.97 12.58
CA VAL A 286 7.46 26.90 13.98
C VAL A 286 7.43 25.46 14.48
N ALA A 287 6.42 24.69 14.08
CA ALA A 287 6.37 23.30 14.51
C ALA A 287 7.59 22.53 14.03
N MET A 288 8.07 22.83 12.82
CA MET A 288 9.19 22.06 12.30
C MET A 288 10.54 22.68 12.65
N ALA A 289 10.55 23.89 13.24
CA ALA A 289 11.80 24.45 13.72
C ALA A 289 12.01 24.13 15.19
N THR A 290 10.93 23.95 15.94
CA THR A 290 11.05 23.60 17.35
C THR A 290 11.39 22.14 17.58
N TYR A 291 11.42 21.32 16.52
CA TYR A 291 11.78 19.92 16.63
C TYR A 291 12.98 19.55 15.79
N GLY A 292 13.75 20.54 15.32
CA GLY A 292 14.97 20.24 14.60
C GLY A 292 14.77 19.70 13.21
N LEU A 293 13.64 19.97 12.59
CA LEU A 293 13.35 19.45 11.25
C LEU A 293 13.58 20.48 10.14
N SER A 294 14.08 21.67 10.46
CA SER A 294 14.08 22.73 9.47
C SER A 294 15.05 22.44 8.32
N HIS A 295 16.05 21.59 8.54
CA HIS A 295 16.97 21.28 7.45
C HIS A 295 16.43 20.22 6.51
N THR A 296 15.31 19.58 6.86
CA THR A 296 14.62 18.67 5.96
C THR A 296 13.39 19.30 5.33
N ARG A 297 13.46 20.60 5.02
CA ARG A 297 12.28 21.31 4.55
C ARG A 297 11.66 20.64 3.33
N ASN A 298 12.49 20.07 2.47
CA ASN A 298 12.06 19.57 1.17
C ASN A 298 12.56 18.16 0.89
N THR A 299 12.56 17.30 1.90
CA THR A 299 12.97 15.91 1.71
C THR A 299 11.76 14.99 1.83
N LYS A 300 11.76 13.92 1.04
CA LYS A 300 10.68 12.95 1.11
C LYS A 300 10.56 12.39 2.51
N VAL A 301 9.34 12.38 3.05
CA VAL A 301 9.14 11.76 4.35
C VAL A 301 9.51 10.29 4.29
N GLY A 302 9.38 9.69 3.12
CA GLY A 302 9.83 8.32 2.93
C GLY A 302 9.13 7.34 3.87
N ASN A 303 9.58 6.10 3.77
CA ASN A 303 9.06 5.03 4.60
C ASN A 303 10.18 3.99 4.77
N ASP A 304 9.84 2.82 5.26
CA ASP A 304 10.84 1.78 5.46
C ASP A 304 11.55 1.38 4.18
N ILE A 305 10.94 1.66 3.02
CA ILE A 305 11.50 1.27 1.73
C ILE A 305 12.03 2.49 0.97
N VAL A 306 11.19 3.51 0.77
CA VAL A 306 11.62 4.70 0.07
C VAL A 306 12.57 5.47 0.98
N ARG A 307 13.76 5.76 0.48
CA ARG A 307 14.77 6.45 1.28
C ARG A 307 14.44 7.94 1.35
N GLY A 308 14.14 8.41 2.55
CA GLY A 308 13.86 9.82 2.77
C GLY A 308 14.47 10.31 4.07
N VAL A 309 13.69 11.02 4.88
CA VAL A 309 14.20 11.44 6.17
C VAL A 309 14.44 10.22 7.05
N SER A 310 15.40 10.34 7.95
CA SER A 310 15.78 9.23 8.80
C SER A 310 14.64 8.83 9.74
N GLY A 311 14.76 7.64 10.31
CA GLY A 311 13.70 7.15 11.18
C GLY A 311 13.37 8.10 12.31
N GLY A 312 14.40 8.64 12.95
CA GLY A 312 14.17 9.64 13.99
C GLY A 312 13.49 10.87 13.46
N GLU A 313 13.88 11.32 12.27
CA GLU A 313 13.23 12.48 11.68
C GLU A 313 11.79 12.18 11.31
N ARG A 314 11.49 10.95 10.88
CA ARG A 314 10.11 10.58 10.63
C ARG A 314 9.28 10.60 11.91
N LYS A 315 9.83 10.06 12.99
CA LYS A 315 9.13 10.12 14.26
C LYS A 315 8.89 11.56 14.67
N ARG A 316 9.89 12.41 14.50
CA ARG A 316 9.71 13.82 14.85
C ARG A 316 8.72 14.51 13.93
N VAL A 317 8.62 14.08 12.67
CA VAL A 317 7.59 14.63 11.80
C VAL A 317 6.21 14.30 12.35
N SER A 318 6.01 13.05 12.78
CA SER A 318 4.74 12.71 13.39
C SER A 318 4.48 13.51 14.66
N ILE A 319 5.52 13.70 15.48
CA ILE A 319 5.37 14.48 16.70
C ILE A 319 4.96 15.91 16.38
N ALA A 320 5.60 16.52 15.39
CA ALA A 320 5.29 17.89 15.02
C ALA A 320 3.88 17.98 14.44
N GLU A 321 3.48 16.97 13.67
CA GLU A 321 2.12 16.97 13.13
C GLU A 321 1.10 16.95 14.26
N VAL A 322 1.33 16.14 15.28
CA VAL A 322 0.41 16.14 16.41
C VAL A 322 0.49 17.46 17.17
N SER A 323 1.68 18.04 17.28
CA SER A 323 1.84 19.28 18.02
C SER A 323 1.06 20.42 17.37
N ILE A 324 1.07 20.50 16.04
CA ILE A 324 0.38 21.58 15.36
C ILE A 324 -1.11 21.58 15.70
N CYS A 325 -1.66 20.41 16.02
CA CYS A 325 -3.09 20.32 16.30
C CYS A 325 -3.50 21.27 17.43
N GLY A 326 -2.77 21.26 18.53
CA GLY A 326 -3.17 22.06 19.67
C GLY A 326 -4.18 21.42 20.58
N SER A 327 -4.27 20.09 20.58
CA SER A 327 -5.22 19.41 21.46
C SER A 327 -4.82 19.61 22.92
N LYS A 328 -5.80 19.51 23.81
CA LYS A 328 -5.54 19.72 25.23
C LYS A 328 -5.46 18.42 26.01
N PHE A 329 -5.25 17.29 25.32
CA PHE A 329 -5.04 16.01 25.98
C PHE A 329 -4.35 15.10 24.98
N GLN A 330 -3.10 14.75 25.25
CA GLN A 330 -2.27 14.00 24.31
C GLN A 330 -1.84 12.69 24.94
N CYS A 331 -1.76 11.65 24.12
CA CYS A 331 -1.27 10.35 24.55
C CYS A 331 -0.23 9.89 23.53
N TRP A 332 1.02 9.82 23.96
CA TRP A 332 2.15 9.54 23.07
C TRP A 332 2.53 8.07 23.22
N ASP A 333 2.23 7.28 22.21
CA ASP A 333 2.31 5.83 22.31
C ASP A 333 3.71 5.33 22.60
N ASN A 334 4.69 5.72 21.79
CA ASN A 334 6.09 5.43 22.08
C ASN A 334 6.91 6.56 21.50
N ALA A 335 7.20 7.56 22.32
CA ALA A 335 7.65 8.84 21.79
C ALA A 335 9.10 8.78 21.30
N THR A 336 9.97 8.12 22.05
CA THR A 336 11.40 8.23 21.83
C THR A 336 11.98 7.07 21.03
N ARG A 337 11.22 6.49 20.12
CA ARG A 337 11.77 5.47 19.24
C ARG A 337 12.65 6.12 18.18
N GLY A 338 13.96 6.04 18.35
CA GLY A 338 14.90 6.61 17.41
C GLY A 338 15.46 7.95 17.81
N LEU A 339 14.80 8.69 18.70
CA LEU A 339 15.34 9.95 19.16
C LEU A 339 16.59 9.72 19.98
N ASP A 340 17.57 10.60 19.82
CA ASP A 340 18.75 10.53 20.66
C ASP A 340 18.40 10.97 22.08
N SER A 341 19.42 11.03 22.94
CA SER A 341 19.17 11.36 24.34
C SER A 341 19.14 12.85 24.59
N ALA A 342 19.34 13.67 23.55
CA ALA A 342 19.18 15.12 23.70
C ALA A 342 17.88 15.59 23.08
N THR A 343 17.58 15.13 21.87
CA THR A 343 16.32 15.51 21.25
C THR A 343 15.13 14.98 22.03
N ALA A 344 15.27 13.80 22.64
CA ALA A 344 14.20 13.28 23.47
C ALA A 344 13.96 14.18 24.68
N LEU A 345 15.04 14.64 25.30
CA LEU A 345 14.89 15.55 26.43
C LEU A 345 14.23 16.84 25.99
N GLU A 346 14.60 17.37 24.83
CA GLU A 346 13.98 18.60 24.36
C GLU A 346 12.50 18.38 24.04
N PHE A 347 12.14 17.22 23.50
CA PHE A 347 10.73 16.94 23.25
C PHE A 347 9.93 16.90 24.54
N ILE A 348 10.44 16.18 25.54
CA ILE A 348 9.76 16.13 26.82
C ILE A 348 9.66 17.52 27.44
N ARG A 349 10.71 18.33 27.28
CA ARG A 349 10.68 19.68 27.82
C ARG A 349 9.65 20.53 27.10
N ALA A 350 9.48 20.33 25.80
CA ALA A 350 8.44 21.04 25.08
C ALA A 350 7.07 20.70 25.64
N LEU A 351 6.83 19.42 25.90
CA LEU A 351 5.55 19.03 26.52
C LEU A 351 5.40 19.68 27.88
N LYS A 352 6.45 19.65 28.70
CA LYS A 352 6.36 20.24 30.03
C LYS A 352 6.05 21.73 29.94
N THR A 353 6.71 22.43 29.02
CA THR A 353 6.51 23.87 28.88
C THR A 353 5.08 24.17 28.47
N GLN A 354 4.60 23.54 27.41
CA GLN A 354 3.24 23.79 26.96
C GLN A 354 2.23 23.39 28.03
N ALA A 355 2.56 22.39 28.83
CA ALA A 355 1.64 21.95 29.88
C ALA A 355 1.56 22.97 31.00
N ASP A 356 2.70 23.52 31.41
CA ASP A 356 2.70 24.45 32.53
C ASP A 356 2.37 25.87 32.10
N ILE A 357 2.29 26.14 30.81
CA ILE A 357 1.89 27.47 30.33
C ILE A 357 0.46 27.47 29.81
N SER A 358 0.02 26.37 29.20
CA SER A 358 -1.27 26.32 28.54
C SER A 358 -2.21 25.28 29.14
N ASN A 359 -1.93 24.82 30.36
CA ASN A 359 -2.78 23.83 31.05
C ASN A 359 -3.04 22.59 30.20
N THR A 360 -2.15 22.30 29.26
CA THR A 360 -2.26 21.05 28.53
C THR A 360 -1.93 19.88 29.45
N SER A 361 -2.50 18.72 29.13
CA SER A 361 -2.13 17.48 29.78
C SER A 361 -1.52 16.55 28.74
N ALA A 362 -0.69 15.62 29.19
CA ALA A 362 -0.05 14.69 28.27
C ALA A 362 0.36 13.43 29.01
N THR A 363 0.09 12.29 28.38
CA THR A 363 0.44 10.98 28.93
C THR A 363 1.38 10.29 27.96
N VAL A 364 2.68 10.32 28.25
CA VAL A 364 3.71 9.85 27.34
C VAL A 364 4.26 8.53 27.86
N ALA A 365 4.24 7.51 27.02
CA ALA A 365 4.75 6.19 27.37
C ALA A 365 6.15 6.05 26.81
N ILE A 366 7.15 6.31 27.65
CA ILE A 366 8.55 6.31 27.23
C ILE A 366 9.24 5.11 27.86
N TYR A 367 10.05 4.42 27.07
CA TYR A 367 10.70 3.20 27.53
C TYR A 367 12.09 3.42 28.11
N GLN A 368 12.81 4.44 27.65
CA GLN A 368 14.09 4.79 28.25
C GLN A 368 14.15 6.30 28.42
N CYS A 369 14.43 6.75 29.63
CA CYS A 369 14.41 8.17 29.91
C CYS A 369 15.50 8.51 30.93
N SER A 370 16.27 9.54 30.60
CA SER A 370 17.31 9.99 31.50
C SER A 370 16.73 10.30 32.88
N GLN A 371 17.59 10.39 33.88
CA GLN A 371 17.13 10.73 35.20
C GLN A 371 16.57 12.15 35.23
N ASP A 372 17.24 13.09 34.55
CA ASP A 372 16.74 14.44 34.49
C ASP A 372 15.44 14.55 33.71
N ALA A 373 15.28 13.79 32.64
CA ALA A 373 14.02 13.80 31.90
C ALA A 373 12.89 13.25 32.77
N TYR A 374 13.13 12.16 33.48
CA TYR A 374 12.07 11.58 34.31
C TYR A 374 11.65 12.53 35.42
N ASP A 375 12.54 13.42 35.83
CA ASP A 375 12.18 14.34 36.91
C ASP A 375 11.05 15.27 36.52
N LEU A 376 10.81 15.46 35.22
CA LEU A 376 9.84 16.45 34.78
C LEU A 376 8.40 15.99 34.95
N PHE A 377 8.16 14.69 35.03
CA PHE A 377 6.81 14.16 35.10
C PHE A 377 6.21 14.34 36.48
N ASN A 378 4.87 14.42 36.52
CA ASN A 378 4.17 14.61 37.77
C ASN A 378 3.61 13.28 38.31
N LYS A 379 2.97 12.51 37.45
CA LYS A 379 2.39 11.23 37.84
C LYS A 379 3.01 10.10 37.03
N VAL A 380 3.30 9.00 37.72
CA VAL A 380 3.94 7.84 37.13
C VAL A 380 2.98 6.66 37.21
N CYS A 381 2.91 5.89 36.14
CA CYS A 381 2.11 4.67 36.10
C CYS A 381 3.01 3.51 35.70
N VAL A 382 2.86 2.39 36.38
CA VAL A 382 3.68 1.21 36.16
C VAL A 382 2.77 0.03 35.86
N LEU A 383 3.08 -0.72 34.82
CA LEU A 383 2.29 -1.86 34.38
C LEU A 383 3.16 -3.11 34.33
N ASP A 384 2.57 -4.24 34.70
CA ASP A 384 3.24 -5.53 34.64
C ASP A 384 2.24 -6.58 34.23
N ASP A 385 2.38 -7.09 33.01
CA ASP A 385 1.50 -8.13 32.48
C ASP A 385 0.03 -7.81 32.76
N GLY A 386 -0.33 -6.55 32.58
CA GLY A 386 -1.71 -6.12 32.68
C GLY A 386 -2.08 -5.46 33.99
N TYR A 387 -1.41 -5.78 35.08
CA TYR A 387 -1.79 -5.22 36.37
C TYR A 387 -1.21 -3.83 36.53
N GLN A 388 -1.86 -3.01 37.33
CA GLN A 388 -1.34 -1.71 37.73
C GLN A 388 -0.65 -1.85 39.08
N ILE A 389 0.66 -1.65 39.10
CA ILE A 389 1.42 -1.79 40.33
C ILE A 389 1.38 -0.48 41.10
N TYR A 390 1.73 0.62 40.44
CA TYR A 390 1.86 1.90 41.13
C TYR A 390 1.30 3.02 40.28
N TYR A 391 0.63 3.97 40.94
CA TYR A 391 0.16 5.19 40.31
C TYR A 391 0.13 6.28 41.36
N GLY A 392 0.88 7.34 41.13
CA GLY A 392 0.97 8.42 42.09
C GLY A 392 2.07 9.40 41.73
N PRO A 393 2.50 10.21 42.69
CA PRO A 393 3.50 11.22 42.39
C PRO A 393 4.77 10.59 41.85
N ALA A 394 5.42 11.29 40.93
CA ALA A 394 6.62 10.75 40.30
C ALA A 394 7.75 10.57 41.29
N ASP A 395 7.93 11.51 42.20
CA ASP A 395 9.09 11.48 43.08
C ASP A 395 8.98 10.44 44.18
N LYS A 396 7.78 9.97 44.49
CA LYS A 396 7.61 8.97 45.55
C LYS A 396 7.76 7.55 45.05
N ALA A 397 7.99 7.35 43.75
CA ALA A 397 8.02 5.99 43.21
C ALA A 397 9.09 5.15 43.90
N LYS A 398 10.32 5.64 43.92
CA LYS A 398 11.38 4.88 44.57
C LYS A 398 11.11 4.71 46.06
N LYS A 399 10.63 5.77 46.71
CA LYS A 399 10.38 5.69 48.14
C LYS A 399 9.28 4.68 48.46
N TYR A 400 8.39 4.43 47.50
CA TYR A 400 7.35 3.44 47.72
C TYR A 400 7.83 2.04 47.41
N PHE A 401 8.48 1.84 46.26
CA PHE A 401 8.94 0.50 45.93
C PHE A 401 9.98 0.01 46.92
N GLU A 402 10.92 0.87 47.34
CA GLU A 402 11.89 0.45 48.33
C GLU A 402 11.24 0.06 49.65
N ASP A 403 10.02 0.50 49.90
CA ASP A 403 9.28 0.05 51.07
C ASP A 403 8.68 -1.33 50.87
N MET A 404 8.45 -1.73 49.61
CA MET A 404 7.97 -3.08 49.35
C MET A 404 9.04 -4.11 49.70
N GLY A 405 10.30 -3.82 49.41
CA GLY A 405 11.37 -4.75 49.70
C GLY A 405 12.46 -4.87 48.66
N TYR A 406 12.43 -4.05 47.63
CA TYR A 406 13.54 -4.01 46.68
C TYR A 406 14.56 -2.94 47.09
N VAL A 407 15.66 -2.90 46.35
CA VAL A 407 16.73 -1.94 46.60
C VAL A 407 17.34 -1.50 45.28
N CYS A 408 17.64 -0.22 45.16
CA CYS A 408 18.13 0.33 43.91
C CYS A 408 19.65 0.24 43.84
N PRO A 409 20.22 -0.36 42.78
CA PRO A 409 21.66 -0.23 42.58
C PRO A 409 22.05 1.23 42.46
N SER A 410 23.28 1.52 42.92
CA SER A 410 23.71 2.91 43.05
C SER A 410 23.64 3.68 41.74
N ARG A 411 23.76 3.02 40.60
CA ARG A 411 23.81 3.70 39.31
C ARG A 411 22.65 3.29 38.42
N GLN A 412 21.48 3.07 39.00
CA GLN A 412 20.27 2.80 38.25
C GLN A 412 19.34 4.01 38.34
N THR A 413 18.95 4.55 37.20
CA THR A 413 18.01 5.65 37.17
C THR A 413 16.64 5.17 37.64
N THR A 414 15.82 6.11 38.09
CA THR A 414 14.55 5.75 38.69
C THR A 414 13.66 4.99 37.71
N ALA A 415 13.59 5.45 36.47
CA ALA A 415 12.75 4.76 35.49
C ALA A 415 13.27 3.37 35.21
N ASP A 416 14.58 3.22 35.03
CA ASP A 416 15.14 1.90 34.86
C ASP A 416 14.88 1.03 36.08
N PHE A 417 14.94 1.62 37.28
CA PHE A 417 14.61 0.87 38.47
C PHE A 417 13.18 0.34 38.41
N LEU A 418 12.22 1.22 38.09
CA LEU A 418 10.82 0.80 38.06
C LEU A 418 10.61 -0.30 37.03
N THR A 419 11.18 -0.15 35.84
CA THR A 419 11.08 -1.23 34.86
C THR A 419 11.74 -2.49 35.37
N SER A 420 12.82 -2.36 36.14
CA SER A 420 13.53 -3.53 36.66
C SER A 420 12.65 -4.32 37.62
N VAL A 421 11.92 -3.62 38.49
CA VAL A 421 11.11 -4.31 39.49
C VAL A 421 10.17 -5.31 38.82
N THR A 422 9.86 -5.09 37.54
CA THR A 422 8.98 -5.98 36.80
C THR A 422 9.74 -7.08 36.06
N SER A 423 11.06 -7.18 36.25
CA SER A 423 11.84 -8.22 35.60
C SER A 423 12.45 -9.16 36.63
N PRO A 424 12.17 -10.47 36.57
CA PRO A 424 12.65 -11.36 37.63
C PRO A 424 14.16 -11.49 37.67
N SER A 425 14.87 -11.10 36.62
CA SER A 425 16.33 -11.26 36.56
C SER A 425 17.03 -10.08 37.24
N GLU A 426 16.79 -8.87 36.74
CA GLU A 426 17.47 -7.71 37.27
C GLU A 426 17.00 -7.32 38.66
N ARG A 427 15.79 -7.72 39.05
CA ARG A 427 15.28 -7.33 40.35
C ARG A 427 16.18 -7.86 41.46
N THR A 428 16.26 -7.09 42.54
CA THR A 428 17.16 -7.42 43.64
C THR A 428 16.40 -7.20 44.94
N LEU A 429 16.38 -8.23 45.78
CA LEU A 429 15.57 -8.20 46.99
C LEU A 429 16.37 -7.69 48.17
N ASN A 430 15.65 -7.17 49.16
CA ASN A 430 16.28 -6.69 50.39
C ASN A 430 16.57 -7.88 51.30
N LYS A 431 17.83 -8.29 51.35
CA LYS A 431 18.19 -9.46 52.14
C LYS A 431 17.77 -9.29 53.59
N ASP A 432 17.87 -8.05 54.12
CA ASP A 432 17.50 -7.82 55.50
C ASP A 432 16.03 -8.11 55.76
N MET A 433 15.15 -7.69 54.86
CA MET A 433 13.72 -7.86 55.11
C MET A 433 13.31 -9.32 55.03
N LEU A 434 13.95 -10.12 54.19
CA LEU A 434 13.69 -11.55 54.21
C LEU A 434 14.07 -12.16 55.56
N LYS A 435 15.20 -11.72 56.12
CA LYS A 435 15.58 -12.18 57.45
C LYS A 435 14.52 -11.85 58.49
N LYS A 436 13.83 -10.72 58.31
CA LYS A 436 12.76 -10.33 59.24
C LYS A 436 11.49 -11.15 59.05
N GLY A 437 11.40 -11.96 57.99
CA GLY A 437 10.26 -12.82 57.78
C GLY A 437 9.10 -12.19 57.04
N ILE A 438 9.17 -10.90 56.70
CA ILE A 438 8.09 -10.27 55.97
C ILE A 438 8.18 -10.64 54.50
N HIS A 439 7.04 -11.00 53.92
CA HIS A 439 7.01 -11.39 52.52
C HIS A 439 7.18 -10.17 51.62
N ILE A 440 7.54 -10.43 50.37
CA ILE A 440 7.78 -9.39 49.38
C ILE A 440 7.14 -9.84 48.07
N PRO A 441 6.07 -9.19 47.60
CA PRO A 441 5.42 -9.64 46.36
C PRO A 441 6.41 -9.81 45.22
N GLN A 442 6.25 -10.89 44.49
CA GLN A 442 7.11 -11.24 43.36
C GLN A 442 6.35 -11.40 42.05
N THR A 443 5.18 -12.02 42.10
CA THR A 443 4.31 -12.21 40.95
C THR A 443 3.45 -10.96 40.76
N PRO A 444 3.10 -10.59 39.52
CA PRO A 444 2.37 -9.34 39.33
C PRO A 444 1.08 -9.27 40.13
N LYS A 445 0.37 -10.39 40.26
CA LYS A 445 -0.91 -10.37 40.96
C LYS A 445 -0.70 -9.95 42.41
N GLU A 446 0.36 -10.45 43.04
CA GLU A 446 0.58 -10.09 44.44
C GLU A 446 1.09 -8.66 44.61
N MET A 447 1.81 -8.13 43.62
CA MET A 447 2.16 -6.71 43.68
C MET A 447 0.91 -5.85 43.57
N ASN A 448 -0.03 -6.25 42.71
CA ASN A 448 -1.30 -5.54 42.61
C ASN A 448 -2.07 -5.63 43.94
N ASP A 449 -2.06 -6.81 44.56
CA ASP A 449 -2.71 -6.97 45.86
C ASP A 449 -2.07 -6.06 46.90
N TYR A 450 -0.73 -6.00 46.91
CA TYR A 450 -0.05 -5.14 47.87
C TYR A 450 -0.44 -3.68 47.64
N TRP A 451 -0.47 -3.24 46.40
CA TRP A 451 -0.79 -1.85 46.12
C TRP A 451 -2.21 -1.52 46.54
N VAL A 452 -3.18 -2.32 46.09
CA VAL A 452 -4.58 -2.00 46.40
C VAL A 452 -4.79 -1.91 47.90
N LYS A 453 -4.07 -2.72 48.68
CA LYS A 453 -4.12 -2.61 50.13
C LYS A 453 -3.28 -1.45 50.64
N SER A 454 -2.35 -0.94 49.84
CA SER A 454 -1.46 0.11 50.29
C SER A 454 -2.24 1.40 50.55
N PRO A 455 -1.79 2.22 51.51
CA PRO A 455 -2.45 3.51 51.71
C PRO A 455 -2.43 4.39 50.48
N ASN A 456 -1.34 4.39 49.71
CA ASN A 456 -1.25 5.27 48.56
C ASN A 456 -2.48 5.14 47.66
N TYR A 457 -2.97 3.90 47.49
CA TYR A 457 -4.19 3.70 46.72
C TYR A 457 -5.37 4.43 47.35
N LYS A 458 -5.38 4.53 48.69
CA LYS A 458 -6.48 5.23 49.35
C LYS A 458 -6.50 6.70 48.99
N GLU A 459 -5.34 7.37 49.09
CA GLU A 459 -5.31 8.79 48.73
C GLU A 459 -5.43 8.98 47.22
N LEU A 460 -5.20 7.94 46.43
CA LEU A 460 -5.51 8.02 45.02
C LEU A 460 -7.02 8.01 44.80
N MET A 461 -7.72 7.09 45.47
CA MET A 461 -9.18 7.04 45.34
C MET A 461 -9.81 8.33 45.84
N LYS A 462 -9.31 8.86 46.97
CA LYS A 462 -9.94 10.04 47.55
C LYS A 462 -9.97 11.19 46.55
N GLU A 463 -9.03 11.19 45.59
CA GLU A 463 -8.99 12.27 44.61
C GLU A 463 -9.61 11.85 43.28
N VAL A 464 -9.53 10.57 42.92
CA VAL A 464 -10.22 10.11 41.72
C VAL A 464 -11.72 10.27 41.87
N ASP A 465 -12.25 9.88 43.02
CA ASP A 465 -13.69 9.89 43.21
C ASP A 465 -14.27 11.29 43.00
N GLN A 466 -13.63 12.30 43.58
CA GLN A 466 -14.21 13.64 43.53
C GLN A 466 -14.16 14.21 42.12
N ARG A 467 -13.12 13.87 41.35
CA ARG A 467 -13.09 14.30 39.96
C ARG A 467 -14.12 13.57 39.12
N LEU A 468 -14.38 12.30 39.41
CA LEU A 468 -15.41 11.57 38.68
C LEU A 468 -16.81 11.97 39.13
N LEU A 469 -16.96 12.41 40.37
CA LEU A 469 -18.24 12.85 40.91
C LEU A 469 -18.42 14.37 40.81
N ASN A 470 -17.43 15.07 40.27
CA ASN A 470 -17.46 16.53 40.18
C ASN A 470 -18.21 16.94 38.93
N ASP A 471 -19.37 17.57 39.11
CA ASP A 471 -20.13 18.13 38.01
C ASP A 471 -20.52 19.55 38.38
N ASP A 472 -19.97 20.53 37.66
CA ASP A 472 -20.21 21.94 37.95
C ASP A 472 -21.01 22.62 36.84
N GLU A 473 -21.18 21.97 35.69
CA GLU A 473 -21.92 22.55 34.58
C GLU A 473 -21.28 23.87 34.13
N ALA A 474 -19.99 24.04 34.42
CA ALA A 474 -19.27 25.22 33.97
C ALA A 474 -17.97 24.81 33.27
N SER A 475 -17.31 23.77 33.78
CA SER A 475 -16.05 23.34 33.19
C SER A 475 -16.24 22.86 31.76
N ARG A 476 -17.28 22.08 31.52
CA ARG A 476 -17.56 21.61 30.16
C ARG A 476 -18.16 22.72 29.32
N GLU A 477 -18.70 23.76 29.97
CA GLU A 477 -19.19 24.91 29.22
C GLU A 477 -18.05 25.63 28.52
N ALA A 478 -16.93 25.80 29.21
CA ALA A 478 -15.79 26.49 28.60
C ALA A 478 -15.27 25.73 27.39
N ILE A 479 -15.19 24.41 27.47
CA ILE A 479 -14.72 23.63 26.33
C ILE A 479 -15.66 23.84 25.14
N LYS A 480 -16.96 23.75 25.39
CA LYS A 480 -17.92 23.95 24.31
C LYS A 480 -17.79 25.36 23.74
N GLU A 481 -17.80 26.37 24.60
CA GLU A 481 -17.66 27.74 24.13
C GLU A 481 -16.30 27.96 23.48
N ALA A 482 -15.25 27.38 24.05
CA ALA A 482 -13.92 27.55 23.49
C ALA A 482 -13.80 26.83 22.16
N HIS A 483 -14.44 25.68 22.02
CA HIS A 483 -14.35 24.94 20.76
C HIS A 483 -15.10 25.66 19.64
N ILE A 484 -16.40 25.87 19.81
CA ILE A 484 -17.19 26.46 18.73
C ILE A 484 -16.58 27.78 18.30
N ALA A 485 -16.00 28.53 19.23
CA ALA A 485 -15.28 29.75 18.85
C ALA A 485 -14.04 29.42 18.05
N LYS A 486 -13.48 28.22 18.22
CA LYS A 486 -12.28 27.81 17.51
C LYS A 486 -12.56 27.46 16.07
N GLN A 487 -13.81 27.11 15.74
CA GLN A 487 -14.15 26.63 14.42
C GLN A 487 -14.19 27.77 13.42
N SER A 488 -14.26 27.42 12.14
CA SER A 488 -14.51 28.40 11.10
C SER A 488 -15.88 29.04 11.31
N LYS A 489 -16.18 30.07 10.51
CA LYS A 489 -17.45 30.76 10.67
C LYS A 489 -18.63 29.86 10.36
N ARG A 490 -18.54 29.08 9.28
CA ARG A 490 -19.69 28.34 8.76
C ARG A 490 -19.64 26.85 9.06
N ALA A 491 -18.70 26.38 9.87
CA ALA A 491 -18.69 24.98 10.25
C ALA A 491 -19.82 24.68 11.22
N ARG A 492 -20.26 23.44 11.24
CA ARG A 492 -21.36 23.04 12.10
C ARG A 492 -20.87 22.93 13.54
N PRO A 493 -21.49 23.63 14.49
CA PRO A 493 -20.93 23.64 15.86
C PRO A 493 -20.79 22.26 16.47
N SER A 494 -21.66 21.32 16.14
CA SER A 494 -21.59 19.97 16.70
C SER A 494 -20.64 19.06 15.93
N SER A 495 -19.70 19.63 15.17
CA SER A 495 -18.77 18.82 14.40
C SER A 495 -17.39 18.87 15.04
N PRO A 496 -16.62 17.78 14.97
CA PRO A 496 -15.30 17.78 15.60
C PRO A 496 -14.19 18.37 14.74
N TYR A 497 -14.53 18.99 13.60
CA TYR A 497 -13.53 19.50 12.68
C TYR A 497 -13.50 21.01 12.72
N THR A 498 -12.29 21.57 12.89
CA THR A 498 -12.16 23.00 13.08
C THR A 498 -12.71 23.80 11.91
N VAL A 499 -12.53 23.30 10.69
CA VAL A 499 -12.85 24.06 9.49
C VAL A 499 -13.88 23.30 8.66
N SER A 500 -14.78 24.04 8.02
CA SER A 500 -15.94 23.45 7.39
C SER A 500 -15.52 22.52 6.25
N TYR A 501 -16.53 21.89 5.64
CA TYR A 501 -16.26 20.84 4.66
C TYR A 501 -15.46 21.37 3.47
N MET A 502 -16.03 22.34 2.74
CA MET A 502 -15.40 22.74 1.49
C MET A 502 -13.97 23.21 1.68
N MET A 503 -13.64 23.79 2.83
CA MET A 503 -12.24 24.13 3.09
C MET A 503 -11.39 22.88 3.25
N GLN A 504 -11.92 21.86 3.92
CA GLN A 504 -11.21 20.59 3.97
C GLN A 504 -10.95 20.06 2.57
N VAL A 505 -11.96 20.15 1.71
CA VAL A 505 -11.80 19.66 0.35
C VAL A 505 -10.74 20.46 -0.37
N LYS A 506 -10.74 21.78 -0.20
CA LYS A 506 -9.73 22.62 -0.83
C LYS A 506 -8.33 22.17 -0.44
N TYR A 507 -8.09 22.03 0.86
CA TYR A 507 -6.74 21.73 1.32
C TYR A 507 -6.31 20.31 0.92
N LEU A 508 -7.18 19.33 1.08
CA LEU A 508 -6.85 17.99 0.63
C LEU A 508 -6.68 17.95 -0.89
N LEU A 509 -7.37 18.82 -1.62
CA LEU A 509 -7.19 18.89 -3.05
C LEU A 509 -5.81 19.44 -3.40
N ILE A 510 -5.35 20.44 -2.68
CA ILE A 510 -3.98 20.91 -2.90
C ILE A 510 -3.00 19.78 -2.61
N ARG A 511 -3.23 19.03 -1.54
CA ARG A 511 -2.33 17.92 -1.23
C ARG A 511 -2.33 16.88 -2.33
N ASN A 512 -3.51 16.55 -2.85
CA ASN A 512 -3.58 15.56 -3.92
C ASN A 512 -2.96 16.09 -5.20
N MET A 513 -3.02 17.40 -5.43
CA MET A 513 -2.32 17.98 -6.57
C MET A 513 -0.81 17.85 -6.40
N TRP A 514 -0.32 17.98 -5.17
CA TRP A 514 1.09 17.72 -4.92
C TRP A 514 1.43 16.26 -5.21
N ARG A 515 0.54 15.35 -4.82
CA ARG A 515 0.75 13.94 -5.17
C ARG A 515 0.81 13.74 -6.67
N LEU A 516 -0.08 14.42 -7.40
CA LEU A 516 -0.06 14.35 -8.85
C LEU A 516 1.24 14.89 -9.40
N ARG A 517 1.74 15.98 -8.84
CA ARG A 517 3.04 16.50 -9.25
C ARG A 517 4.12 15.43 -9.07
N ASN A 518 4.10 14.76 -7.93
CA ASN A 518 5.09 13.72 -7.69
C ASN A 518 4.98 12.58 -8.69
N ASN A 519 3.76 12.21 -9.10
CA ASN A 519 3.57 11.06 -9.98
C ASN A 519 3.31 11.49 -11.42
N ILE A 520 3.67 12.72 -11.78
CA ILE A 520 3.41 13.26 -13.11
C ILE A 520 3.68 12.26 -14.23
N GLY A 521 4.66 11.39 -14.06
CA GLY A 521 5.00 10.47 -15.13
C GLY A 521 3.81 9.62 -15.56
N PHE A 522 3.10 9.04 -14.59
CA PHE A 522 2.01 8.14 -14.91
C PHE A 522 0.85 8.88 -15.59
N THR A 523 0.55 10.10 -15.13
CA THR A 523 -0.54 10.85 -15.75
C THR A 523 -0.18 11.29 -17.16
N LEU A 524 1.07 11.69 -17.38
CA LEU A 524 1.51 12.03 -18.72
C LEU A 524 1.42 10.81 -19.62
N PHE A 525 1.79 9.64 -19.10
CA PHE A 525 1.62 8.41 -19.87
C PHE A 525 0.16 8.16 -20.18
N MET A 526 -0.73 8.39 -19.22
CA MET A 526 -2.15 8.25 -19.46
C MET A 526 -2.59 9.09 -20.65
N ILE A 527 -2.25 10.38 -20.62
CA ILE A 527 -2.70 11.28 -21.67
C ILE A 527 -2.11 10.87 -23.02
N LEU A 528 -0.80 10.64 -23.05
CA LEU A 528 -0.16 10.30 -24.32
C LEU A 528 -0.70 9.00 -24.89
N GLY A 529 -0.87 7.98 -24.05
CA GLY A 529 -1.35 6.70 -24.53
C GLY A 529 -2.78 6.78 -25.01
N ASN A 530 -3.63 7.54 -24.31
CA ASN A 530 -5.01 7.68 -24.75
C ASN A 530 -5.08 8.40 -26.10
N CYS A 531 -4.30 9.47 -26.26
CA CYS A 531 -4.24 10.14 -27.55
C CYS A 531 -3.75 9.19 -28.64
N SER A 532 -2.71 8.42 -28.33
CA SER A 532 -2.15 7.51 -29.33
C SER A 532 -3.13 6.42 -29.70
N MET A 533 -3.91 5.93 -28.72
CA MET A 533 -4.93 4.95 -29.04
C MET A 533 -6.04 5.55 -29.88
N ALA A 534 -6.36 6.83 -29.65
CA ALA A 534 -7.30 7.50 -30.54
C ALA A 534 -6.76 7.54 -31.96
N LEU A 535 -5.49 7.89 -32.11
CA LEU A 535 -4.91 7.98 -33.45
C LEU A 535 -4.73 6.60 -34.08
N ILE A 536 -4.64 5.57 -33.25
CA ILE A 536 -4.47 4.22 -33.77
C ILE A 536 -5.80 3.64 -34.22
N LEU A 537 -6.80 3.66 -33.33
CA LEU A 537 -8.12 3.18 -33.71
C LEU A 537 -8.67 3.98 -34.88
N GLY A 538 -8.52 5.30 -34.85
CA GLY A 538 -8.94 6.11 -35.99
C GLY A 538 -8.26 5.67 -37.27
N SER A 539 -7.04 5.12 -37.15
CA SER A 539 -6.35 4.63 -38.34
C SER A 539 -6.93 3.30 -38.83
N MET A 540 -7.51 2.51 -37.93
CA MET A 540 -8.04 1.22 -38.33
C MET A 540 -9.38 1.31 -39.03
N PHE A 541 -9.91 2.51 -39.22
CA PHE A 541 -11.18 2.71 -39.91
C PHE A 541 -11.14 3.77 -40.99
N PHE A 542 -10.15 4.67 -40.96
CA PHE A 542 -10.19 5.88 -41.78
C PHE A 542 -10.70 5.65 -43.19
N LYS A 543 -10.09 4.71 -43.92
CA LYS A 543 -10.39 4.57 -45.34
C LYS A 543 -11.65 3.77 -45.60
N ILE A 544 -12.28 3.23 -44.56
CA ILE A 544 -13.47 2.40 -44.77
C ILE A 544 -14.74 3.24 -44.73
N MET A 545 -14.90 4.06 -43.69
CA MET A 545 -16.16 4.78 -43.49
C MET A 545 -16.48 5.69 -44.66
N LYS A 546 -15.49 6.07 -45.46
CA LYS A 546 -15.73 7.01 -46.56
C LYS A 546 -16.68 6.44 -47.61
N LYS A 547 -16.90 5.13 -47.63
CA LYS A 547 -17.78 4.56 -48.63
C LYS A 547 -19.19 5.12 -48.51
N GLY A 548 -19.71 5.25 -47.29
CA GLY A 548 -21.03 5.80 -47.08
C GLY A 548 -22.18 4.88 -47.40
N ASP A 549 -21.89 3.67 -47.86
CA ASP A 549 -22.90 2.66 -48.14
C ASP A 549 -23.17 1.88 -46.86
N THR A 550 -23.82 0.72 -46.98
CA THR A 550 -24.14 -0.07 -45.81
C THR A 550 -22.93 -0.39 -44.95
N SER A 551 -21.70 -0.19 -45.46
CA SER A 551 -20.53 -0.46 -44.66
C SER A 551 -20.54 0.33 -43.36
N THR A 552 -21.14 1.53 -43.38
CA THR A 552 -21.15 2.35 -42.18
C THR A 552 -22.11 1.79 -41.14
N PHE A 553 -23.13 1.06 -41.56
CA PHE A 553 -24.16 0.63 -40.62
C PHE A 553 -23.61 -0.29 -39.55
N TYR A 554 -22.43 -0.87 -39.78
CA TYR A 554 -21.81 -1.76 -38.81
C TYR A 554 -20.52 -1.18 -38.24
N PHE A 555 -19.64 -0.70 -39.12
CA PHE A 555 -18.32 -0.28 -38.67
C PHE A 555 -18.38 0.93 -37.75
N ARG A 556 -19.24 1.90 -38.05
CA ARG A 556 -19.31 3.08 -37.18
C ARG A 556 -19.86 2.72 -35.82
N GLY A 557 -20.86 1.83 -35.76
CA GLY A 557 -21.34 1.35 -34.48
C GLY A 557 -20.27 0.63 -33.70
N SER A 558 -19.50 -0.23 -34.38
CA SER A 558 -18.43 -0.94 -33.72
C SER A 558 -17.39 0.03 -33.17
N ALA A 559 -17.01 1.04 -33.96
CA ALA A 559 -16.01 2.00 -33.51
C ALA A 559 -16.52 2.78 -32.30
N MET A 560 -17.78 3.18 -32.33
CA MET A 560 -18.36 3.88 -31.18
C MET A 560 -18.30 3.02 -29.93
N PHE A 561 -18.81 1.79 -30.04
CA PHE A 561 -18.83 0.89 -28.89
C PHE A 561 -17.43 0.65 -28.36
N PHE A 562 -16.45 0.53 -29.27
CA PHE A 562 -15.10 0.22 -28.83
C PHE A 562 -14.42 1.43 -28.19
N ALA A 563 -14.70 2.64 -28.66
CA ALA A 563 -14.20 3.82 -27.97
C ALA A 563 -14.77 3.86 -26.55
N ILE A 564 -16.06 3.58 -26.41
CA ILE A 564 -16.67 3.59 -25.08
C ILE A 564 -16.02 2.52 -24.19
N LEU A 565 -15.77 1.35 -24.76
CA LEU A 565 -15.23 0.25 -23.94
C LEU A 565 -13.77 0.50 -23.60
N PHE A 566 -13.02 1.16 -24.47
CA PHE A 566 -11.67 1.55 -24.11
C PHE A 566 -11.68 2.59 -23.01
N ASN A 567 -12.63 3.53 -23.06
CA ASN A 567 -12.80 4.44 -21.93
C ASN A 567 -13.07 3.66 -20.65
N ALA A 568 -13.89 2.62 -20.73
CA ALA A 568 -14.15 1.79 -19.56
C ALA A 568 -12.87 1.14 -19.05
N PHE A 569 -12.07 0.58 -19.95
CA PHE A 569 -10.82 -0.03 -19.55
C PHE A 569 -9.92 0.97 -18.82
N SER A 570 -9.81 2.18 -19.36
CA SER A 570 -8.97 3.18 -18.73
C SER A 570 -9.49 3.54 -17.35
N SER A 571 -10.81 3.70 -17.21
CA SER A 571 -11.37 4.08 -15.92
C SER A 571 -11.06 3.05 -14.84
N LEU A 572 -10.83 1.80 -15.22
CA LEU A 572 -10.53 0.77 -14.24
C LEU A 572 -9.20 1.02 -13.53
N LEU A 573 -8.38 1.92 -14.07
CA LEU A 573 -7.06 2.16 -13.50
C LEU A 573 -7.09 3.10 -12.30
N GLU A 574 -8.25 3.70 -12.02
CA GLU A 574 -8.33 4.63 -10.89
C GLU A 574 -8.45 3.91 -9.56
N ILE A 575 -8.72 2.60 -9.57
CA ILE A 575 -8.79 1.87 -8.32
C ILE A 575 -7.44 1.87 -7.62
N PHE A 576 -6.35 2.02 -8.38
CA PHE A 576 -5.02 1.99 -7.78
C PHE A 576 -4.80 3.16 -6.85
N SER A 577 -5.44 4.31 -7.11
CA SER A 577 -5.22 5.48 -6.28
C SER A 577 -5.83 5.33 -4.90
N LEU A 578 -6.96 4.63 -4.79
CA LEU A 578 -7.77 4.66 -3.59
C LEU A 578 -7.04 4.12 -2.37
N TYR A 579 -5.95 3.38 -2.55
CA TYR A 579 -5.42 2.55 -1.48
C TYR A 579 -4.17 3.10 -0.82
N GLU A 580 -3.41 3.96 -1.50
CA GLU A 580 -2.19 4.47 -0.88
C GLU A 580 -2.51 5.30 0.35
N ALA A 581 -3.51 6.15 0.27
CA ALA A 581 -3.77 7.11 1.34
C ALA A 581 -4.69 6.58 2.42
N ARG A 582 -5.07 5.30 2.38
CA ARG A 582 -6.02 4.79 3.37
C ARG A 582 -5.49 4.85 4.79
N PRO A 583 -4.30 4.31 5.09
CA PRO A 583 -3.79 4.44 6.46
C PRO A 583 -3.61 5.88 6.89
N ILE A 584 -3.18 6.75 5.99
CA ILE A 584 -2.97 8.14 6.34
C ILE A 584 -4.29 8.83 6.64
N THR A 585 -5.33 8.55 5.84
CA THR A 585 -6.62 9.16 6.14
C THR A 585 -7.21 8.62 7.43
N GLU A 586 -6.95 7.35 7.75
CA GLU A 586 -7.38 6.86 9.06
C GLU A 586 -6.67 7.61 10.17
N LYS A 587 -5.35 7.76 10.05
CA LYS A 587 -4.59 8.53 11.03
C LYS A 587 -5.20 9.91 11.23
N HIS A 588 -5.44 10.62 10.13
CA HIS A 588 -5.97 11.97 10.23
C HIS A 588 -7.39 11.98 10.78
N ARG A 589 -8.17 10.93 10.50
CA ARG A 589 -9.47 10.82 11.13
C ARG A 589 -9.34 10.77 12.64
N THR A 590 -8.37 10.00 13.14
CA THR A 590 -8.19 9.93 14.59
C THR A 590 -7.90 11.30 15.19
N TYR A 591 -7.21 12.18 14.45
CA TYR A 591 -7.01 13.56 14.89
C TYR A 591 -8.23 14.43 14.60
N SER A 592 -9.22 13.91 13.88
CA SER A 592 -10.37 14.70 13.47
C SER A 592 -9.92 15.95 12.72
N LEU A 593 -8.96 15.77 11.82
CA LEU A 593 -8.61 16.86 10.91
C LEU A 593 -9.76 17.14 9.95
N TYR A 594 -10.29 16.11 9.31
CA TYR A 594 -11.26 16.30 8.25
C TYR A 594 -12.11 15.04 8.09
N HIS A 595 -13.20 15.20 7.36
CA HIS A 595 -14.03 14.06 6.99
C HIS A 595 -13.27 13.18 6.00
N PRO A 596 -13.29 11.86 6.13
CA PRO A 596 -12.73 11.02 5.06
C PRO A 596 -13.36 11.30 3.71
N SER A 597 -14.67 11.55 3.68
CA SER A 597 -15.30 11.93 2.43
C SER A 597 -14.66 13.18 1.85
N ALA A 598 -14.07 14.03 2.68
CA ALA A 598 -13.30 15.15 2.14
C ALA A 598 -12.14 14.64 1.30
N ASP A 599 -11.43 13.61 1.77
CA ASP A 599 -10.33 13.07 0.97
C ASP A 599 -10.84 12.41 -0.30
N ALA A 600 -11.97 11.70 -0.20
CA ALA A 600 -12.55 11.10 -1.41
C ALA A 600 -12.89 12.17 -2.43
N PHE A 601 -13.61 13.20 -2.00
CA PHE A 601 -13.98 14.30 -2.86
C PHE A 601 -12.74 14.93 -3.48
N ALA A 602 -11.70 15.11 -2.67
CA ALA A 602 -10.48 15.73 -3.16
C ALA A 602 -9.83 14.86 -4.23
N SER A 603 -9.83 13.55 -4.05
CA SER A 603 -9.28 12.67 -5.08
C SER A 603 -10.07 12.79 -6.38
N VAL A 604 -11.41 12.80 -6.27
CA VAL A 604 -12.23 12.94 -7.47
C VAL A 604 -11.87 14.21 -8.21
N LEU A 605 -11.83 15.34 -7.48
CA LEU A 605 -11.50 16.61 -8.12
C LEU A 605 -10.10 16.60 -8.71
N SER A 606 -9.13 16.05 -7.99
CA SER A 606 -7.77 15.97 -8.50
C SER A 606 -7.72 15.21 -9.81
N GLU A 607 -8.58 14.22 -9.98
CA GLU A 607 -8.57 13.44 -11.22
C GLU A 607 -9.37 14.09 -12.34
N ILE A 608 -10.33 14.96 -12.03
CA ILE A 608 -11.18 15.53 -13.10
C ILE A 608 -10.37 16.12 -14.25
N PRO A 609 -9.41 17.02 -14.02
CA PRO A 609 -8.77 17.69 -15.17
C PRO A 609 -8.16 16.71 -16.15
N SER A 610 -7.51 15.66 -15.65
CA SER A 610 -6.95 14.65 -16.54
C SER A 610 -8.04 14.05 -17.40
N LYS A 611 -9.20 13.78 -16.81
CA LYS A 611 -10.27 13.13 -17.55
C LYS A 611 -10.88 14.06 -18.59
N LEU A 612 -11.04 15.35 -18.27
CA LEU A 612 -11.53 16.27 -19.29
C LEU A 612 -10.56 16.38 -20.45
N ILE A 613 -9.25 16.50 -20.17
CA ILE A 613 -8.29 16.60 -21.26
C ILE A 613 -8.33 15.33 -22.11
N ILE A 614 -8.32 14.17 -21.45
CA ILE A 614 -8.33 12.90 -22.17
C ILE A 614 -9.60 12.80 -23.02
N ALA A 615 -10.74 13.15 -22.44
CA ALA A 615 -12.00 13.01 -23.16
C ALA A 615 -12.03 13.91 -24.38
N VAL A 616 -11.69 15.20 -24.20
CA VAL A 616 -11.77 16.10 -25.34
C VAL A 616 -10.81 15.69 -26.44
N CYS A 617 -9.55 15.35 -26.08
CA CYS A 617 -8.60 14.97 -27.12
C CYS A 617 -9.03 13.69 -27.83
N PHE A 618 -9.32 12.64 -27.05
CA PHE A 618 -9.71 11.36 -27.64
C PHE A 618 -10.91 11.54 -28.55
N ASN A 619 -11.93 12.26 -28.07
CA ASN A 619 -13.16 12.40 -28.84
C ASN A 619 -12.95 13.22 -30.10
N ILE A 620 -12.27 14.37 -30.00
CA ILE A 620 -12.06 15.17 -31.21
C ILE A 620 -11.30 14.36 -32.24
N ILE A 621 -10.21 13.71 -31.83
CA ILE A 621 -9.43 12.95 -32.80
C ILE A 621 -10.29 11.84 -33.41
N PHE A 622 -10.84 10.96 -32.56
CA PHE A 622 -11.61 9.83 -33.06
C PHE A 622 -12.68 10.28 -34.03
N TYR A 623 -13.46 11.29 -33.65
CA TYR A 623 -14.55 11.76 -34.50
C TYR A 623 -14.01 12.30 -35.82
N PHE A 624 -12.86 12.99 -35.77
CA PHE A 624 -12.37 13.67 -36.96
C PHE A 624 -11.98 12.71 -38.07
N LEU A 625 -11.82 11.43 -37.77
CA LEU A 625 -11.39 10.47 -38.78
C LEU A 625 -12.16 9.14 -38.72
N VAL A 626 -13.26 9.07 -37.98
CA VAL A 626 -14.09 7.87 -38.03
C VAL A 626 -15.54 8.17 -38.35
N ASP A 627 -16.17 8.99 -37.52
CA ASP A 627 -17.62 9.08 -37.48
C ASP A 627 -18.13 10.14 -38.45
N PHE A 628 -19.39 10.54 -38.31
CA PHE A 628 -20.12 11.34 -39.29
C PHE A 628 -19.32 12.53 -39.81
N ARG A 629 -18.43 13.11 -39.01
CA ARG A 629 -17.56 14.20 -39.45
C ARG A 629 -18.31 15.50 -39.75
N ARG A 630 -19.60 15.58 -39.40
CA ARG A 630 -20.29 16.85 -39.49
C ARG A 630 -20.03 17.68 -38.24
N ASN A 631 -19.35 18.81 -38.39
CA ASN A 631 -18.84 19.56 -37.26
C ASN A 631 -19.92 20.41 -36.60
N GLY A 632 -21.19 20.14 -36.90
CA GLY A 632 -22.28 20.81 -36.24
C GLY A 632 -22.48 20.28 -34.82
N GLY A 633 -23.52 20.81 -34.17
CA GLY A 633 -23.84 20.40 -32.82
C GLY A 633 -23.92 18.90 -32.64
N VAL A 634 -24.05 18.15 -33.74
CA VAL A 634 -24.05 16.70 -33.65
C VAL A 634 -22.79 16.22 -32.96
N PHE A 635 -21.64 16.76 -33.35
CA PHE A 635 -20.38 16.36 -32.72
C PHE A 635 -20.39 16.69 -31.23
N PHE A 636 -20.84 17.88 -30.88
CA PHE A 636 -20.78 18.31 -29.49
C PHE A 636 -21.70 17.49 -28.60
N PHE A 637 -22.84 17.06 -29.12
CA PHE A 637 -23.67 16.16 -28.33
C PHE A 637 -22.92 14.87 -28.01
N TYR A 638 -22.23 14.31 -29.00
CA TYR A 638 -21.47 13.09 -28.75
C TYR A 638 -20.36 13.35 -27.75
N LEU A 639 -19.74 14.53 -27.83
CA LEU A 639 -18.74 14.90 -26.82
C LEU A 639 -19.33 14.89 -25.43
N LEU A 640 -20.50 15.50 -25.26
CA LEU A 640 -21.15 15.54 -23.95
C LEU A 640 -21.42 14.15 -23.43
N ILE A 641 -22.03 13.31 -24.26
CA ILE A 641 -22.39 11.96 -23.79
C ILE A 641 -21.14 11.15 -23.49
N ASN A 642 -20.08 11.32 -24.27
CA ASN A 642 -18.85 10.59 -23.99
C ASN A 642 -18.28 10.99 -22.62
N ILE A 643 -18.25 12.29 -22.32
CA ILE A 643 -17.73 12.72 -21.03
C ILE A 643 -18.61 12.20 -19.90
N VAL A 644 -19.93 12.24 -20.10
CA VAL A 644 -20.82 11.73 -19.06
C VAL A 644 -20.58 10.24 -18.83
N ALA A 645 -20.36 9.47 -19.89
CA ALA A 645 -20.05 8.05 -19.74
C ALA A 645 -18.75 7.86 -18.98
N VAL A 646 -17.73 8.64 -19.32
CA VAL A 646 -16.44 8.51 -18.64
C VAL A 646 -16.62 8.75 -17.15
N PHE A 647 -17.32 9.83 -16.78
CA PHE A 647 -17.53 10.13 -15.37
C PHE A 647 -18.34 9.03 -14.68
N SER A 648 -19.38 8.54 -15.34
CA SER A 648 -20.21 7.51 -14.72
C SER A 648 -19.39 6.26 -14.43
N MET A 649 -18.58 5.83 -15.40
CA MET A 649 -17.75 4.65 -15.18
C MET A 649 -16.72 4.89 -14.08
N SER A 650 -16.10 6.07 -14.05
CA SER A 650 -15.12 6.35 -13.01
C SER A 650 -15.76 6.30 -11.63
N HIS A 651 -16.94 6.90 -11.48
CA HIS A 651 -17.59 6.89 -10.17
C HIS A 651 -18.04 5.48 -9.78
N LEU A 652 -18.58 4.72 -10.74
CA LEU A 652 -18.96 3.34 -10.43
C LEU A 652 -17.76 2.54 -9.94
N PHE A 653 -16.63 2.66 -10.66
CA PHE A 653 -15.46 1.86 -10.30
C PHE A 653 -14.88 2.30 -8.96
N ARG A 654 -14.87 3.61 -8.68
CA ARG A 654 -14.43 4.04 -7.36
C ARG A 654 -15.34 3.51 -6.27
N CYS A 655 -16.66 3.57 -6.49
CA CYS A 655 -17.59 3.13 -5.46
C CYS A 655 -17.44 1.64 -5.17
N VAL A 656 -17.26 0.83 -6.22
CA VAL A 656 -17.07 -0.60 -5.98
C VAL A 656 -15.70 -0.86 -5.36
N GLY A 657 -14.67 -0.13 -5.78
CA GLY A 657 -13.34 -0.35 -5.25
C GLY A 657 -13.16 0.13 -3.83
N SER A 658 -14.08 0.94 -3.31
CA SER A 658 -14.03 1.37 -1.92
C SER A 658 -14.76 0.42 -0.99
N LEU A 659 -15.22 -0.73 -1.49
CA LEU A 659 -15.89 -1.73 -0.67
C LEU A 659 -14.93 -2.73 -0.04
N THR A 660 -13.63 -2.64 -0.32
CA THR A 660 -12.71 -3.70 0.05
C THR A 660 -11.54 -3.13 0.85
N LYS A 661 -10.66 -4.02 1.26
CA LYS A 661 -9.48 -3.66 2.03
C LYS A 661 -8.21 -3.69 1.18
N THR A 662 -8.24 -4.33 0.02
CA THR A 662 -7.08 -4.46 -0.84
C THR A 662 -7.53 -4.36 -2.29
N LEU A 663 -6.58 -4.03 -3.16
CA LEU A 663 -6.93 -3.92 -4.58
C LEU A 663 -7.39 -5.25 -5.15
N SER A 664 -6.71 -6.34 -4.81
CA SER A 664 -7.10 -7.63 -5.34
C SER A 664 -8.55 -7.95 -5.01
N GLU A 665 -8.99 -7.66 -3.79
CA GLU A 665 -10.39 -7.89 -3.44
C GLU A 665 -11.31 -6.97 -4.22
N ALA A 666 -10.84 -5.76 -4.54
CA ALA A 666 -11.66 -4.85 -5.34
C ALA A 666 -11.91 -5.42 -6.73
N MET A 667 -10.92 -6.11 -7.28
CA MET A 667 -11.01 -6.52 -8.67
C MET A 667 -12.14 -7.51 -8.91
N VAL A 668 -12.71 -8.12 -7.88
CA VAL A 668 -13.81 -9.05 -8.12
C VAL A 668 -15.05 -8.23 -8.52
N PRO A 669 -15.57 -7.34 -7.66
CA PRO A 669 -16.52 -6.35 -8.15
C PRO A 669 -16.12 -5.67 -9.43
N ALA A 670 -14.85 -5.28 -9.56
CA ALA A 670 -14.45 -4.51 -10.73
C ALA A 670 -14.59 -5.31 -12.02
N SER A 671 -14.15 -6.56 -12.02
CA SER A 671 -14.28 -7.40 -13.21
C SER A 671 -15.74 -7.70 -13.50
N MET A 672 -16.53 -8.01 -12.48
CA MET A 672 -17.95 -8.26 -12.74
C MET A 672 -18.59 -7.03 -13.37
N LEU A 673 -18.29 -5.84 -12.85
CA LEU A 673 -18.92 -4.64 -13.36
C LEU A 673 -18.44 -4.33 -14.76
N LEU A 674 -17.14 -4.47 -15.02
CA LEU A 674 -16.62 -4.20 -16.34
C LEU A 674 -17.23 -5.15 -17.36
N LEU A 675 -17.38 -6.41 -16.98
CA LEU A 675 -17.96 -7.40 -17.89
C LEU A 675 -19.41 -7.07 -18.19
N ALA A 676 -20.18 -6.70 -17.15
CA ALA A 676 -21.57 -6.32 -17.36
C ALA A 676 -21.68 -5.09 -18.26
N LEU A 677 -20.86 -4.07 -17.99
CA LEU A 677 -20.81 -2.89 -18.84
C LEU A 677 -20.26 -3.21 -20.22
N SER A 678 -19.67 -4.39 -20.41
CA SER A 678 -19.13 -4.79 -21.70
C SER A 678 -20.20 -5.44 -22.58
N MET A 679 -20.80 -6.55 -22.13
CA MET A 679 -21.73 -7.23 -23.02
C MET A 679 -23.03 -6.47 -23.16
N TYR A 680 -23.54 -5.90 -22.06
CA TYR A 680 -24.93 -5.51 -22.00
C TYR A 680 -25.17 -4.10 -22.48
N THR A 681 -24.26 -3.52 -23.27
CA THR A 681 -24.46 -2.15 -23.72
C THR A 681 -25.43 -2.07 -24.89
N GLY A 682 -25.80 -3.20 -25.49
CA GLY A 682 -26.74 -3.21 -26.56
C GLY A 682 -26.15 -3.30 -27.95
N PHE A 683 -24.82 -3.26 -28.08
CA PHE A 683 -24.20 -3.54 -29.37
C PHE A 683 -23.65 -4.95 -29.42
N ALA A 684 -22.94 -5.36 -28.36
CA ALA A 684 -22.44 -6.73 -28.30
C ALA A 684 -23.58 -7.72 -28.56
N ILE A 685 -24.59 -7.71 -27.71
CA ILE A 685 -25.76 -8.57 -27.84
C ILE A 685 -27.00 -7.69 -27.73
N PRO A 686 -27.74 -7.46 -28.82
CA PRO A 686 -28.79 -6.44 -28.80
C PRO A 686 -29.86 -6.73 -27.77
N LYS A 687 -30.71 -5.71 -27.55
CA LYS A 687 -31.76 -5.82 -26.54
C LYS A 687 -32.65 -7.03 -26.77
N LYS A 688 -33.13 -7.23 -27.99
CA LYS A 688 -34.07 -8.32 -28.21
C LYS A 688 -33.42 -9.67 -27.95
N LYS A 689 -32.08 -9.71 -27.87
CA LYS A 689 -31.38 -10.97 -27.78
C LYS A 689 -30.92 -11.31 -26.37
N ILE A 690 -30.72 -10.33 -25.48
CA ILE A 690 -30.31 -10.66 -24.13
C ILE A 690 -31.31 -11.63 -23.53
N LEU A 691 -30.80 -12.75 -23.04
CA LEU A 691 -31.67 -13.85 -22.66
C LEU A 691 -32.66 -13.41 -21.59
N ARG A 692 -33.82 -14.06 -21.58
CA ARG A 692 -34.82 -13.76 -20.56
C ARG A 692 -34.33 -14.06 -19.16
N TRP A 693 -33.34 -14.95 -19.02
CA TRP A 693 -32.85 -15.32 -17.70
C TRP A 693 -32.19 -14.15 -16.98
N SER A 694 -31.42 -13.34 -17.70
CA SER A 694 -30.56 -12.35 -17.08
C SER A 694 -30.81 -10.98 -17.69
N LYS A 695 -32.07 -10.58 -17.80
CA LYS A 695 -32.40 -9.36 -18.53
C LYS A 695 -32.16 -8.09 -17.71
N TRP A 696 -32.40 -8.12 -16.40
CA TRP A 696 -32.49 -6.86 -15.66
C TRP A 696 -31.23 -6.04 -15.74
N ILE A 697 -30.08 -6.66 -16.05
CA ILE A 697 -28.81 -5.92 -16.05
C ILE A 697 -28.84 -4.82 -17.09
N TRP A 698 -29.70 -4.92 -18.11
CA TRP A 698 -29.79 -3.86 -19.12
C TRP A 698 -30.15 -2.52 -18.50
N TYR A 699 -31.24 -2.47 -17.74
CA TYR A 699 -31.76 -1.19 -17.29
C TYR A 699 -30.78 -0.48 -16.37
N ILE A 700 -30.04 -1.24 -15.57
CA ILE A 700 -29.16 -0.66 -14.56
C ILE A 700 -27.80 -0.33 -15.19
N ASN A 701 -27.73 -0.36 -16.52
CA ASN A 701 -26.48 -0.15 -17.23
C ASN A 701 -26.43 1.26 -17.77
N PRO A 702 -25.59 2.15 -17.23
CA PRO A 702 -25.51 3.50 -17.79
C PRO A 702 -25.07 3.52 -19.24
N LEU A 703 -24.10 2.69 -19.59
CA LEU A 703 -23.55 2.70 -20.94
C LEU A 703 -24.59 2.25 -21.95
N ALA A 704 -25.53 1.40 -21.55
CA ALA A 704 -26.61 1.01 -22.46
C ALA A 704 -27.42 2.23 -22.87
N TYR A 705 -27.87 3.02 -21.90
CA TYR A 705 -28.67 4.19 -22.22
C TYR A 705 -27.87 5.22 -22.99
N LEU A 706 -26.62 5.44 -22.60
CA LEU A 706 -25.80 6.42 -23.31
C LEU A 706 -25.53 5.98 -24.75
N PHE A 707 -25.29 4.69 -24.97
CA PHE A 707 -25.10 4.18 -26.32
C PHE A 707 -26.37 4.32 -27.13
N GLU A 708 -27.53 4.09 -26.50
CA GLU A 708 -28.79 4.31 -27.19
C GLU A 708 -28.88 5.75 -27.67
N SER A 709 -28.55 6.70 -26.80
CA SER A 709 -28.60 8.10 -27.19
C SER A 709 -27.61 8.37 -28.32
N LEU A 710 -26.41 7.81 -28.25
CA LEU A 710 -25.42 8.05 -29.28
C LEU A 710 -25.86 7.52 -30.63
N LEU A 711 -26.46 6.33 -30.65
CA LEU A 711 -26.99 5.81 -31.90
C LEU A 711 -28.14 6.65 -32.44
N ILE A 712 -29.03 7.12 -31.56
CA ILE A 712 -30.06 8.05 -32.03
C ILE A 712 -29.41 9.25 -32.69
N ASN A 713 -28.32 9.74 -32.10
CA ASN A 713 -27.63 10.89 -32.68
C ASN A 713 -27.03 10.54 -34.05
N GLU A 714 -26.40 9.38 -34.16
CA GLU A 714 -25.60 9.03 -35.33
C GLU A 714 -26.37 8.27 -36.40
N PHE A 715 -27.68 8.08 -36.24
CA PHE A 715 -28.48 7.52 -37.33
C PHE A 715 -29.80 8.22 -37.58
N HIS A 716 -30.30 9.06 -36.67
CA HIS A 716 -31.63 9.60 -36.83
C HIS A 716 -31.69 10.54 -38.02
N GLY A 717 -32.68 10.33 -38.88
CA GLY A 717 -32.93 11.22 -39.98
C GLY A 717 -31.82 11.34 -40.99
N ILE A 718 -31.01 10.29 -41.16
CA ILE A 718 -29.94 10.29 -42.15
C ILE A 718 -29.95 8.97 -42.89
N LYS A 719 -29.86 9.05 -44.22
CA LYS A 719 -30.04 7.92 -45.10
C LYS A 719 -28.73 7.55 -45.78
N PHE A 720 -28.56 6.26 -46.04
CA PHE A 720 -27.46 5.71 -46.80
C PHE A 720 -28.02 4.73 -47.83
N PRO A 721 -27.30 4.51 -48.92
CA PRO A 721 -27.80 3.58 -49.94
C PRO A 721 -27.43 2.13 -49.61
N CYS A 722 -28.36 1.23 -49.89
CA CYS A 722 -28.11 -0.19 -49.68
C CYS A 722 -27.03 -0.70 -50.61
N ALA A 723 -26.21 -1.62 -50.09
CA ALA A 723 -25.31 -2.42 -50.90
C ALA A 723 -25.51 -3.88 -50.51
N GLU A 724 -24.77 -4.76 -51.16
CA GLU A 724 -24.82 -6.18 -50.79
C GLU A 724 -26.23 -6.75 -50.92
N TYR A 725 -26.75 -6.79 -52.14
CA TYR A 725 -28.00 -7.51 -52.39
C TYR A 725 -27.73 -9.00 -52.47
N VAL A 726 -28.75 -9.80 -52.17
CA VAL A 726 -28.55 -11.24 -52.09
C VAL A 726 -28.21 -11.79 -53.47
N PRO A 727 -29.09 -11.72 -54.47
CA PRO A 727 -28.67 -12.10 -55.82
C PRO A 727 -27.95 -10.94 -56.49
N ARG A 728 -26.66 -11.13 -56.75
CA ARG A 728 -25.84 -10.07 -57.29
C ARG A 728 -25.02 -10.61 -58.45
N GLY A 729 -24.10 -9.77 -58.94
CA GLY A 729 -23.18 -10.17 -59.98
C GLY A 729 -23.75 -9.92 -61.36
N PRO A 730 -22.92 -10.11 -62.39
CA PRO A 730 -23.40 -9.92 -63.77
C PRO A 730 -24.47 -10.90 -64.18
N ALA A 731 -24.68 -11.98 -63.42
CA ALA A 731 -25.63 -13.00 -63.80
C ALA A 731 -27.07 -12.52 -63.77
N TYR A 732 -27.34 -11.34 -63.19
CA TYR A 732 -28.71 -10.86 -63.04
C TYR A 732 -28.84 -9.47 -63.66
N ALA A 733 -29.87 -9.30 -64.49
CA ALA A 733 -30.21 -8.02 -65.06
C ALA A 733 -31.73 -7.96 -65.18
N ASN A 734 -32.25 -6.75 -65.35
CA ASN A 734 -33.69 -6.52 -65.34
C ASN A 734 -34.31 -6.93 -64.00
N ILE A 735 -33.55 -6.74 -62.93
CA ILE A 735 -34.03 -7.12 -61.61
C ILE A 735 -35.25 -6.28 -61.23
N SER A 736 -35.96 -6.74 -60.20
CA SER A 736 -37.20 -6.12 -59.76
C SER A 736 -37.20 -5.96 -58.25
N SER A 737 -37.99 -4.98 -57.79
CA SER A 737 -38.11 -4.73 -56.36
C SER A 737 -38.58 -5.95 -55.60
N THR A 738 -39.49 -6.74 -56.17
CA THR A 738 -39.93 -7.98 -55.57
C THR A 738 -38.99 -9.14 -55.85
N GLU A 739 -37.84 -8.87 -56.45
CA GLU A 739 -36.92 -9.90 -56.91
C GLU A 739 -35.53 -9.79 -56.32
N SER A 740 -35.24 -8.75 -55.54
CA SER A 740 -33.97 -8.61 -54.85
C SER A 740 -34.22 -8.16 -53.42
N VAL A 741 -33.23 -8.37 -52.55
CA VAL A 741 -33.37 -8.08 -51.13
C VAL A 741 -32.12 -7.38 -50.63
N CYS A 742 -32.32 -6.43 -49.71
CA CYS A 742 -31.20 -5.75 -49.07
C CYS A 742 -30.83 -6.50 -47.79
N THR A 743 -29.60 -6.99 -47.72
CA THR A 743 -29.19 -7.83 -46.60
C THR A 743 -29.19 -7.10 -45.26
N VAL A 744 -29.28 -5.77 -45.27
CA VAL A 744 -29.22 -5.02 -44.02
C VAL A 744 -30.54 -5.14 -43.28
N VAL A 745 -30.48 -5.56 -42.02
CA VAL A 745 -31.69 -5.69 -41.22
C VAL A 745 -32.45 -4.37 -41.20
N GLY A 746 -33.77 -4.46 -41.18
CA GLY A 746 -34.60 -3.28 -41.13
C GLY A 746 -34.76 -2.55 -42.43
N ALA A 747 -34.18 -3.05 -43.52
CA ALA A 747 -34.31 -2.38 -44.80
C ALA A 747 -35.71 -2.54 -45.36
N VAL A 748 -36.19 -1.51 -46.04
CA VAL A 748 -37.50 -1.57 -46.69
C VAL A 748 -37.42 -2.53 -47.87
N PRO A 749 -38.51 -3.22 -48.22
CA PRO A 749 -38.42 -4.22 -49.30
C PRO A 749 -38.37 -3.58 -50.67
N GLY A 750 -37.36 -3.95 -51.45
CA GLY A 750 -37.27 -3.51 -52.82
C GLY A 750 -37.13 -2.02 -53.01
N GLN A 751 -36.61 -1.31 -52.02
CA GLN A 751 -36.38 0.13 -52.14
C GLN A 751 -35.04 0.46 -51.50
N ASP A 752 -34.45 1.57 -51.95
CA ASP A 752 -33.15 2.00 -51.45
C ASP A 752 -33.24 2.99 -50.31
N TYR A 753 -34.45 3.34 -49.87
CA TYR A 753 -34.62 4.30 -48.78
C TYR A 753 -34.48 3.61 -47.44
N VAL A 754 -33.30 3.06 -47.15
CA VAL A 754 -33.07 2.40 -45.87
C VAL A 754 -32.78 3.47 -44.83
N LEU A 755 -33.82 3.94 -44.16
CA LEU A 755 -33.68 5.04 -43.21
C LEU A 755 -33.14 4.53 -41.89
N GLY A 756 -32.30 5.35 -41.25
CA GLY A 756 -31.67 4.93 -40.01
C GLY A 756 -32.65 4.61 -38.91
N ASP A 757 -33.77 5.33 -38.85
CA ASP A 757 -34.78 5.02 -37.84
C ASP A 757 -35.21 3.57 -37.94
N ASP A 758 -35.54 3.12 -39.15
CA ASP A 758 -35.90 1.72 -39.33
C ASP A 758 -34.75 0.79 -38.94
N PHE A 759 -33.53 1.15 -39.33
CA PHE A 759 -32.37 0.36 -38.91
C PHE A 759 -32.40 0.12 -37.40
N ILE A 760 -32.29 1.19 -36.63
CA ILE A 760 -32.17 1.04 -35.18
C ILE A 760 -33.39 0.36 -34.61
N ARG A 761 -34.58 0.66 -35.14
CA ARG A 761 -35.77 -0.05 -34.70
C ARG A 761 -35.58 -1.56 -34.78
N GLY A 762 -34.92 -2.02 -35.85
CA GLY A 762 -34.76 -3.45 -36.03
C GLY A 762 -33.61 -4.02 -35.21
N THR A 763 -32.41 -3.49 -35.42
CA THR A 763 -31.23 -4.12 -34.83
C THR A 763 -31.18 -3.92 -33.32
N TYR A 764 -31.43 -2.70 -32.85
CA TYR A 764 -31.27 -2.38 -31.44
C TYR A 764 -32.59 -2.00 -30.77
N GLN A 765 -33.69 -1.98 -31.51
CA GLN A 765 -35.01 -1.67 -30.95
C GLN A 765 -35.07 -0.29 -30.33
N TYR A 766 -34.13 0.59 -30.69
CA TYR A 766 -34.13 1.97 -30.23
C TYR A 766 -35.10 2.77 -31.09
N TYR A 767 -36.38 2.44 -30.96
CA TYR A 767 -37.39 3.03 -31.83
C TYR A 767 -37.90 4.38 -31.32
N HIS A 768 -37.43 4.84 -30.17
CA HIS A 768 -37.96 6.07 -29.59
C HIS A 768 -37.29 7.28 -30.20
N LYS A 769 -37.92 8.45 -30.03
CA LYS A 769 -37.46 9.66 -30.71
C LYS A 769 -36.41 10.42 -29.90
N ASP A 770 -36.52 10.44 -28.59
CA ASP A 770 -35.72 11.34 -27.75
C ASP A 770 -34.29 10.82 -27.66
N LYS A 771 -33.33 11.72 -27.92
CA LYS A 771 -31.93 11.41 -27.65
C LYS A 771 -31.50 11.92 -26.29
N TRP A 772 -32.18 12.94 -25.77
CA TRP A 772 -31.80 13.50 -24.47
C TRP A 772 -32.03 12.55 -23.32
N ARG A 773 -32.77 11.46 -23.52
CA ARG A 773 -33.04 10.55 -22.42
C ARG A 773 -31.74 10.05 -21.81
N GLY A 774 -30.80 9.63 -22.65
CA GLY A 774 -29.54 9.11 -22.15
C GLY A 774 -28.78 10.10 -21.29
N PHE A 775 -28.79 11.37 -21.69
CA PHE A 775 -28.04 12.37 -20.94
C PHE A 775 -28.56 12.49 -19.51
N GLY A 776 -29.88 12.59 -19.36
CA GLY A 776 -30.46 12.78 -18.04
C GLY A 776 -30.19 11.62 -17.11
N ILE A 777 -30.45 10.40 -17.56
CA ILE A 777 -30.26 9.24 -16.70
C ILE A 777 -28.78 9.02 -16.44
N GLY A 778 -27.93 9.31 -17.43
CA GLY A 778 -26.50 9.22 -17.20
C GLY A 778 -26.03 10.16 -16.11
N MET A 779 -26.47 11.43 -16.16
CA MET A 779 -26.09 12.37 -15.13
C MET A 779 -26.69 11.99 -13.78
N ALA A 780 -27.89 11.43 -13.76
CA ALA A 780 -28.45 10.94 -12.52
C ALA A 780 -27.58 9.85 -11.92
N TYR A 781 -27.13 8.91 -12.75
CA TYR A 781 -26.19 7.90 -12.28
C TYR A 781 -24.92 8.54 -11.74
N VAL A 782 -24.37 9.49 -12.50
CA VAL A 782 -23.10 10.10 -12.09
C VAL A 782 -23.22 10.72 -10.71
N VAL A 783 -24.24 11.56 -10.51
CA VAL A 783 -24.39 12.25 -9.24
C VAL A 783 -24.72 11.26 -8.12
N PHE A 784 -25.64 10.33 -8.37
CA PHE A 784 -26.04 9.40 -7.32
C PHE A 784 -24.86 8.56 -6.87
N PHE A 785 -24.05 8.07 -7.80
CA PHE A 785 -22.93 7.23 -7.42
C PHE A 785 -21.78 8.04 -6.85
N PHE A 786 -21.66 9.32 -7.22
CA PHE A 786 -20.73 10.19 -6.51
C PHE A 786 -21.10 10.26 -5.04
N PHE A 787 -22.38 10.49 -4.75
CA PHE A 787 -22.79 10.56 -3.35
C PHE A 787 -22.66 9.22 -2.64
N VAL A 788 -22.95 8.12 -3.33
CA VAL A 788 -22.78 6.80 -2.72
C VAL A 788 -21.30 6.57 -2.41
N TYR A 789 -20.41 6.96 -3.32
CA TYR A 789 -18.98 6.80 -3.09
C TYR A 789 -18.54 7.61 -1.88
N LEU A 790 -19.03 8.85 -1.76
CA LEU A 790 -18.66 9.67 -0.61
C LEU A 790 -19.17 9.06 0.69
N PHE A 791 -20.41 8.57 0.70
CA PHE A 791 -20.92 7.92 1.90
C PHE A 791 -20.09 6.69 2.25
N LEU A 792 -19.75 5.89 1.24
CA LEU A 792 -19.01 4.66 1.48
C LEU A 792 -17.63 4.92 2.04
N CYS A 793 -16.94 5.94 1.52
CA CYS A 793 -15.59 6.24 1.99
C CYS A 793 -15.55 6.88 3.37
N GLU A 794 -16.68 7.32 3.89
CA GLU A 794 -16.68 8.02 5.17
C GLU A 794 -17.39 7.25 6.28
N TYR A 795 -18.67 6.95 6.07
CA TYR A 795 -19.49 6.49 7.19
C TYR A 795 -19.21 5.05 7.57
N ASN A 796 -18.81 4.21 6.63
CA ASN A 796 -18.64 2.79 6.87
C ASN A 796 -17.34 2.29 6.25
N GLU A 797 -16.25 3.02 6.47
CA GLU A 797 -14.96 2.62 5.94
C GLU A 797 -13.90 2.74 7.03
N GLY A 798 -12.89 1.88 6.95
CA GLY A 798 -11.81 1.91 7.91
C GLY A 798 -10.66 1.04 7.48
N ALA A 799 -9.48 1.36 8.01
CA ALA A 799 -8.27 0.56 7.78
C ALA A 799 -7.42 0.46 9.05
N LYS A 800 -8.03 0.59 10.23
CA LYS A 800 -7.27 0.65 11.47
C LYS A 800 -6.78 -0.73 11.88
N GLN A 801 -5.57 -0.77 12.42
CA GLN A 801 -5.03 -2.01 12.99
C GLN A 801 -5.69 -2.31 14.33
N LYS A 802 -5.74 -3.59 14.67
CA LYS A 802 -6.42 -4.04 15.88
C LYS A 802 -5.48 -4.21 17.07
N GLY A 803 -4.22 -4.58 16.85
CA GLY A 803 -3.30 -4.76 17.95
C GLY A 803 -2.26 -5.83 17.72
N GLU A 804 -1.20 -5.81 18.52
CA GLU A 804 -0.07 -6.73 18.35
C GLU A 804 -0.40 -8.12 18.89
N ILE A 805 -1.31 -8.84 18.23
CA ILE A 805 -1.64 -10.18 18.68
C ILE A 805 -0.71 -11.19 18.02
N LEU A 806 -0.48 -12.31 18.69
CA LEU A 806 0.36 -13.35 18.13
C LEU A 806 -0.50 -14.34 17.34
N VAL A 807 -0.07 -14.68 16.13
CA VAL A 807 -0.92 -15.41 15.21
C VAL A 807 -0.79 -16.91 15.40
N PHE A 808 0.43 -17.43 15.47
CA PHE A 808 0.64 -18.83 15.84
C PHE A 808 -0.15 -19.79 14.95
N PRO A 809 0.30 -20.08 13.73
CA PRO A 809 -0.50 -20.89 12.82
C PRO A 809 -1.10 -22.12 13.48
N ARG A 810 -2.23 -22.56 12.93
CA ARG A 810 -3.01 -23.61 13.56
C ARG A 810 -2.21 -24.89 13.79
N SER A 811 -1.37 -25.26 12.83
CA SER A 811 -0.65 -26.53 12.94
C SER A 811 0.19 -26.59 14.22
N ILE A 812 0.61 -25.44 14.73
CA ILE A 812 1.44 -25.40 15.93
C ILE A 812 0.57 -25.26 17.17
N VAL A 813 -0.24 -24.19 17.21
CA VAL A 813 -1.02 -23.90 18.41
C VAL A 813 -1.94 -25.05 18.75
N LYS A 814 -2.56 -25.67 17.75
CA LYS A 814 -3.48 -26.77 18.04
C LYS A 814 -2.80 -27.89 18.82
N ARG A 815 -1.54 -28.18 18.50
CA ARG A 815 -0.81 -29.23 19.20
C ARG A 815 -0.20 -28.75 20.51
N MET A 816 -0.13 -27.44 20.74
CA MET A 816 0.47 -26.92 21.96
C MET A 816 -0.41 -27.27 23.16
N GLY A 861 28.02 -18.55 19.12
CA GLY A 861 28.72 -17.46 18.47
C GLY A 861 29.41 -17.89 17.20
N LEU A 862 30.70 -17.56 17.07
CA LEU A 862 31.48 -17.93 15.91
C LEU A 862 32.96 -17.91 16.29
N SER A 863 33.78 -18.42 15.38
CA SER A 863 35.22 -18.49 15.61
C SER A 863 35.90 -17.19 15.17
N LYS A 864 37.21 -17.22 15.14
CA LYS A 864 38.00 -16.01 14.91
C LYS A 864 38.05 -15.66 13.42
N SER A 865 38.17 -14.36 13.15
CA SER A 865 38.51 -13.85 11.83
C SER A 865 39.57 -12.79 12.01
N GLU A 866 40.56 -12.77 11.12
CA GLU A 866 41.74 -11.93 11.33
C GLU A 866 41.66 -10.59 10.63
N ALA A 867 40.91 -10.50 9.54
CA ALA A 867 40.97 -9.32 8.69
C ALA A 867 40.45 -8.09 9.43
N ILE A 868 41.15 -6.98 9.27
CA ILE A 868 40.75 -5.69 9.81
C ILE A 868 39.90 -4.98 8.77
N PHE A 869 39.14 -3.98 9.21
CA PHE A 869 38.29 -3.20 8.34
C PHE A 869 38.56 -1.73 8.61
N HIS A 870 38.82 -0.95 7.57
CA HIS A 870 39.19 0.44 7.78
C HIS A 870 38.83 1.28 6.56
N TRP A 871 38.69 2.58 6.78
CA TRP A 871 38.32 3.51 5.72
C TRP A 871 38.86 4.89 6.07
N ARG A 872 38.93 5.76 5.07
CA ARG A 872 39.47 7.10 5.26
C ARG A 872 38.85 8.05 4.24
N ASN A 873 38.62 9.30 4.67
CA ASN A 873 38.17 10.36 3.78
C ASN A 873 36.79 10.08 3.19
N LEU A 874 36.09 9.09 3.72
CA LEU A 874 34.76 8.77 3.21
C LEU A 874 33.89 10.01 3.25
N CYS A 875 33.50 10.48 2.07
CA CYS A 875 32.63 11.65 1.95
C CYS A 875 31.49 11.31 0.99
N TYR A 876 30.29 11.73 1.36
CA TYR A 876 29.09 11.35 0.62
C TYR A 876 28.21 12.57 0.44
N GLU A 877 27.70 12.77 -0.77
CA GLU A 877 26.88 13.92 -1.10
C GLU A 877 25.65 13.47 -1.87
N VAL A 878 24.49 14.03 -1.52
CA VAL A 878 23.23 13.66 -2.14
C VAL A 878 22.53 14.91 -2.61
N GLN A 879 21.63 14.74 -3.58
CA GLN A 879 20.97 15.85 -4.25
C GLN A 879 19.57 16.05 -3.67
N ILE A 880 19.24 17.30 -3.33
CA ILE A 880 17.94 17.66 -2.81
C ILE A 880 17.51 18.98 -3.43
N LYS A 881 16.32 19.00 -4.02
CA LYS A 881 15.72 20.24 -4.53
C LYS A 881 16.69 20.98 -5.44
N ALA A 882 17.46 20.25 -6.23
CA ALA A 882 18.47 20.78 -7.15
C ALA A 882 19.63 21.42 -6.41
N GLU A 883 19.77 21.18 -5.10
CA GLU A 883 20.86 21.74 -4.31
C GLU A 883 21.45 20.60 -3.48
N THR A 884 22.62 20.12 -3.88
CA THR A 884 23.23 18.98 -3.21
C THR A 884 23.64 19.33 -1.79
N ARG A 885 23.44 18.37 -0.89
CA ARG A 885 23.83 18.48 0.50
C ARG A 885 24.82 17.37 0.81
N ARG A 886 25.91 17.70 1.48
CA ARG A 886 26.91 16.71 1.89
C ARG A 886 26.55 16.23 3.30
N ILE A 887 26.20 14.95 3.39
CA ILE A 887 25.73 14.38 4.64
C ILE A 887 26.78 13.52 5.33
N LEU A 888 27.88 13.18 4.66
CA LEU A 888 29.08 12.68 5.31
C LEU A 888 30.23 13.58 4.89
N ASN A 889 31.15 13.84 5.80
CA ASN A 889 32.25 14.76 5.54
C ASN A 889 33.51 14.23 6.20
N ASN A 890 34.41 13.69 5.38
CA ASN A 890 35.73 13.28 5.84
C ASN A 890 35.64 12.41 7.08
N VAL A 891 34.71 11.45 7.07
CA VAL A 891 34.59 10.52 8.17
C VAL A 891 35.59 9.39 7.99
N ASP A 892 36.49 9.24 8.95
CA ASP A 892 37.53 8.23 8.88
C ASP A 892 37.57 7.46 10.19
N GLY A 893 37.66 6.14 10.08
CA GLY A 893 37.70 5.29 11.24
C GLY A 893 37.83 3.84 10.81
N TRP A 894 38.10 2.99 11.79
CA TRP A 894 38.32 1.58 11.55
C TRP A 894 37.65 0.76 12.63
N VAL A 895 37.24 -0.45 12.26
CA VAL A 895 36.76 -1.45 13.20
C VAL A 895 37.50 -2.75 12.92
N LYS A 896 38.17 -3.28 13.94
CA LYS A 896 39.01 -4.46 13.79
C LYS A 896 38.60 -5.52 14.80
N PRO A 897 38.89 -6.80 14.52
CA PRO A 897 38.28 -7.88 15.30
C PRO A 897 38.61 -7.82 16.79
N GLY A 898 37.93 -8.66 17.56
CA GLY A 898 38.14 -8.66 18.99
C GLY A 898 37.86 -7.31 19.61
N THR A 899 36.78 -6.66 19.20
CA THR A 899 36.44 -5.34 19.68
C THR A 899 34.97 -5.10 19.43
N LEU A 900 34.39 -4.14 20.14
CA LEU A 900 32.98 -3.80 20.00
C LEU A 900 32.86 -2.29 20.04
N THR A 901 32.55 -1.68 18.88
CA THR A 901 32.73 -0.26 18.65
C THR A 901 31.36 0.41 18.53
N ALA A 902 31.03 1.26 19.48
CA ALA A 902 29.77 1.99 19.41
C ALA A 902 29.79 3.02 18.31
N LEU A 903 28.64 3.64 18.07
CA LEU A 903 28.49 4.72 17.10
C LEU A 903 27.32 5.59 17.52
N MET A 904 27.59 6.66 18.26
CA MET A 904 26.54 7.53 18.77
C MET A 904 26.62 8.87 18.06
N GLY A 905 25.57 9.65 18.24
CA GLY A 905 25.42 10.91 17.55
C GLY A 905 23.94 11.25 17.44
N ALA A 906 23.69 12.53 17.20
CA ALA A 906 22.32 12.99 17.15
C ALA A 906 21.56 12.33 16.00
N SER A 907 20.25 12.20 16.19
CA SER A 907 19.41 11.78 15.08
C SER A 907 19.47 12.83 13.97
N GLY A 908 19.58 12.36 12.74
CA GLY A 908 19.91 13.23 11.64
C GLY A 908 21.39 13.30 11.32
N ALA A 909 22.24 12.73 12.16
CA ALA A 909 23.63 12.54 11.77
C ALA A 909 23.75 11.35 10.83
N GLY A 910 24.88 11.25 10.15
CA GLY A 910 25.04 10.22 9.14
C GLY A 910 25.40 8.86 9.68
N LYS A 911 24.71 8.38 10.72
CA LYS A 911 24.98 7.05 11.24
C LYS A 911 24.54 5.98 10.24
N THR A 912 23.24 5.91 9.97
CA THR A 912 22.75 4.95 8.98
C THR A 912 23.34 5.22 7.61
N THR A 913 23.55 6.49 7.27
CA THR A 913 24.17 6.79 5.98
C THR A 913 25.61 6.28 5.93
N LEU A 914 26.38 6.46 7.00
CA LEU A 914 27.72 5.88 7.04
C LEU A 914 27.66 4.37 6.87
N LEU A 915 26.78 3.73 7.64
CA LEU A 915 26.70 2.26 7.57
C LEU A 915 26.36 1.80 6.17
N ASP A 916 25.38 2.44 5.53
CA ASP A 916 25.04 2.08 4.16
C ASP A 916 26.22 2.29 3.23
N CYS A 917 26.93 3.41 3.37
CA CYS A 917 28.09 3.64 2.52
C CYS A 917 29.12 2.53 2.68
N LEU A 918 29.23 1.98 3.89
CA LEU A 918 30.22 0.93 4.11
C LEU A 918 29.75 -0.43 3.62
N ALA A 919 28.45 -0.70 3.67
CA ALA A 919 27.91 -2.01 3.36
C ALA A 919 27.44 -2.12 1.91
N GLU A 920 27.81 -1.16 1.07
CA GLU A 920 27.46 -1.19 -0.34
C GLU A 920 25.95 -1.21 -0.55
N ARG A 921 25.26 -0.28 0.11
CA ARG A 921 23.81 -0.17 0.00
C ARG A 921 23.36 1.19 -0.49
N VAL A 922 24.29 2.09 -0.80
CA VAL A 922 23.90 3.42 -1.28
C VAL A 922 23.29 3.29 -2.66
N THR A 923 22.17 3.99 -2.87
CA THR A 923 21.47 3.97 -4.15
C THR A 923 21.56 5.28 -4.92
N MET A 924 21.78 6.40 -4.24
CA MET A 924 21.80 7.71 -4.87
C MET A 924 23.03 8.48 -4.40
N GLY A 925 23.36 9.53 -5.14
CA GLY A 925 24.54 10.30 -4.79
C GLY A 925 25.81 9.59 -5.23
N VAL A 926 26.92 10.07 -4.69
CA VAL A 926 28.23 9.54 -5.02
C VAL A 926 29.11 9.57 -3.79
N ILE A 927 29.72 8.44 -3.48
CA ILE A 927 30.69 8.33 -2.39
C ILE A 927 32.08 8.54 -2.94
N THR A 928 32.97 9.03 -2.09
CA THR A 928 34.38 9.14 -2.42
C THR A 928 35.17 8.51 -1.30
N GLY A 929 36.48 8.73 -1.33
CA GLY A 929 37.36 8.13 -0.34
C GLY A 929 37.37 6.62 -0.49
N ASP A 930 38.29 5.99 0.24
CA ASP A 930 38.57 4.58 0.07
C ASP A 930 38.20 3.79 1.32
N ILE A 931 37.36 2.77 1.11
CA ILE A 931 37.12 1.72 2.08
C ILE A 931 38.03 0.56 1.71
N LEU A 932 38.38 -0.27 2.69
CA LEU A 932 39.29 -1.37 2.44
C LEU A 932 39.01 -2.51 3.40
N VAL A 933 39.70 -3.62 3.17
CA VAL A 933 39.74 -4.75 4.10
C VAL A 933 41.15 -5.31 4.06
N ASN A 934 41.89 -5.14 5.15
CA ASN A 934 43.29 -5.55 5.21
C ASN A 934 44.13 -4.80 4.17
N GLY A 935 43.69 -3.61 3.79
CA GLY A 935 44.45 -2.81 2.85
C GLY A 935 44.18 -3.11 1.39
N ILE A 936 43.11 -3.84 1.08
CA ILE A 936 42.74 -4.13 -0.30
C ILE A 936 41.27 -3.73 -0.48
N PRO A 937 40.89 -3.10 -1.59
CA PRO A 937 39.48 -2.73 -1.76
C PRO A 937 38.58 -3.96 -1.70
N ARG A 938 37.40 -3.77 -1.13
CA ARG A 938 36.51 -4.89 -0.86
C ARG A 938 36.17 -5.63 -2.14
N ASP A 939 36.20 -6.96 -2.07
CA ASP A 939 36.00 -7.81 -3.23
C ASP A 939 34.50 -8.01 -3.47
N LYS A 940 34.15 -8.69 -4.55
CA LYS A 940 32.76 -9.01 -4.82
C LYS A 940 32.15 -9.87 -3.73
N SER A 941 32.95 -10.63 -3.00
CA SER A 941 32.43 -11.48 -1.93
C SER A 941 32.12 -10.70 -0.65
N PHE A 942 32.44 -9.41 -0.60
CA PHE A 942 32.26 -8.66 0.64
C PHE A 942 30.81 -8.55 1.06
N PRO A 943 29.87 -8.17 0.22
CA PRO A 943 28.51 -7.88 0.71
C PRO A 943 27.88 -9.03 1.49
N ARG A 944 28.19 -10.28 1.17
CA ARG A 944 27.67 -11.39 1.95
C ARG A 944 28.48 -11.65 3.22
N SER A 945 29.72 -11.17 3.29
CA SER A 945 30.58 -11.50 4.41
C SER A 945 30.36 -10.60 5.61
N ILE A 946 29.50 -9.61 5.49
CA ILE A 946 29.12 -8.77 6.62
C ILE A 946 27.73 -9.15 7.08
N GLY A 947 27.37 -8.71 8.26
CA GLY A 947 26.02 -8.86 8.77
C GLY A 947 25.44 -7.53 9.19
N TYR A 948 24.46 -7.08 8.43
CA TYR A 948 23.95 -5.72 8.55
C TYR A 948 22.48 -5.76 8.89
N CYS A 949 22.13 -5.33 10.11
CA CYS A 949 20.75 -5.32 10.58
C CYS A 949 20.16 -3.93 10.36
N GLN A 950 19.25 -3.85 9.40
CA GLN A 950 18.56 -2.61 9.09
C GLN A 950 17.97 -2.00 10.37
N GLN A 951 17.80 -0.67 10.38
CA GLN A 951 17.05 -0.04 11.46
C GLN A 951 15.55 -0.14 11.15
N GLN A 952 15.22 -0.71 10.00
CA GLN A 952 13.85 -1.01 9.62
C GLN A 952 13.72 -2.52 9.51
N ASP A 953 12.53 -3.03 9.81
CA ASP A 953 12.31 -4.46 9.91
C ASP A 953 11.57 -4.94 8.65
N LEU A 954 12.34 -5.57 7.76
CA LEU A 954 11.86 -5.92 6.42
C LEU A 954 11.78 -7.43 6.30
N HIS A 955 10.60 -7.98 6.58
CA HIS A 955 10.37 -9.40 6.51
C HIS A 955 8.98 -9.68 5.95
N LEU A 956 8.76 -10.92 5.51
CA LEU A 956 7.48 -11.27 4.92
C LEU A 956 6.35 -11.14 5.93
N LYS A 957 5.17 -10.79 5.42
CA LYS A 957 3.98 -10.74 6.25
C LYS A 957 3.73 -12.07 6.95
N THR A 958 4.07 -13.18 6.30
CA THR A 958 3.57 -14.49 6.70
C THR A 958 4.64 -15.43 7.23
N ALA A 959 5.86 -15.39 6.70
CA ALA A 959 6.87 -16.34 7.13
C ALA A 959 7.16 -16.20 8.61
N THR A 960 6.99 -17.29 9.34
CA THR A 960 7.13 -17.27 10.78
C THR A 960 8.56 -16.92 11.17
N VAL A 961 8.78 -16.77 12.48
CA VAL A 961 10.08 -16.38 12.99
C VAL A 961 11.10 -17.49 12.73
N ARG A 962 10.85 -18.66 13.30
CA ARG A 962 11.76 -19.78 13.10
C ARG A 962 11.97 -20.03 11.61
N GLU A 963 10.92 -19.87 10.82
CA GLU A 963 11.05 -20.08 9.39
C GLU A 963 12.00 -19.05 8.77
N SER A 964 11.90 -17.79 9.18
CA SER A 964 12.80 -16.77 8.64
C SER A 964 14.24 -17.08 9.00
N LEU A 965 14.49 -17.43 10.26
CA LEU A 965 15.85 -17.77 10.66
C LEU A 965 16.35 -18.96 9.88
N ARG A 966 15.50 -19.97 9.68
CA ARG A 966 15.92 -21.16 8.94
C ARG A 966 16.26 -20.80 7.50
N PHE A 967 15.43 -19.99 6.86
CA PHE A 967 15.70 -19.57 5.48
C PHE A 967 17.04 -18.87 5.38
N SER A 968 17.28 -17.90 6.26
CA SER A 968 18.53 -17.16 6.22
C SER A 968 19.71 -18.08 6.48
N ALA A 969 19.58 -18.99 7.45
CA ALA A 969 20.68 -19.90 7.76
C ALA A 969 20.99 -20.81 6.58
N TYR A 970 19.95 -21.32 5.93
CA TYR A 970 20.17 -22.19 4.79
C TYR A 970 20.89 -21.46 3.68
N LEU A 971 20.48 -20.24 3.39
CA LEU A 971 21.01 -19.58 2.20
C LEU A 971 22.34 -18.89 2.43
N ARG A 972 22.63 -18.39 3.63
CA ARG A 972 23.83 -17.59 3.83
C ARG A 972 24.96 -18.37 4.48
N GLN A 973 24.67 -19.25 5.41
CA GLN A 973 25.72 -19.97 6.10
C GLN A 973 26.52 -20.79 5.10
N PRO A 974 27.77 -21.13 5.40
CA PRO A 974 28.60 -21.80 4.40
C PRO A 974 27.98 -23.11 3.93
N ALA A 975 28.21 -23.42 2.67
CA ALA A 975 27.56 -24.57 2.04
C ALA A 975 28.18 -25.90 2.45
N GLU A 976 29.38 -25.88 3.05
CA GLU A 976 30.06 -27.12 3.38
C GLU A 976 29.42 -27.87 4.54
N VAL A 977 28.47 -27.26 5.24
CA VAL A 977 27.88 -27.86 6.43
C VAL A 977 26.47 -28.36 6.11
N SER A 978 26.17 -29.55 6.62
CA SER A 978 24.89 -30.18 6.34
C SER A 978 23.75 -29.42 7.01
N ILE A 979 22.55 -29.59 6.45
CA ILE A 979 21.38 -28.86 6.94
C ILE A 979 21.14 -29.15 8.41
N GLU A 980 21.54 -30.32 8.89
CA GLU A 980 21.35 -30.63 10.30
C GLU A 980 22.09 -29.63 11.17
N GLU A 981 23.35 -29.34 10.82
CA GLU A 981 24.14 -28.40 11.61
C GLU A 981 23.50 -27.01 11.58
N LYS A 982 23.06 -26.56 10.41
CA LYS A 982 22.45 -25.24 10.32
C LYS A 982 21.20 -25.17 11.18
N ASN A 983 20.36 -26.20 11.13
CA ASN A 983 19.14 -26.18 11.93
C ASN A 983 19.45 -26.19 13.42
N ARG A 984 20.43 -27.01 13.83
CA ARG A 984 20.83 -27.02 15.23
C ARG A 984 21.31 -25.64 15.66
N TYR A 985 22.12 -24.99 14.83
CA TYR A 985 22.63 -23.67 15.18
C TYR A 985 21.52 -22.64 15.23
N VAL A 986 20.51 -22.78 14.37
CA VAL A 986 19.38 -21.87 14.43
C VAL A 986 18.64 -22.01 15.75
N GLU A 987 18.43 -23.26 16.19
CA GLU A 987 17.80 -23.45 17.49
C GLU A 987 18.67 -22.90 18.61
N GLU A 988 19.99 -23.05 18.49
CA GLU A 988 20.89 -22.49 19.47
C GLU A 988 20.74 -20.97 19.54
N VAL A 989 20.62 -20.33 18.39
CA VAL A 989 20.39 -18.88 18.36
C VAL A 989 19.07 -18.54 19.03
N ILE A 990 18.03 -19.33 18.75
CA ILE A 990 16.73 -19.08 19.39
C ILE A 990 16.89 -19.09 20.90
N LYS A 991 17.60 -20.08 21.43
CA LYS A 991 17.85 -20.12 22.86
C LYS A 991 18.65 -18.91 23.32
N ILE A 992 19.69 -18.56 22.57
CA ILE A 992 20.61 -17.50 22.98
C ILE A 992 19.91 -16.17 23.07
N LEU A 993 18.97 -15.91 22.17
CA LEU A 993 18.32 -14.62 22.08
C LEU A 993 16.98 -14.58 22.80
N GLU A 994 16.58 -15.68 23.45
CA GLU A 994 15.35 -15.73 24.23
C GLU A 994 14.15 -15.35 23.37
N MET A 995 13.86 -16.17 22.36
CA MET A 995 12.66 -16.03 21.56
C MET A 995 11.76 -17.26 21.64
N GLU A 996 12.16 -18.27 22.42
CA GLU A 996 11.55 -19.59 22.30
C GLU A 996 10.04 -19.55 22.51
N LYS A 997 9.54 -18.67 23.38
CA LYS A 997 8.12 -18.67 23.68
C LYS A 997 7.28 -18.06 22.57
N TYR A 998 7.89 -17.54 21.50
CA TYR A 998 7.16 -17.09 20.34
C TYR A 998 7.86 -17.43 19.03
N ALA A 999 8.65 -18.51 19.00
CA ALA A 999 9.48 -18.79 17.84
C ALA A 999 8.66 -19.10 16.60
N ASP A 1000 7.39 -19.50 16.77
CA ASP A 1000 6.57 -19.96 15.65
C ASP A 1000 5.57 -18.92 15.18
N ALA A 1001 5.52 -17.76 15.82
CA ALA A 1001 4.51 -16.76 15.47
C ALA A 1001 4.73 -16.24 14.06
N VAL A 1002 3.80 -15.42 13.60
CA VAL A 1002 3.81 -14.87 12.25
C VAL A 1002 4.26 -13.42 12.32
N VAL A 1003 5.23 -13.06 11.47
CA VAL A 1003 5.81 -11.72 11.55
C VAL A 1003 4.73 -10.65 11.43
N GLY A 1004 3.87 -10.77 10.44
CA GLY A 1004 2.81 -9.79 10.25
C GLY A 1004 3.34 -8.41 9.96
N VAL A 1005 2.50 -7.39 10.19
CA VAL A 1005 2.89 -6.01 9.94
C VAL A 1005 3.23 -5.33 11.26
N ALA A 1006 4.13 -4.36 11.19
CA ALA A 1006 4.41 -3.52 12.35
C ALA A 1006 3.14 -2.83 12.80
N GLY A 1007 2.87 -2.88 14.11
CA GLY A 1007 1.63 -2.37 14.62
C GLY A 1007 0.47 -3.33 14.49
N GLU A 1008 0.69 -4.52 13.92
CA GLU A 1008 -0.41 -5.46 13.71
C GLU A 1008 -0.13 -6.90 14.10
N GLY A 1009 1.12 -7.36 14.13
CA GLY A 1009 1.33 -8.78 14.31
C GLY A 1009 2.51 -9.25 15.15
N LEU A 1010 3.33 -8.35 15.67
CA LEU A 1010 4.48 -8.78 16.46
C LEU A 1010 5.09 -7.56 17.13
N ASN A 1011 5.33 -7.65 18.44
CA ASN A 1011 5.74 -6.48 19.22
C ASN A 1011 7.05 -5.92 18.70
N VAL A 1012 7.38 -4.70 19.14
CA VAL A 1012 8.61 -4.05 18.68
C VAL A 1012 9.82 -4.81 19.19
N GLU A 1013 9.81 -5.20 20.46
CA GLU A 1013 10.93 -5.96 21.00
C GLU A 1013 11.10 -7.26 20.23
N GLN A 1014 10.00 -7.98 20.00
CA GLN A 1014 10.08 -9.23 19.27
C GLN A 1014 10.60 -9.00 17.86
N ARG A 1015 10.16 -7.92 17.23
CA ARG A 1015 10.57 -7.63 15.86
C ARG A 1015 12.06 -7.32 15.78
N LYS A 1016 12.58 -6.51 16.71
CA LYS A 1016 14.00 -6.22 16.71
C LYS A 1016 14.83 -7.46 17.00
N ARG A 1017 14.39 -8.29 17.95
CA ARG A 1017 15.14 -9.51 18.24
C ARG A 1017 15.16 -10.42 17.03
N LEU A 1018 14.03 -10.53 16.32
CA LEU A 1018 14.03 -11.30 15.08
C LEU A 1018 14.99 -10.69 14.07
N THR A 1019 15.02 -9.37 13.97
CA THR A 1019 15.86 -8.73 12.97
C THR A 1019 17.34 -8.99 13.22
N ILE A 1020 17.75 -9.05 14.49
CA ILE A 1020 19.17 -9.32 14.74
C ILE A 1020 19.45 -10.81 14.69
N GLY A 1021 18.47 -11.65 15.05
CA GLY A 1021 18.67 -13.08 14.92
C GLY A 1021 18.80 -13.53 13.48
N VAL A 1022 18.00 -12.94 12.60
CA VAL A 1022 18.04 -13.29 11.18
C VAL A 1022 19.45 -13.10 10.63
N GLU A 1023 20.27 -12.27 11.28
CA GLU A 1023 21.62 -12.08 10.80
C GLU A 1023 22.64 -12.84 11.63
N LEU A 1024 22.40 -13.02 12.93
CA LEU A 1024 23.24 -13.93 13.69
C LEU A 1024 23.29 -15.30 13.03
N THR A 1025 22.13 -15.81 12.63
CA THR A 1025 22.08 -17.15 12.04
C THR A 1025 22.86 -17.22 10.73
N ALA A 1026 23.04 -16.11 10.03
CA ALA A 1026 23.77 -16.15 8.77
C ALA A 1026 25.24 -16.44 8.96
N LYS A 1027 25.76 -16.31 10.18
CA LYS A 1027 27.17 -16.53 10.45
C LYS A 1027 28.04 -15.64 9.57
N PRO A 1028 27.98 -14.32 9.77
CA PRO A 1028 28.89 -13.44 9.05
C PRO A 1028 30.32 -13.66 9.52
N LYS A 1029 31.28 -13.30 8.67
CA LYS A 1029 32.67 -13.67 8.91
C LYS A 1029 33.64 -12.49 8.88
N LEU A 1030 33.18 -11.27 8.62
CA LEU A 1030 34.11 -10.15 8.61
C LEU A 1030 33.69 -9.09 9.63
N LEU A 1031 32.41 -8.72 9.63
CA LEU A 1031 31.86 -7.77 10.58
C LEU A 1031 30.49 -8.24 11.05
N VAL A 1032 29.91 -7.48 11.97
CA VAL A 1032 28.48 -7.47 12.21
C VAL A 1032 28.08 -6.04 12.55
N PHE A 1033 27.50 -5.33 11.59
CA PHE A 1033 26.92 -4.02 11.86
C PHE A 1033 25.60 -4.21 12.61
N LEU A 1034 25.20 -3.20 13.36
CA LEU A 1034 23.90 -3.18 14.03
C LEU A 1034 23.39 -1.74 14.01
N ASP A 1035 22.37 -1.48 13.20
CA ASP A 1035 21.95 -0.10 12.99
C ASP A 1035 21.19 0.43 14.20
N GLU A 1036 20.34 -0.39 14.80
CA GLU A 1036 19.61 0.08 15.97
C GLU A 1036 19.23 -1.08 16.87
N PRO A 1037 20.21 -1.81 17.41
CA PRO A 1037 19.87 -2.99 18.20
C PRO A 1037 19.10 -2.69 19.47
N THR A 1038 19.14 -1.45 19.97
CA THR A 1038 18.60 -1.18 21.29
C THR A 1038 17.83 0.13 21.40
N SER A 1039 17.17 0.59 20.35
CA SER A 1039 16.48 1.88 20.36
C SER A 1039 14.98 1.67 20.44
N GLY A 1040 14.36 2.32 21.42
CA GLY A 1040 12.92 2.33 21.51
C GLY A 1040 12.30 1.16 22.24
N LEU A 1041 13.11 0.32 22.86
CA LEU A 1041 12.60 -0.81 23.63
C LEU A 1041 13.15 -0.73 25.04
N ASP A 1042 12.45 -1.38 25.98
CA ASP A 1042 12.69 -1.16 27.39
C ASP A 1042 14.16 -1.26 27.74
N SER A 1043 14.57 -0.52 28.78
CA SER A 1043 15.98 -0.45 29.13
C SER A 1043 16.52 -1.82 29.52
N GLN A 1044 15.69 -2.65 30.15
CA GLN A 1044 16.17 -3.96 30.58
C GLN A 1044 16.45 -4.86 29.39
N THR A 1045 15.56 -4.87 28.40
CA THR A 1045 15.83 -5.60 27.17
C THR A 1045 17.00 -5.00 26.41
N ALA A 1046 17.12 -3.67 26.45
CA ALA A 1046 18.29 -3.03 25.86
C ALA A 1046 19.56 -3.60 26.46
N TRP A 1047 19.62 -3.70 27.79
CA TRP A 1047 20.81 -4.22 28.44
C TRP A 1047 21.03 -5.68 28.09
N SER A 1048 19.94 -6.45 27.95
CA SER A 1048 20.09 -7.84 27.54
C SER A 1048 20.74 -7.94 26.16
N ILE A 1049 20.28 -7.12 25.22
CA ILE A 1049 20.86 -7.16 23.87
C ILE A 1049 22.31 -6.69 23.91
N CYS A 1050 22.63 -5.72 24.76
CA CYS A 1050 24.01 -5.27 24.87
C CYS A 1050 24.90 -6.36 25.45
N GLN A 1051 24.38 -7.13 26.42
CA GLN A 1051 25.12 -8.29 26.91
C GLN A 1051 25.38 -9.29 25.81
N LEU A 1052 24.37 -9.54 24.97
CA LEU A 1052 24.58 -10.41 23.82
C LEU A 1052 25.68 -9.87 22.92
N MET A 1053 25.66 -8.57 22.66
CA MET A 1053 26.65 -7.97 21.78
C MET A 1053 28.06 -8.13 22.36
N LYS A 1054 28.21 -7.88 23.66
CA LYS A 1054 29.51 -8.02 24.28
C LYS A 1054 29.98 -9.46 24.23
N LYS A 1055 29.09 -10.42 24.44
CA LYS A 1055 29.47 -11.82 24.31
C LYS A 1055 30.00 -12.12 22.92
N LEU A 1056 29.26 -11.70 21.88
CA LEU A 1056 29.71 -11.95 20.52
C LEU A 1056 31.07 -11.32 20.26
N ALA A 1057 31.27 -10.08 20.71
CA ALA A 1057 32.54 -9.42 20.47
C ALA A 1057 33.67 -10.12 21.21
N ASN A 1058 33.41 -10.60 22.43
CA ASN A 1058 34.43 -11.36 23.15
C ASN A 1058 34.80 -12.62 22.37
N HIS A 1059 33.82 -13.26 21.74
CA HIS A 1059 34.11 -14.46 20.96
C HIS A 1059 35.02 -14.18 19.77
N GLY A 1060 34.98 -12.98 19.20
CA GLY A 1060 35.89 -12.65 18.12
C GLY A 1060 35.30 -11.76 17.04
N GLN A 1061 33.97 -11.70 16.95
CA GLN A 1061 33.35 -10.88 15.92
C GLN A 1061 33.64 -9.41 16.15
N ALA A 1062 33.75 -8.66 15.06
CA ALA A 1062 33.88 -7.21 15.12
C ALA A 1062 32.51 -6.59 14.89
N ILE A 1063 32.02 -5.83 15.85
CA ILE A 1063 30.70 -5.24 15.77
C ILE A 1063 30.87 -3.73 15.71
N LEU A 1064 29.92 -3.06 15.07
CA LEU A 1064 29.86 -1.60 15.03
C LEU A 1064 28.40 -1.20 15.12
N CYS A 1065 27.92 -0.96 16.34
CA CYS A 1065 26.50 -0.73 16.58
C CYS A 1065 26.26 0.75 16.84
N THR A 1066 25.06 1.21 16.49
CA THR A 1066 24.64 2.57 16.76
C THR A 1066 23.67 2.55 17.93
N ILE A 1067 23.80 3.52 18.83
CA ILE A 1067 23.13 3.46 20.12
C ILE A 1067 22.45 4.80 20.37
N HIS A 1068 21.21 4.74 20.86
CA HIS A 1068 20.48 5.93 21.28
C HIS A 1068 20.01 5.75 22.72
N GLN A 1069 20.27 6.76 23.54
CA GLN A 1069 19.91 6.73 24.94
C GLN A 1069 20.45 5.48 25.63
N PRO A 1070 21.77 5.32 25.71
CA PRO A 1070 22.34 4.24 26.53
C PRO A 1070 22.54 4.70 27.97
N SER A 1071 21.94 3.97 28.91
CA SER A 1071 22.18 4.27 30.31
C SER A 1071 23.64 4.01 30.66
N ALA A 1072 24.09 4.61 31.75
CA ALA A 1072 25.50 4.49 32.12
C ALA A 1072 25.92 3.04 32.25
N ILE A 1073 24.99 2.15 32.61
CA ILE A 1073 25.32 0.75 32.77
C ILE A 1073 25.51 0.03 31.44
N LEU A 1074 25.10 0.66 30.32
CA LEU A 1074 25.37 0.08 29.01
C LEU A 1074 26.70 0.59 28.45
N MET A 1075 27.04 1.85 28.73
CA MET A 1075 28.27 2.42 28.20
C MET A 1075 29.50 1.70 28.72
N GLN A 1076 29.37 0.96 29.82
CA GLN A 1076 30.54 0.28 30.37
C GLN A 1076 30.92 -0.97 29.61
N GLU A 1077 30.11 -1.38 28.62
CA GLU A 1077 30.43 -2.55 27.83
C GLU A 1077 31.14 -2.20 26.52
N PHE A 1078 31.15 -0.93 26.14
CA PHE A 1078 31.65 -0.54 24.84
C PHE A 1078 33.16 -0.29 24.93
N ASP A 1079 33.87 -0.61 23.85
CA ASP A 1079 35.32 -0.50 23.86
C ASP A 1079 35.79 0.78 23.18
N ARG A 1080 35.23 1.09 22.02
CA ARG A 1080 35.54 2.33 21.31
C ARG A 1080 34.27 3.09 21.05
N LEU A 1081 34.42 4.28 20.50
CA LEU A 1081 33.31 5.18 20.22
C LEU A 1081 33.60 5.95 18.94
N LEU A 1082 32.63 6.04 18.06
CA LEU A 1082 32.67 6.96 16.92
C LEU A 1082 31.50 7.92 17.07
N PHE A 1083 31.79 9.21 17.11
CA PHE A 1083 30.83 10.22 17.49
C PHE A 1083 30.65 11.20 16.34
N MET A 1084 29.40 11.45 15.96
CA MET A 1084 29.08 12.23 14.77
C MET A 1084 28.26 13.46 15.13
N GLN A 1085 28.59 14.57 14.49
CA GLN A 1085 27.87 15.82 14.63
C GLN A 1085 26.85 15.95 13.50
N ARG A 1086 25.97 16.94 13.62
CA ARG A 1086 25.01 17.21 12.55
C ARG A 1086 25.74 17.39 11.24
N GLY A 1087 25.20 16.79 10.18
CA GLY A 1087 25.86 16.78 8.90
C GLY A 1087 26.87 15.68 8.72
N GLY A 1088 26.91 14.71 9.63
CA GLY A 1088 27.84 13.61 9.50
C GLY A 1088 29.28 14.04 9.54
N LYS A 1089 29.67 14.74 10.59
CA LYS A 1089 31.06 15.14 10.79
C LYS A 1089 31.59 14.48 12.06
N THR A 1090 32.65 13.70 11.92
CA THR A 1090 33.24 13.05 13.08
C THR A 1090 33.62 14.10 14.12
N VAL A 1091 33.27 13.82 15.37
CA VAL A 1091 33.65 14.69 16.48
C VAL A 1091 34.39 13.95 17.58
N TYR A 1092 34.52 12.63 17.50
CA TYR A 1092 35.39 11.88 18.38
C TYR A 1092 35.56 10.48 17.83
N PHE A 1093 36.74 9.90 18.04
CA PHE A 1093 36.95 8.49 17.75
C PHE A 1093 38.12 8.00 18.59
N GLY A 1094 37.81 7.28 19.67
CA GLY A 1094 38.84 6.78 20.56
C GLY A 1094 38.21 6.00 21.69
N ASP A 1095 39.07 5.37 22.48
CA ASP A 1095 38.59 4.51 23.55
C ASP A 1095 37.68 5.28 24.50
N LEU A 1096 36.74 4.55 25.10
CA LEU A 1096 35.87 5.15 26.11
C LEU A 1096 36.52 5.13 27.48
N GLY A 1097 37.26 4.07 27.79
CA GLY A 1097 37.92 3.97 29.07
C GLY A 1097 37.09 3.20 30.09
N GLU A 1098 37.67 3.06 31.28
CA GLU A 1098 37.04 2.22 32.30
C GLU A 1098 35.69 2.78 32.73
N GLY A 1099 35.60 4.08 32.95
CA GLY A 1099 34.35 4.69 33.36
C GLY A 1099 33.92 5.79 32.42
N CYS A 1100 34.17 5.60 31.13
CA CYS A 1100 34.11 6.64 30.11
C CYS A 1100 35.16 7.71 30.33
N LYS A 1101 36.26 7.37 30.99
CA LYS A 1101 37.21 8.39 31.41
C LYS A 1101 37.93 9.04 30.24
N THR A 1102 38.24 8.28 29.20
CA THR A 1102 39.06 8.83 28.13
C THR A 1102 38.31 9.88 27.33
N MET A 1103 37.07 9.60 26.94
CA MET A 1103 36.28 10.59 26.22
C MET A 1103 36.03 11.82 27.08
N ILE A 1104 35.69 11.62 28.36
CA ILE A 1104 35.50 12.75 29.25
C ILE A 1104 36.76 13.60 29.30
N ASP A 1105 37.92 12.98 29.47
CA ASP A 1105 39.15 13.73 29.56
C ASP A 1105 39.43 14.49 28.27
N TYR A 1106 39.22 13.84 27.13
CA TYR A 1106 39.40 14.52 25.85
C TYR A 1106 38.51 15.75 25.74
N PHE A 1107 37.24 15.62 26.15
CA PHE A 1107 36.32 16.73 25.95
C PHE A 1107 36.56 17.86 26.93
N GLU A 1108 36.91 17.52 28.18
CA GLU A 1108 37.24 18.55 29.15
C GLU A 1108 38.62 19.14 28.89
N SER A 1109 39.51 18.38 28.27
CA SER A 1109 40.87 18.86 28.04
C SER A 1109 40.91 20.00 27.04
N HIS A 1110 40.00 19.99 26.06
CA HIS A 1110 40.00 20.98 24.99
C HIS A 1110 38.97 22.08 25.20
N GLY A 1111 38.37 22.16 26.39
CA GLY A 1111 37.43 23.22 26.69
C GLY A 1111 35.99 22.74 26.65
N ALA A 1112 35.42 22.46 27.80
CA ALA A 1112 34.02 22.08 27.93
C ALA A 1112 33.69 21.96 29.40
N HIS A 1113 32.46 22.29 29.77
CA HIS A 1113 32.10 22.31 31.18
C HIS A 1113 32.17 20.90 31.76
N LYS A 1114 32.63 20.80 33.00
CA LYS A 1114 32.95 19.51 33.58
C LYS A 1114 31.71 18.64 33.66
N CYS A 1115 31.90 17.34 33.46
CA CYS A 1115 30.81 16.39 33.57
C CYS A 1115 30.50 16.13 35.04
N PRO A 1116 29.26 16.36 35.49
CA PRO A 1116 28.93 16.06 36.89
C PRO A 1116 29.14 14.59 37.22
N ALA A 1117 29.52 14.32 38.46
CA ALA A 1117 29.76 12.96 38.89
C ALA A 1117 28.54 12.07 38.73
N ASP A 1118 27.34 12.60 38.99
CA ASP A 1118 26.11 11.85 38.88
C ASP A 1118 25.54 11.87 37.47
N ALA A 1119 26.17 12.58 36.53
CA ALA A 1119 25.66 12.69 35.18
C ALA A 1119 26.08 11.50 34.34
N ASN A 1120 25.22 11.12 33.41
CA ASN A 1120 25.53 10.03 32.49
C ASN A 1120 26.47 10.53 31.40
N PRO A 1121 27.64 9.91 31.21
CA PRO A 1121 28.54 10.42 30.16
C PRO A 1121 27.91 10.45 28.77
N ALA A 1122 27.10 9.44 28.45
CA ALA A 1122 26.51 9.38 27.12
C ALA A 1122 25.62 10.58 26.84
N GLU A 1123 25.14 11.27 27.87
CA GLU A 1123 24.24 12.40 27.69
C GLU A 1123 24.96 13.72 27.86
N TRP A 1124 25.94 13.77 28.77
CA TRP A 1124 26.79 14.94 28.87
C TRP A 1124 27.52 15.19 27.56
N MET A 1125 28.01 14.14 26.91
CA MET A 1125 28.74 14.30 25.66
C MET A 1125 27.86 14.96 24.61
N LEU A 1126 26.59 14.56 24.51
CA LEU A 1126 25.69 15.15 23.53
C LEU A 1126 25.23 16.54 23.93
N GLU A 1127 25.17 16.83 25.23
CA GLU A 1127 24.90 18.20 25.66
C GLU A 1127 26.02 19.13 25.24
N VAL A 1128 27.27 18.70 25.40
CA VAL A 1128 28.40 19.54 25.02
C VAL A 1128 28.35 19.84 23.53
N VAL A 1129 28.18 18.80 22.70
CA VAL A 1129 28.17 18.97 21.26
C VAL A 1129 27.00 19.81 20.77
N GLY A 1130 25.99 20.01 21.61
CA GLY A 1130 24.82 20.78 21.19
C GLY A 1130 23.91 20.03 20.26
N ALA A 1131 23.79 18.72 20.42
CA ALA A 1131 22.94 17.93 19.56
C ALA A 1131 21.47 18.27 19.71
N ALA A 1132 21.09 18.92 20.79
CA ALA A 1132 19.68 19.19 21.05
C ALA A 1132 19.13 20.15 19.98
N PRO A 1133 17.88 19.99 19.57
CA PRO A 1133 17.33 20.88 18.53
C PRO A 1133 17.44 22.35 18.87
N GLY A 1134 17.23 22.73 20.12
CA GLY A 1134 17.25 24.12 20.53
C GLY A 1134 18.50 24.58 21.24
N SER A 1135 19.58 23.80 21.22
CA SER A 1135 20.79 24.15 21.96
C SER A 1135 21.99 24.07 21.03
N HIS A 1136 22.99 24.90 21.33
CA HIS A 1136 24.21 24.95 20.54
C HIS A 1136 25.40 24.95 21.48
N ALA A 1137 26.54 24.48 20.95
CA ALA A 1137 27.72 24.30 21.77
C ALA A 1137 28.53 25.59 21.85
N ASN A 1138 29.57 25.56 22.68
CA ASN A 1138 30.43 26.73 22.83
C ASN A 1138 31.40 26.88 21.66
N GLN A 1139 31.64 25.81 20.92
CA GLN A 1139 32.53 25.86 19.77
C GLN A 1139 32.22 24.71 18.84
N ASP A 1140 32.71 24.80 17.61
CA ASP A 1140 32.47 23.77 16.60
C ASP A 1140 33.50 22.66 16.82
N TYR A 1141 33.06 21.57 17.44
CA TYR A 1141 34.00 20.53 17.85
C TYR A 1141 34.54 19.73 16.68
N TYR A 1142 33.94 19.85 15.49
CA TYR A 1142 34.53 19.21 14.32
C TYR A 1142 35.93 19.75 14.06
N GLU A 1143 36.08 21.08 14.14
CA GLU A 1143 37.41 21.66 14.03
C GLU A 1143 38.30 21.21 15.17
N VAL A 1144 37.75 21.14 16.38
CA VAL A 1144 38.52 20.69 17.53
C VAL A 1144 39.10 19.31 17.27
N TRP A 1145 38.24 18.38 16.83
CA TRP A 1145 38.71 17.02 16.57
C TRP A 1145 39.75 17.02 15.46
N ARG A 1146 39.48 17.74 14.37
CA ARG A 1146 40.41 17.73 13.25
C ARG A 1146 41.77 18.28 13.63
N ASN A 1147 41.83 19.17 14.62
CA ASN A 1147 43.08 19.76 15.06
C ASN A 1147 43.67 19.08 16.28
N SER A 1148 43.10 17.96 16.72
CA SER A 1148 43.59 17.30 17.92
C SER A 1148 44.72 16.34 17.62
N GLU A 1149 45.61 16.15 18.58
CA GLU A 1149 46.63 15.12 18.46
C GLU A 1149 46.00 13.74 18.37
N GLU A 1150 44.79 13.59 18.89
CA GLU A 1150 44.08 12.32 18.74
C GLU A 1150 43.78 12.03 17.27
N TYR A 1151 43.38 13.06 16.52
CA TYR A 1151 43.12 12.86 15.10
C TYR A 1151 44.39 12.51 14.34
N ARG A 1152 45.51 13.15 14.68
CA ARG A 1152 46.77 12.75 14.06
C ARG A 1152 47.13 11.32 14.43
N ALA A 1153 46.81 10.90 15.66
CA ALA A 1153 47.08 9.53 16.06
C ALA A 1153 46.28 8.53 15.22
N VAL A 1154 44.98 8.80 15.03
CA VAL A 1154 44.17 7.88 14.26
C VAL A 1154 44.59 7.90 12.79
N GLN A 1155 44.96 9.07 12.27
CA GLN A 1155 45.41 9.13 10.89
C GLN A 1155 46.71 8.35 10.70
N SER A 1156 47.63 8.45 11.65
CA SER A 1156 48.86 7.66 11.57
C SER A 1156 48.55 6.17 11.64
N GLU A 1157 47.65 5.78 12.54
CA GLU A 1157 47.21 4.39 12.60
C GLU A 1157 46.72 3.92 11.24
N LEU A 1158 45.82 4.70 10.62
CA LEU A 1158 45.26 4.30 9.33
C LEU A 1158 46.32 4.24 8.25
N ASP A 1159 47.22 5.22 8.20
CA ASP A 1159 48.26 5.22 7.19
C ASP A 1159 49.17 4.00 7.35
N TRP A 1160 49.52 3.66 8.59
CA TRP A 1160 50.33 2.47 8.81
C TRP A 1160 49.58 1.22 8.37
N MET A 1161 48.32 1.09 8.78
CA MET A 1161 47.52 -0.08 8.50
C MET A 1161 47.21 -0.23 7.01
N GLU A 1162 47.32 0.86 6.24
CA GLU A 1162 47.24 0.71 4.78
C GLU A 1162 48.41 -0.10 4.25
N ARG A 1163 49.47 -0.26 5.04
CA ARG A 1163 50.59 -1.13 4.68
C ARG A 1163 50.36 -2.50 5.31
N GLU A 1164 49.39 -3.22 4.74
CA GLU A 1164 48.88 -4.45 5.30
C GLU A 1164 48.73 -5.49 4.20
N LEU A 1165 49.06 -6.74 4.54
CA LEU A 1165 48.88 -7.86 3.62
C LEU A 1165 48.84 -9.14 4.44
N PRO A 1166 47.88 -10.04 4.19
CA PRO A 1166 47.76 -11.25 5.00
C PRO A 1166 48.88 -12.26 4.73
N HIS A 1178 31.66 -17.30 -5.87
CA HIS A 1178 31.99 -16.77 -4.55
C HIS A 1178 30.99 -15.70 -4.14
N GLU A 1179 30.34 -15.07 -5.11
CA GLU A 1179 29.44 -13.97 -4.79
C GLU A 1179 28.31 -14.41 -3.88
N PHE A 1180 27.69 -15.55 -4.17
CA PHE A 1180 26.62 -16.10 -3.36
C PHE A 1180 27.09 -17.40 -2.73
N SER A 1181 26.48 -17.75 -1.59
CA SER A 1181 26.93 -18.92 -0.86
C SER A 1181 26.54 -20.22 -1.53
N GLN A 1182 25.31 -20.36 -2.00
CA GLN A 1182 24.78 -21.62 -2.51
C GLN A 1182 24.63 -21.55 -4.02
N SER A 1183 24.49 -22.72 -4.62
CA SER A 1183 24.26 -22.81 -6.05
C SER A 1183 22.94 -22.17 -6.43
N ILE A 1184 22.90 -21.57 -7.62
CA ILE A 1184 21.74 -20.78 -8.02
C ILE A 1184 20.48 -21.64 -8.02
N ILE A 1185 20.58 -22.89 -8.47
CA ILE A 1185 19.41 -23.75 -8.47
C ILE A 1185 18.91 -24.00 -7.05
N TYR A 1186 19.83 -24.20 -6.10
CA TYR A 1186 19.43 -24.46 -4.74
C TYR A 1186 18.65 -23.28 -4.16
N GLN A 1187 19.20 -22.07 -4.30
CA GLN A 1187 18.51 -20.91 -3.76
C GLN A 1187 17.21 -20.65 -4.50
N THR A 1188 17.14 -20.99 -5.79
CA THR A 1188 15.87 -20.93 -6.49
C THR A 1188 14.85 -21.86 -5.87
N LYS A 1189 15.26 -23.08 -5.53
CA LYS A 1189 14.34 -24.00 -4.87
C LYS A 1189 13.82 -23.40 -3.57
N LEU A 1190 14.74 -22.87 -2.75
CA LEU A 1190 14.32 -22.34 -1.45
C LEU A 1190 13.38 -21.15 -1.60
N VAL A 1191 13.71 -20.21 -2.49
CA VAL A 1191 12.84 -19.05 -2.62
C VAL A 1191 11.50 -19.43 -3.23
N SER A 1192 11.48 -20.42 -4.13
CA SER A 1192 10.21 -20.87 -4.68
C SER A 1192 9.35 -21.50 -3.60
N ILE A 1193 9.94 -22.31 -2.73
CA ILE A 1193 9.18 -22.88 -1.61
C ILE A 1193 8.62 -21.77 -0.74
N ARG A 1194 9.45 -20.78 -0.43
CA ARG A 1194 8.98 -19.68 0.41
C ARG A 1194 7.82 -18.95 -0.24
N LEU A 1195 7.90 -18.72 -1.54
CA LEU A 1195 6.83 -17.98 -2.20
C LEU A 1195 5.57 -18.81 -2.34
N PHE A 1196 5.69 -20.13 -2.50
CA PHE A 1196 4.53 -21.00 -2.43
C PHE A 1196 3.86 -20.91 -1.06
N GLN A 1197 4.65 -20.94 0.00
CA GLN A 1197 4.06 -20.73 1.32
C GLN A 1197 3.52 -19.32 1.50
N GLN A 1198 4.00 -18.37 0.70
CA GLN A 1198 3.50 -17.00 0.76
C GLN A 1198 2.16 -16.81 0.07
N TYR A 1199 1.95 -17.41 -1.11
CA TYR A 1199 0.62 -17.37 -1.70
C TYR A 1199 -0.36 -18.19 -0.87
N TRP A 1200 -0.01 -19.42 -0.56
CA TRP A 1200 -0.63 -20.09 0.58
C TRP A 1200 -0.49 -19.17 1.80
N ARG A 1201 -1.42 -19.30 2.73
CA ARG A 1201 -1.36 -18.48 3.94
C ARG A 1201 -1.57 -17.01 3.61
N SER A 1202 -1.94 -16.70 2.37
CA SER A 1202 -2.29 -15.35 1.95
C SER A 1202 -3.60 -15.42 1.15
N PRO A 1203 -4.71 -15.66 1.83
CA PRO A 1203 -5.95 -15.95 1.11
C PRO A 1203 -6.44 -14.82 0.21
N ASP A 1204 -6.21 -13.56 0.59
CA ASP A 1204 -6.83 -12.45 -0.12
C ASP A 1204 -6.51 -12.46 -1.61
N TYR A 1205 -5.38 -13.05 -2.01
CA TYR A 1205 -4.98 -13.04 -3.41
C TYR A 1205 -5.51 -14.26 -4.15
N LEU A 1206 -5.19 -15.46 -3.67
CA LEU A 1206 -5.61 -16.67 -4.36
C LEU A 1206 -7.11 -16.84 -4.33
N TRP A 1207 -7.72 -16.68 -3.15
CA TRP A 1207 -9.15 -16.90 -3.04
C TRP A 1207 -9.91 -15.87 -3.86
N SER A 1208 -9.41 -14.64 -3.90
CA SER A 1208 -10.00 -13.61 -4.76
C SER A 1208 -9.84 -13.97 -6.23
N LYS A 1209 -8.68 -14.49 -6.63
CA LYS A 1209 -8.48 -14.89 -8.01
C LYS A 1209 -9.45 -15.99 -8.42
N PHE A 1210 -9.62 -17.00 -7.57
CA PHE A 1210 -10.62 -18.01 -7.84
C PHE A 1210 -12.00 -17.38 -7.96
N ILE A 1211 -12.50 -16.76 -6.88
CA ILE A 1211 -13.83 -16.15 -6.93
C ILE A 1211 -14.02 -15.36 -8.21
N LEU A 1212 -13.00 -14.60 -8.62
CA LEU A 1212 -13.10 -13.81 -9.84
C LEU A 1212 -13.30 -14.70 -11.05
N THR A 1213 -12.44 -15.71 -11.23
CA THR A 1213 -12.60 -16.59 -12.38
C THR A 1213 -13.95 -17.28 -12.37
N ILE A 1214 -14.33 -17.84 -11.21
CA ILE A 1214 -15.57 -18.58 -11.07
C ILE A 1214 -16.72 -17.70 -11.52
N PHE A 1215 -16.95 -16.59 -10.81
CA PHE A 1215 -18.14 -15.78 -11.07
C PHE A 1215 -18.08 -15.12 -12.45
N ASN A 1216 -16.92 -14.60 -12.86
CA ASN A 1216 -16.82 -13.95 -14.15
C ASN A 1216 -17.15 -14.90 -15.29
N GLN A 1217 -16.52 -16.07 -15.32
CA GLN A 1217 -16.77 -17.01 -16.39
C GLN A 1217 -18.19 -17.55 -16.33
N LEU A 1218 -18.73 -17.71 -15.12
CA LEU A 1218 -20.13 -18.11 -15.01
C LEU A 1218 -21.03 -17.07 -15.65
N PHE A 1219 -20.76 -15.79 -15.39
CA PHE A 1219 -21.55 -14.72 -15.97
C PHE A 1219 -21.47 -14.73 -17.49
N ILE A 1220 -20.26 -14.88 -18.04
CA ILE A 1220 -20.11 -14.93 -19.50
C ILE A 1220 -20.88 -16.12 -20.06
N GLY A 1221 -20.58 -17.32 -19.57
CA GLY A 1221 -21.20 -18.50 -20.12
C GLY A 1221 -22.71 -18.44 -20.10
N PHE A 1222 -23.28 -18.00 -18.97
CA PHE A 1222 -24.73 -17.96 -18.87
C PHE A 1222 -25.34 -16.83 -19.67
N THR A 1223 -24.66 -15.68 -19.79
CA THR A 1223 -25.10 -14.68 -20.74
C THR A 1223 -25.24 -15.28 -22.13
N PHE A 1224 -24.34 -16.20 -22.49
CA PHE A 1224 -24.40 -16.88 -23.77
C PHE A 1224 -24.69 -18.37 -23.62
N PHE A 1225 -25.62 -18.71 -22.73
CA PHE A 1225 -25.99 -20.10 -22.52
C PHE A 1225 -26.66 -20.69 -23.75
N LYS A 1226 -26.05 -21.74 -24.30
CA LYS A 1226 -26.61 -22.48 -25.42
C LYS A 1226 -27.13 -21.54 -26.50
N ALA A 1227 -26.20 -20.80 -27.11
CA ALA A 1227 -26.57 -19.80 -28.09
C ALA A 1227 -27.19 -20.40 -29.34
N GLY A 1228 -27.09 -21.70 -29.54
CA GLY A 1228 -27.61 -22.30 -30.75
C GLY A 1228 -26.60 -22.20 -31.88
N THR A 1229 -27.10 -22.38 -33.10
CA THR A 1229 -26.26 -22.35 -34.29
C THR A 1229 -26.86 -21.52 -35.42
N SER A 1230 -27.90 -20.73 -35.14
CA SER A 1230 -28.44 -19.84 -36.13
C SER A 1230 -27.49 -18.66 -36.37
N LEU A 1231 -27.91 -17.75 -37.26
CA LEU A 1231 -27.12 -16.55 -37.51
C LEU A 1231 -26.89 -15.78 -36.22
N GLN A 1232 -27.97 -15.50 -35.48
CA GLN A 1232 -27.83 -14.77 -34.22
C GLN A 1232 -27.22 -15.66 -33.15
N GLY A 1233 -27.54 -16.95 -33.15
CA GLY A 1233 -26.88 -17.86 -32.23
C GLY A 1233 -25.40 -17.96 -32.50
N LEU A 1234 -25.03 -18.10 -33.78
CA LEU A 1234 -23.62 -18.17 -34.14
C LEU A 1234 -22.90 -16.88 -33.78
N GLN A 1235 -23.56 -15.75 -33.96
CA GLN A 1235 -22.98 -14.48 -33.54
C GLN A 1235 -22.67 -14.48 -32.06
N ASN A 1236 -23.58 -15.03 -31.25
CA ASN A 1236 -23.33 -15.12 -29.82
C ASN A 1236 -22.17 -16.08 -29.53
N GLN A 1237 -22.07 -17.19 -30.26
CA GLN A 1237 -20.99 -18.13 -30.01
C GLN A 1237 -19.64 -17.54 -30.41
N MET A 1238 -19.63 -16.56 -31.30
CA MET A 1238 -18.40 -15.85 -31.60
C MET A 1238 -18.12 -14.79 -30.54
N LEU A 1239 -19.17 -14.09 -30.10
CA LEU A 1239 -19.00 -13.04 -29.11
C LEU A 1239 -18.49 -13.61 -27.79
N ALA A 1240 -19.01 -14.75 -27.37
CA ALA A 1240 -18.64 -15.30 -26.08
C ALA A 1240 -17.15 -15.59 -26.01
N VAL A 1241 -16.60 -16.21 -27.05
CA VAL A 1241 -15.15 -16.39 -27.13
C VAL A 1241 -14.46 -15.04 -27.17
N PHE A 1242 -15.00 -14.12 -27.96
CA PHE A 1242 -14.43 -12.78 -28.02
C PHE A 1242 -14.51 -12.09 -26.67
N MET A 1243 -15.57 -12.36 -25.91
CA MET A 1243 -15.74 -11.73 -24.61
C MET A 1243 -15.01 -12.50 -23.52
N PHE A 1244 -14.52 -13.71 -23.82
CA PHE A 1244 -13.74 -14.46 -22.85
C PHE A 1244 -12.43 -13.75 -22.53
N THR A 1245 -11.97 -12.88 -23.43
CA THR A 1245 -10.65 -12.28 -23.28
C THR A 1245 -10.69 -10.91 -22.63
N VAL A 1246 -11.87 -10.31 -22.46
CA VAL A 1246 -11.93 -8.98 -21.86
C VAL A 1246 -11.42 -9.02 -20.43
N ILE A 1247 -11.52 -10.19 -19.78
CA ILE A 1247 -11.05 -10.36 -18.41
C ILE A 1247 -9.54 -10.21 -18.28
N PHE A 1248 -8.84 -9.96 -19.39
CA PHE A 1248 -7.38 -9.84 -19.35
C PHE A 1248 -6.92 -8.74 -18.41
N ASN A 1249 -7.63 -7.61 -18.38
CA ASN A 1249 -7.19 -6.49 -17.55
C ASN A 1249 -7.33 -6.77 -16.06
N PRO A 1250 -8.53 -7.04 -15.52
CA PRO A 1250 -8.63 -7.23 -14.07
C PRO A 1250 -7.82 -8.40 -13.54
N ILE A 1251 -7.82 -9.54 -14.24
CA ILE A 1251 -7.08 -10.68 -13.72
C ILE A 1251 -5.59 -10.41 -13.76
N LEU A 1252 -5.10 -9.70 -14.77
CA LEU A 1252 -3.70 -9.30 -14.78
C LEU A 1252 -3.40 -8.35 -13.63
N GLN A 1253 -4.25 -7.36 -13.41
CA GLN A 1253 -3.93 -6.31 -12.46
C GLN A 1253 -4.07 -6.78 -11.01
N GLN A 1254 -4.83 -7.84 -10.76
CA GLN A 1254 -4.78 -8.44 -9.43
C GLN A 1254 -3.34 -8.78 -9.04
N TYR A 1255 -2.57 -9.31 -9.98
CA TYR A 1255 -1.23 -9.82 -9.68
C TYR A 1255 -0.24 -8.69 -9.42
N LEU A 1256 -0.34 -7.60 -10.16
CA LEU A 1256 0.72 -6.59 -10.15
C LEU A 1256 1.05 -6.09 -8.75
N PRO A 1257 0.09 -5.62 -7.95
CA PRO A 1257 0.48 -5.07 -6.64
C PRO A 1257 1.15 -6.08 -5.73
N SER A 1258 0.74 -7.34 -5.76
CA SER A 1258 1.44 -8.35 -4.97
C SER A 1258 2.89 -8.45 -5.38
N PHE A 1259 3.15 -8.53 -6.68
CA PHE A 1259 4.53 -8.60 -7.15
C PHE A 1259 5.31 -7.35 -6.77
N VAL A 1260 4.66 -6.19 -6.83
CA VAL A 1260 5.33 -4.96 -6.43
C VAL A 1260 5.73 -5.05 -4.96
N GLN A 1261 4.86 -5.64 -4.13
CA GLN A 1261 5.17 -5.76 -2.71
C GLN A 1261 6.35 -6.70 -2.48
N GLN A 1262 6.31 -7.89 -3.09
CA GLN A 1262 7.45 -8.79 -2.94
C GLN A 1262 8.72 -8.18 -3.50
N ARG A 1263 8.63 -7.44 -4.60
CA ARG A 1263 9.83 -6.84 -5.18
C ARG A 1263 10.40 -5.77 -4.28
N ASP A 1264 9.54 -4.94 -3.68
CA ASP A 1264 10.04 -3.96 -2.72
C ASP A 1264 10.72 -4.64 -1.55
N LEU A 1265 10.09 -5.67 -0.97
CA LEU A 1265 10.72 -6.34 0.16
C LEU A 1265 12.05 -6.98 -0.24
N TYR A 1266 12.11 -7.61 -1.41
CA TYR A 1266 13.33 -8.24 -1.85
C TYR A 1266 14.44 -7.22 -2.05
N GLU A 1267 14.14 -6.12 -2.72
CA GLU A 1267 15.20 -5.16 -3.05
C GLU A 1267 15.53 -4.25 -1.87
N ALA A 1268 14.73 -4.30 -0.80
CA ALA A 1268 15.05 -3.53 0.39
C ALA A 1268 16.15 -4.16 1.23
N ARG A 1269 16.08 -5.47 1.48
CA ARG A 1269 17.05 -6.12 2.36
C ARG A 1269 17.80 -7.26 1.71
N GLU A 1270 17.10 -8.10 0.94
CA GLU A 1270 17.69 -9.36 0.51
C GLU A 1270 18.49 -9.26 -0.77
N ARG A 1271 18.32 -8.17 -1.54
CA ARG A 1271 19.18 -7.99 -2.71
C ARG A 1271 20.56 -7.48 -2.31
N PRO A 1272 20.70 -6.39 -1.57
CA PRO A 1272 22.04 -5.95 -1.17
C PRO A 1272 22.77 -6.95 -0.31
N SER A 1273 22.04 -7.72 0.52
CA SER A 1273 22.66 -8.72 1.34
C SER A 1273 23.06 -9.96 0.56
N ARG A 1274 22.66 -10.06 -0.70
CA ARG A 1274 23.04 -11.18 -1.56
C ARG A 1274 22.72 -12.51 -0.90
N THR A 1275 21.51 -12.60 -0.35
CA THR A 1275 20.99 -13.90 0.04
C THR A 1275 20.77 -14.79 -1.18
N PHE A 1276 20.10 -14.27 -2.20
CA PHE A 1276 19.89 -15.01 -3.43
C PHE A 1276 19.82 -14.03 -4.60
N SER A 1277 20.37 -14.44 -5.73
CA SER A 1277 20.51 -13.56 -6.88
C SER A 1277 19.14 -13.18 -7.44
N TRP A 1278 19.14 -12.16 -8.30
CA TRP A 1278 17.88 -11.67 -8.87
C TRP A 1278 17.23 -12.72 -9.76
N ILE A 1279 18.04 -13.47 -10.52
CA ILE A 1279 17.47 -14.47 -11.41
C ILE A 1279 16.70 -15.51 -10.60
N SER A 1280 17.21 -15.85 -9.42
CA SER A 1280 16.46 -16.76 -8.55
C SER A 1280 15.13 -16.16 -8.15
N PHE A 1281 15.10 -14.86 -7.86
CA PHE A 1281 13.85 -14.20 -7.49
C PHE A 1281 12.84 -14.28 -8.63
N ILE A 1282 13.28 -13.94 -9.84
CA ILE A 1282 12.36 -13.97 -10.99
C ILE A 1282 11.89 -15.39 -11.26
N PHE A 1283 12.80 -16.36 -11.19
CA PHE A 1283 12.41 -17.74 -11.43
C PHE A 1283 11.42 -18.22 -10.39
N ALA A 1284 11.59 -17.81 -9.14
CA ALA A 1284 10.60 -18.16 -8.12
C ALA A 1284 9.26 -17.57 -8.45
N GLN A 1285 9.22 -16.29 -8.82
CA GLN A 1285 7.95 -15.68 -9.20
C GLN A 1285 7.28 -16.46 -10.32
N ILE A 1286 8.04 -16.81 -11.35
CA ILE A 1286 7.48 -17.50 -12.51
C ILE A 1286 6.96 -18.88 -12.10
N PHE A 1287 7.82 -19.67 -11.45
CA PHE A 1287 7.49 -21.05 -11.13
C PHE A 1287 6.35 -21.13 -10.15
N VAL A 1288 6.13 -20.06 -9.38
CA VAL A 1288 5.06 -20.08 -8.39
C VAL A 1288 3.75 -19.60 -9.00
N GLU A 1289 3.82 -18.59 -9.87
CA GLU A 1289 2.58 -18.07 -10.44
C GLU A 1289 2.02 -18.99 -11.51
N VAL A 1290 2.86 -19.76 -12.20
CA VAL A 1290 2.38 -20.60 -13.29
C VAL A 1290 1.34 -21.61 -12.80
N PRO A 1291 1.70 -22.56 -11.93
CA PRO A 1291 0.74 -23.63 -11.60
C PRO A 1291 -0.61 -23.13 -11.10
N TRP A 1292 -0.62 -22.04 -10.33
CA TRP A 1292 -1.90 -21.48 -9.92
C TRP A 1292 -2.71 -21.02 -11.13
N ASN A 1293 -2.04 -20.40 -12.10
CA ASN A 1293 -2.74 -19.99 -13.31
C ASN A 1293 -3.24 -21.20 -14.09
N ILE A 1294 -2.47 -22.28 -14.09
CA ILE A 1294 -2.93 -23.51 -14.74
C ILE A 1294 -4.22 -23.99 -14.10
N LEU A 1295 -4.26 -24.02 -12.78
CA LEU A 1295 -5.47 -24.46 -12.08
C LEU A 1295 -6.64 -23.52 -12.38
N ALA A 1296 -6.37 -22.22 -12.41
CA ALA A 1296 -7.44 -21.26 -12.71
C ALA A 1296 -8.02 -21.50 -14.09
N GLY A 1297 -7.15 -21.74 -15.07
CA GLY A 1297 -7.62 -22.07 -16.40
C GLY A 1297 -8.39 -23.37 -16.43
N THR A 1298 -7.96 -24.35 -15.64
CA THR A 1298 -8.67 -25.62 -15.56
C THR A 1298 -10.09 -25.43 -15.07
N ILE A 1299 -10.27 -24.65 -14.00
CA ILE A 1299 -11.62 -24.45 -13.49
C ILE A 1299 -12.45 -23.61 -14.47
N ALA A 1300 -11.81 -22.61 -15.11
CA ALA A 1300 -12.53 -21.77 -16.06
C ALA A 1300 -13.05 -22.60 -17.22
N TYR A 1301 -12.22 -23.50 -17.73
CA TYR A 1301 -12.70 -24.48 -18.71
C TYR A 1301 -14.03 -25.08 -18.31
N PHE A 1302 -14.08 -25.72 -17.14
CA PHE A 1302 -15.27 -26.49 -16.80
C PHE A 1302 -16.47 -25.59 -16.55
N ILE A 1303 -16.26 -24.35 -16.13
CA ILE A 1303 -17.41 -23.50 -15.84
C ILE A 1303 -17.80 -22.64 -17.04
N TYR A 1304 -17.03 -22.72 -18.12
CA TYR A 1304 -17.28 -21.87 -19.28
C TYR A 1304 -17.64 -22.65 -20.53
N TYR A 1305 -16.82 -23.65 -20.87
CA TYR A 1305 -16.96 -24.33 -22.15
C TYR A 1305 -18.31 -25.00 -22.30
N TYR A 1306 -18.83 -25.55 -21.21
CA TYR A 1306 -20.03 -26.37 -21.32
C TYR A 1306 -21.30 -25.53 -21.39
N PRO A 1307 -21.55 -24.55 -20.53
CA PRO A 1307 -22.82 -23.82 -20.62
C PRO A 1307 -23.06 -23.17 -21.97
N ILE A 1308 -22.03 -22.61 -22.60
CA ILE A 1308 -22.25 -21.93 -23.88
C ILE A 1308 -22.72 -22.90 -24.94
N GLY A 1309 -22.34 -24.17 -24.83
CA GLY A 1309 -22.77 -25.18 -25.78
C GLY A 1309 -21.70 -25.66 -26.73
N PHE A 1310 -20.44 -25.24 -26.56
CA PHE A 1310 -19.39 -25.69 -27.46
C PHE A 1310 -19.34 -27.22 -27.53
N TYR A 1311 -19.56 -27.88 -26.39
CA TYR A 1311 -19.51 -29.34 -26.37
C TYR A 1311 -20.55 -29.93 -27.31
N SER A 1312 -21.70 -29.28 -27.46
CA SER A 1312 -22.70 -29.77 -28.40
C SER A 1312 -22.17 -29.78 -29.82
N ASN A 1313 -21.51 -28.70 -30.25
CA ASN A 1313 -20.91 -28.67 -31.58
C ASN A 1313 -19.84 -29.74 -31.71
N ALA A 1314 -18.97 -29.85 -30.72
CA ALA A 1314 -17.88 -30.82 -30.80
C ALA A 1314 -18.43 -32.24 -30.92
N SER A 1315 -19.46 -32.57 -30.14
CA SER A 1315 -20.06 -33.89 -30.20
C SER A 1315 -20.76 -34.12 -31.53
N ALA A 1316 -21.55 -33.15 -32.00
CA ALA A 1316 -22.25 -33.33 -33.27
C ALA A 1316 -21.27 -33.55 -34.41
N ALA A 1317 -20.19 -32.78 -34.45
CA ALA A 1317 -19.18 -32.97 -35.48
C ALA A 1317 -18.43 -34.28 -35.31
N GLY A 1318 -18.58 -34.97 -34.19
CA GLY A 1318 -17.89 -36.21 -33.94
C GLY A 1318 -16.46 -36.06 -33.44
N GLN A 1319 -16.09 -34.89 -32.92
CA GLN A 1319 -14.74 -34.62 -32.44
C GLN A 1319 -14.72 -34.17 -30.99
N LEU A 1320 -15.59 -34.73 -30.13
CA LEU A 1320 -15.69 -34.24 -28.76
C LEU A 1320 -14.35 -34.38 -28.03
N HIS A 1321 -13.89 -35.62 -27.83
CA HIS A 1321 -12.78 -35.86 -26.92
C HIS A 1321 -11.53 -35.12 -27.32
N GLU A 1322 -11.40 -34.70 -28.58
CA GLU A 1322 -10.27 -33.87 -28.97
C GLU A 1322 -10.53 -32.41 -28.65
N ARG A 1323 -11.73 -31.93 -28.98
CA ARG A 1323 -12.02 -30.51 -28.83
C ARG A 1323 -12.06 -30.10 -27.37
N GLY A 1324 -12.59 -30.96 -26.51
CA GLY A 1324 -12.56 -30.66 -25.08
C GLY A 1324 -11.14 -30.46 -24.59
N ALA A 1325 -10.24 -31.37 -24.95
CA ALA A 1325 -8.85 -31.26 -24.53
C ALA A 1325 -8.20 -30.01 -25.11
N LEU A 1326 -8.43 -29.72 -26.38
CA LEU A 1326 -7.80 -28.56 -26.99
C LEU A 1326 -8.31 -27.27 -26.36
N PHE A 1327 -9.62 -27.18 -26.11
CA PHE A 1327 -10.16 -25.98 -25.47
C PHE A 1327 -9.60 -25.82 -24.07
N TRP A 1328 -9.47 -26.92 -23.32
CA TRP A 1328 -8.87 -26.86 -22.01
C TRP A 1328 -7.44 -26.35 -22.09
N LEU A 1329 -6.68 -26.86 -23.06
CA LEU A 1329 -5.31 -26.42 -23.22
C LEU A 1329 -5.25 -24.93 -23.54
N PHE A 1330 -6.19 -24.44 -24.36
CA PHE A 1330 -6.16 -23.02 -24.70
C PHE A 1330 -6.55 -22.16 -23.52
N SER A 1331 -7.48 -22.61 -22.68
CA SER A 1331 -7.78 -21.84 -21.48
C SER A 1331 -6.57 -21.75 -20.56
N CYS A 1332 -5.89 -22.89 -20.34
CA CYS A 1332 -4.68 -22.87 -19.52
C CYS A 1332 -3.65 -21.93 -20.12
N ALA A 1333 -3.46 -22.00 -21.44
CA ALA A 1333 -2.48 -21.16 -22.09
C ALA A 1333 -2.83 -19.69 -21.95
N PHE A 1334 -4.11 -19.35 -22.07
CA PHE A 1334 -4.51 -17.96 -21.93
C PHE A 1334 -4.21 -17.44 -20.54
N TYR A 1335 -4.52 -18.22 -19.51
CA TYR A 1335 -4.28 -17.73 -18.15
C TYR A 1335 -2.78 -17.61 -17.88
N VAL A 1336 -2.00 -18.60 -18.31
CA VAL A 1336 -0.55 -18.49 -18.18
C VAL A 1336 -0.04 -17.25 -18.90
N TYR A 1337 -0.61 -16.97 -20.08
CA TYR A 1337 -0.14 -15.83 -20.86
C TYR A 1337 -0.50 -14.51 -20.19
N VAL A 1338 -1.67 -14.45 -19.56
CA VAL A 1338 -2.03 -13.24 -18.83
C VAL A 1338 -1.03 -13.01 -17.70
N GLY A 1339 -0.72 -14.08 -16.96
CA GLY A 1339 0.31 -13.94 -15.94
C GLY A 1339 1.64 -13.47 -16.51
N SER A 1340 2.02 -14.05 -17.65
CA SER A 1340 3.29 -13.70 -18.26
C SER A 1340 3.33 -12.24 -18.67
N MET A 1341 2.26 -11.75 -19.27
CA MET A 1341 2.21 -10.35 -19.66
C MET A 1341 2.27 -9.45 -18.45
N GLY A 1342 1.56 -9.82 -17.38
CA GLY A 1342 1.66 -9.06 -16.15
C GLY A 1342 3.09 -9.00 -15.65
N LEU A 1343 3.83 -10.10 -15.78
CA LEU A 1343 5.23 -10.09 -15.36
C LEU A 1343 6.09 -9.23 -16.27
N LEU A 1344 5.82 -9.26 -17.58
CA LEU A 1344 6.63 -8.51 -18.52
C LEU A 1344 6.45 -7.01 -18.31
N VAL A 1345 5.20 -6.56 -18.13
CA VAL A 1345 4.97 -5.13 -18.02
C VAL A 1345 5.54 -4.59 -16.72
N ILE A 1346 5.46 -5.34 -15.63
CA ILE A 1346 5.91 -4.84 -14.33
C ILE A 1346 7.43 -4.86 -14.23
N SER A 1347 8.11 -5.59 -15.10
CA SER A 1347 9.56 -5.75 -14.97
C SER A 1347 10.26 -4.40 -14.92
N PHE A 1348 9.84 -3.46 -15.74
CA PHE A 1348 10.54 -2.19 -15.90
C PHE A 1348 9.77 -0.98 -15.39
N ASN A 1349 8.75 -1.17 -14.57
CA ASN A 1349 7.98 -0.08 -14.01
C ASN A 1349 8.13 -0.05 -12.49
N GLN A 1350 8.38 1.15 -11.96
CA GLN A 1350 8.42 1.32 -10.52
C GLN A 1350 7.02 1.37 -9.92
N VAL A 1351 6.04 1.81 -10.72
CA VAL A 1351 4.67 2.01 -10.26
C VAL A 1351 3.76 1.02 -10.99
N ALA A 1352 2.82 0.44 -10.26
CA ALA A 1352 1.88 -0.49 -10.87
C ALA A 1352 0.90 0.23 -11.79
N GLU A 1353 0.51 1.45 -11.45
CA GLU A 1353 -0.43 2.20 -12.29
C GLU A 1353 0.07 2.27 -13.72
N SER A 1354 1.31 2.71 -13.91
CA SER A 1354 1.85 2.83 -15.27
C SER A 1354 1.96 1.46 -15.93
N ALA A 1355 2.40 0.45 -15.19
CA ALA A 1355 2.50 -0.89 -15.76
C ALA A 1355 1.13 -1.41 -16.16
N ALA A 1356 0.13 -1.20 -15.30
CA ALA A 1356 -1.22 -1.64 -15.64
C ALA A 1356 -1.73 -0.91 -16.88
N ASN A 1357 -1.44 0.38 -16.99
CA ASN A 1357 -1.86 1.14 -18.16
C ASN A 1357 -1.20 0.62 -19.42
N LEU A 1358 0.09 0.31 -19.33
CA LEU A 1358 0.78 -0.25 -20.49
C LEU A 1358 0.19 -1.59 -20.89
N ALA A 1359 -0.13 -2.43 -19.91
CA ALA A 1359 -0.75 -3.70 -20.22
C ALA A 1359 -2.10 -3.50 -20.91
N SER A 1360 -2.92 -2.57 -20.38
CA SER A 1360 -4.23 -2.34 -20.98
C SER A 1360 -4.11 -1.76 -22.38
N LEU A 1361 -3.15 -0.88 -22.60
CA LEU A 1361 -2.97 -0.29 -23.92
C LEU A 1361 -2.53 -1.35 -24.93
N LEU A 1362 -1.57 -2.19 -24.54
CA LEU A 1362 -1.16 -3.29 -25.41
C LEU A 1362 -2.32 -4.22 -25.69
N PHE A 1363 -3.10 -4.53 -24.66
CA PHE A 1363 -4.26 -5.40 -24.84
C PHE A 1363 -5.24 -4.82 -25.83
N THR A 1364 -5.55 -3.53 -25.70
CA THR A 1364 -6.50 -2.90 -26.60
C THR A 1364 -5.98 -2.88 -28.03
N MET A 1365 -4.68 -2.62 -28.19
CA MET A 1365 -4.10 -2.69 -29.54
C MET A 1365 -4.24 -4.09 -30.11
N SER A 1366 -3.91 -5.11 -29.31
CA SER A 1366 -4.00 -6.49 -29.80
C SER A 1366 -5.44 -6.89 -30.09
N LEU A 1367 -6.40 -6.24 -29.44
CA LEU A 1367 -7.79 -6.65 -29.56
C LEU A 1367 -8.54 -5.91 -30.65
N SER A 1368 -8.27 -4.61 -30.84
CA SER A 1368 -8.93 -3.88 -31.91
C SER A 1368 -8.56 -4.46 -33.28
N PHE A 1369 -7.30 -4.80 -33.47
CA PHE A 1369 -6.86 -5.49 -34.68
C PHE A 1369 -7.11 -6.99 -34.62
N CYS A 1370 -8.34 -7.39 -34.31
CA CYS A 1370 -8.66 -8.80 -34.14
C CYS A 1370 -10.16 -9.01 -34.26
N GLY A 1371 -10.55 -10.27 -34.45
CA GLY A 1371 -11.93 -10.63 -34.56
C GLY A 1371 -12.57 -10.05 -35.81
N VAL A 1372 -13.90 -9.91 -35.75
CA VAL A 1372 -14.63 -9.27 -36.85
C VAL A 1372 -14.53 -7.75 -36.79
N MET A 1373 -13.76 -7.21 -35.85
CA MET A 1373 -13.72 -5.76 -35.65
C MET A 1373 -13.59 -5.04 -36.98
N THR A 1374 -12.57 -5.37 -37.75
CA THR A 1374 -12.47 -4.97 -39.15
C THR A 1374 -12.11 -6.19 -39.96
N THR A 1375 -12.87 -6.46 -41.00
CA THR A 1375 -12.62 -7.64 -41.81
C THR A 1375 -11.22 -7.54 -42.40
N PRO A 1376 -10.36 -8.55 -42.20
CA PRO A 1376 -8.99 -8.44 -42.76
C PRO A 1376 -8.99 -8.20 -44.24
N SER A 1377 -10.00 -8.69 -44.96
CA SER A 1377 -10.12 -8.39 -46.38
C SER A 1377 -10.28 -6.89 -46.64
N ALA A 1378 -10.81 -6.14 -45.67
CA ALA A 1378 -11.06 -4.71 -45.86
C ALA A 1378 -9.88 -3.84 -45.47
N MET A 1379 -8.78 -4.41 -44.98
CA MET A 1379 -7.61 -3.66 -44.53
C MET A 1379 -6.38 -4.23 -45.23
N PRO A 1380 -6.14 -3.85 -46.49
CA PRO A 1380 -4.95 -4.32 -47.20
C PRO A 1380 -3.70 -3.49 -46.96
N ARG A 1381 -3.77 -2.45 -46.13
CA ARG A 1381 -2.62 -1.58 -45.91
C ARG A 1381 -1.63 -2.23 -44.94
N PHE A 1382 -0.58 -1.46 -44.62
CA PHE A 1382 0.49 -1.98 -43.78
C PHE A 1382 0.04 -2.25 -42.35
N TRP A 1383 -1.11 -1.70 -41.93
CA TRP A 1383 -1.58 -1.93 -40.58
C TRP A 1383 -1.98 -3.38 -40.34
N ILE A 1384 -1.84 -4.26 -41.34
CA ILE A 1384 -2.03 -5.69 -41.11
C ILE A 1384 -0.86 -6.25 -40.32
N PHE A 1385 0.26 -5.53 -40.25
CA PHE A 1385 1.44 -6.06 -39.60
C PHE A 1385 1.13 -6.43 -38.14
N MET A 1386 0.49 -5.51 -37.41
CA MET A 1386 0.13 -5.82 -36.04
C MET A 1386 -0.86 -6.98 -35.98
N TYR A 1387 -1.67 -7.16 -37.03
CA TYR A 1387 -2.62 -8.26 -37.06
C TYR A 1387 -1.89 -9.61 -37.02
N ARG A 1388 -0.89 -9.78 -37.87
CA ARG A 1388 -0.21 -11.07 -37.96
C ARG A 1388 0.63 -11.33 -36.72
N VAL A 1389 1.11 -10.28 -36.06
CA VAL A 1389 2.01 -10.46 -34.93
C VAL A 1389 1.28 -10.50 -33.60
N SER A 1390 0.04 -10.02 -33.53
CA SER A 1390 -0.66 -9.95 -32.25
C SER A 1390 -1.00 -11.36 -31.76
N PRO A 1391 -0.94 -11.61 -30.45
CA PRO A 1391 -1.29 -12.96 -29.96
C PRO A 1391 -2.79 -13.19 -29.83
N LEU A 1392 -3.55 -12.17 -29.44
CA LEU A 1392 -5.00 -12.34 -29.37
C LEU A 1392 -5.55 -12.82 -30.70
N THR A 1393 -4.93 -12.43 -31.81
CA THR A 1393 -5.33 -12.96 -33.10
C THR A 1393 -5.32 -14.48 -33.08
N TYR A 1394 -4.16 -15.07 -32.81
CA TYR A 1394 -4.04 -16.52 -32.86
C TYR A 1394 -4.96 -17.18 -31.84
N PHE A 1395 -5.01 -16.64 -30.62
CA PHE A 1395 -5.89 -17.24 -29.62
C PHE A 1395 -7.33 -17.29 -30.10
N ILE A 1396 -7.83 -16.17 -30.62
CA ILE A 1396 -9.24 -16.10 -30.98
C ILE A 1396 -9.52 -16.95 -32.21
N GLN A 1397 -8.65 -16.92 -33.21
CA GLN A 1397 -8.88 -17.78 -34.38
C GLN A 1397 -8.91 -19.25 -33.98
N ALA A 1398 -7.97 -19.68 -33.14
CA ALA A 1398 -7.96 -21.08 -32.72
C ALA A 1398 -9.22 -21.41 -31.92
N LEU A 1399 -9.63 -20.49 -31.04
CA LEU A 1399 -10.72 -20.82 -30.13
C LEU A 1399 -12.06 -20.86 -30.85
N LEU A 1400 -12.34 -19.90 -31.74
CA LEU A 1400 -13.52 -20.01 -32.58
C LEU A 1400 -13.51 -21.31 -33.36
N ALA A 1401 -12.37 -21.64 -33.96
CA ALA A 1401 -12.26 -22.84 -34.76
C ALA A 1401 -12.66 -24.06 -33.95
N VAL A 1402 -12.07 -24.24 -32.77
CA VAL A 1402 -12.41 -25.42 -31.98
C VAL A 1402 -13.86 -25.36 -31.52
N GLY A 1403 -14.37 -24.16 -31.23
CA GLY A 1403 -15.68 -24.07 -30.59
C GLY A 1403 -16.84 -24.31 -31.53
N VAL A 1404 -16.75 -23.81 -32.76
CA VAL A 1404 -17.93 -23.75 -33.62
C VAL A 1404 -17.68 -24.32 -35.02
N ALA A 1405 -16.52 -24.91 -35.24
CA ALA A 1405 -16.19 -25.34 -36.59
C ALA A 1405 -16.88 -26.63 -36.96
N ASN A 1406 -17.17 -26.77 -38.27
CA ASN A 1406 -17.66 -28.01 -38.86
C ASN A 1406 -18.98 -28.45 -38.23
N VAL A 1407 -20.02 -27.63 -38.44
CA VAL A 1407 -21.39 -27.98 -38.07
C VAL A 1407 -22.33 -27.10 -38.88
N ASP A 1408 -23.53 -27.61 -39.11
CA ASP A 1408 -24.48 -26.94 -39.99
C ASP A 1408 -25.29 -25.90 -39.23
N VAL A 1409 -25.72 -24.86 -39.94
CA VAL A 1409 -26.52 -23.81 -39.36
C VAL A 1409 -27.99 -24.12 -39.57
N LYS A 1410 -28.83 -23.60 -38.66
CA LYS A 1410 -30.27 -23.77 -38.73
C LYS A 1410 -30.90 -22.39 -38.57
N CYS A 1411 -31.11 -21.70 -39.69
CA CYS A 1411 -31.70 -20.37 -39.65
C CYS A 1411 -33.08 -20.42 -39.03
N ALA A 1412 -33.42 -19.39 -38.27
CA ALA A 1412 -34.79 -19.24 -37.77
C ALA A 1412 -35.58 -18.31 -38.69
N ASP A 1413 -36.89 -18.30 -38.51
CA ASP A 1413 -37.76 -17.56 -39.41
C ASP A 1413 -37.43 -16.08 -39.43
N TYR A 1414 -37.09 -15.50 -38.28
CA TYR A 1414 -36.84 -14.07 -38.20
C TYR A 1414 -35.55 -13.66 -38.92
N GLU A 1415 -34.71 -14.61 -39.31
CA GLU A 1415 -33.46 -14.33 -40.00
C GLU A 1415 -33.50 -14.69 -41.47
N LEU A 1416 -34.45 -15.53 -41.88
CA LEU A 1416 -34.60 -15.91 -43.28
C LEU A 1416 -35.11 -14.75 -44.12
N LEU A 1417 -34.23 -14.12 -44.90
CA LEU A 1417 -34.69 -13.18 -45.91
C LEU A 1417 -35.31 -13.96 -47.07
N GLU A 1418 -36.13 -13.29 -47.86
CA GLU A 1418 -36.96 -13.97 -48.84
C GLU A 1418 -37.14 -13.07 -50.04
N PHE A 1419 -37.37 -13.70 -51.20
CA PHE A 1419 -37.66 -12.95 -52.41
C PHE A 1419 -38.50 -13.79 -53.35
N THR A 1420 -39.17 -13.10 -54.26
CA THR A 1420 -39.94 -13.76 -55.32
C THR A 1420 -39.09 -13.83 -56.58
N PRO A 1421 -38.81 -15.02 -57.12
CA PRO A 1421 -37.89 -15.13 -58.24
C PRO A 1421 -38.54 -14.67 -59.53
N PRO A 1422 -37.77 -14.62 -60.63
CA PRO A 1422 -38.35 -14.26 -61.91
C PRO A 1422 -39.46 -15.22 -62.32
N SER A 1423 -40.46 -14.69 -63.01
CA SER A 1423 -41.62 -15.48 -63.41
C SER A 1423 -41.19 -16.66 -64.27
N GLY A 1424 -41.82 -17.81 -64.05
CA GLY A 1424 -41.53 -19.01 -64.82
C GLY A 1424 -40.34 -19.79 -64.34
N MET A 1425 -39.24 -19.13 -63.95
CA MET A 1425 -38.06 -19.83 -63.49
C MET A 1425 -38.26 -20.30 -62.06
N THR A 1426 -37.44 -21.27 -61.65
CA THR A 1426 -37.48 -21.83 -60.31
C THR A 1426 -36.31 -21.32 -59.50
N CYS A 1427 -36.48 -21.29 -58.18
CA CYS A 1427 -35.49 -20.67 -57.31
C CYS A 1427 -34.11 -21.29 -57.50
N GLY A 1428 -34.05 -22.61 -57.58
CA GLY A 1428 -32.75 -23.26 -57.72
C GLY A 1428 -32.01 -22.84 -58.96
N GLN A 1429 -32.71 -22.84 -60.11
CA GLN A 1429 -32.09 -22.40 -61.35
C GLN A 1429 -31.77 -20.93 -61.32
N TYR A 1430 -32.56 -20.13 -60.59
CA TYR A 1430 -32.31 -18.70 -60.49
C TYR A 1430 -31.12 -18.39 -59.61
N MET A 1431 -30.80 -19.26 -58.66
CA MET A 1431 -29.73 -18.95 -57.71
C MET A 1431 -28.46 -19.73 -57.99
N GLU A 1432 -28.53 -20.77 -58.82
CA GLU A 1432 -27.32 -21.49 -59.21
C GLU A 1432 -26.24 -20.57 -59.75
N PRO A 1433 -26.54 -19.63 -60.66
CA PRO A 1433 -25.47 -18.72 -61.11
C PRO A 1433 -24.84 -17.95 -59.97
N TYR A 1434 -25.63 -17.49 -59.00
CA TYR A 1434 -25.07 -16.88 -57.81
C TYR A 1434 -24.26 -17.89 -57.03
N LEU A 1435 -24.76 -19.12 -56.93
CA LEU A 1435 -24.12 -20.11 -56.07
C LEU A 1435 -22.71 -20.44 -56.54
N GLN A 1436 -22.49 -20.59 -57.85
CA GLN A 1436 -21.15 -20.94 -58.30
C GLN A 1436 -20.10 -19.96 -57.77
N LEU A 1437 -20.46 -18.68 -57.65
CA LEU A 1437 -19.55 -17.67 -57.11
C LEU A 1437 -19.72 -17.50 -55.61
N ALA A 1438 -20.82 -17.99 -55.03
CA ALA A 1438 -21.09 -17.79 -53.62
C ALA A 1438 -20.46 -18.85 -52.73
N LYS A 1439 -20.29 -20.08 -53.22
CA LYS A 1439 -19.72 -21.16 -52.42
C LYS A 1439 -20.41 -21.26 -51.06
N THR A 1440 -21.73 -21.16 -51.09
CA THR A 1440 -22.56 -21.28 -49.89
C THR A 1440 -23.80 -22.07 -50.31
N GLY A 1441 -24.86 -22.01 -49.51
CA GLY A 1441 -26.07 -22.71 -49.89
C GLY A 1441 -27.25 -22.54 -48.96
N TYR A 1442 -27.90 -23.66 -48.64
CA TYR A 1442 -29.03 -23.68 -47.73
C TYR A 1442 -30.25 -22.98 -48.32
N LEU A 1443 -30.44 -23.12 -49.63
CA LEU A 1443 -31.69 -22.65 -50.21
C LEU A 1443 -32.85 -23.41 -49.59
N THR A 1444 -33.86 -22.67 -49.12
CA THR A 1444 -34.91 -23.29 -48.33
C THR A 1444 -35.74 -24.26 -49.18
N ASP A 1445 -36.21 -23.82 -50.35
CA ASP A 1445 -37.03 -24.65 -51.22
C ASP A 1445 -36.48 -24.56 -52.64
N GLU A 1446 -35.80 -25.62 -53.07
CA GLU A 1446 -35.14 -25.59 -54.37
C GLU A 1446 -36.13 -25.48 -55.52
N ASN A 1447 -37.22 -26.26 -55.48
CA ASN A 1447 -38.14 -26.35 -56.61
C ASN A 1447 -39.31 -25.39 -56.52
N ALA A 1448 -39.40 -24.60 -55.46
CA ALA A 1448 -40.49 -23.62 -55.36
C ALA A 1448 -40.30 -22.50 -56.38
N THR A 1449 -41.41 -21.86 -56.72
CA THR A 1449 -41.40 -20.80 -57.72
C THR A 1449 -41.97 -19.48 -57.24
N ASP A 1450 -42.94 -19.47 -56.33
CA ASP A 1450 -43.58 -18.22 -55.91
C ASP A 1450 -42.64 -17.40 -55.03
N THR A 1451 -41.96 -18.05 -54.09
CA THR A 1451 -41.08 -17.33 -53.17
C THR A 1451 -40.25 -18.34 -52.40
N CYS A 1452 -38.97 -18.04 -52.23
CA CYS A 1452 -38.04 -18.91 -51.52
C CYS A 1452 -37.20 -18.09 -50.56
N SER A 1453 -36.99 -18.63 -49.37
CA SER A 1453 -36.18 -17.98 -48.35
C SER A 1453 -34.77 -18.52 -48.39
N PHE A 1454 -33.80 -17.68 -48.03
CA PHE A 1454 -32.40 -18.02 -48.22
C PHE A 1454 -31.59 -17.62 -47.00
N CYS A 1455 -30.44 -18.28 -46.83
CA CYS A 1455 -29.48 -17.98 -45.79
C CYS A 1455 -28.13 -17.71 -46.45
N GLN A 1456 -27.47 -16.63 -46.04
CA GLN A 1456 -26.20 -16.28 -46.66
C GLN A 1456 -25.15 -17.36 -46.46
N ILE A 1457 -25.28 -18.18 -45.42
CA ILE A 1457 -24.25 -19.13 -45.02
C ILE A 1457 -24.91 -20.46 -44.71
N SER A 1458 -24.25 -21.54 -45.12
CA SER A 1458 -24.76 -22.88 -44.90
C SER A 1458 -23.89 -23.64 -43.91
N THR A 1459 -22.60 -23.75 -44.20
CA THR A 1459 -21.70 -24.46 -43.31
C THR A 1459 -20.97 -23.49 -42.40
N THR A 1460 -20.95 -23.78 -41.10
CA THR A 1460 -20.30 -22.89 -40.15
C THR A 1460 -18.85 -22.63 -40.52
N ASN A 1461 -18.19 -23.59 -41.16
CA ASN A 1461 -16.86 -23.34 -41.66
C ASN A 1461 -16.84 -22.13 -42.58
N ASP A 1462 -17.93 -21.86 -43.29
CA ASP A 1462 -18.03 -20.66 -44.12
C ASP A 1462 -17.94 -19.41 -43.25
N TYR A 1463 -18.76 -19.33 -42.20
CA TYR A 1463 -18.73 -18.17 -41.33
C TYR A 1463 -17.37 -17.99 -40.68
N LEU A 1464 -16.77 -19.08 -40.22
CA LEU A 1464 -15.45 -18.97 -39.60
C LEU A 1464 -14.40 -18.51 -40.59
N ALA A 1465 -14.42 -19.06 -41.81
CA ALA A 1465 -13.48 -18.61 -42.82
C ALA A 1465 -13.68 -17.14 -43.13
N ASN A 1466 -14.91 -16.65 -43.00
CA ASN A 1466 -15.15 -15.23 -43.26
C ASN A 1466 -14.29 -14.34 -42.39
N VAL A 1467 -13.86 -14.82 -41.22
CA VAL A 1467 -13.02 -14.03 -40.32
C VAL A 1467 -11.61 -14.59 -40.33
N ASN A 1468 -11.24 -15.29 -41.39
CA ASN A 1468 -9.90 -15.86 -41.54
C ASN A 1468 -9.62 -16.92 -40.48
N SER A 1469 -10.67 -17.45 -39.86
CA SER A 1469 -10.55 -18.49 -38.86
C SER A 1469 -10.70 -19.86 -39.53
N PHE A 1470 -9.80 -20.77 -39.21
CA PHE A 1470 -9.76 -22.09 -39.82
C PHE A 1470 -9.69 -23.16 -38.75
N TYR A 1471 -10.36 -24.30 -39.02
CA TYR A 1471 -10.25 -25.44 -38.12
C TYR A 1471 -8.94 -26.19 -38.31
N SER A 1472 -8.45 -26.26 -39.55
CA SER A 1472 -7.18 -26.95 -39.79
C SER A 1472 -6.01 -26.20 -39.17
N GLU A 1473 -6.21 -24.93 -38.83
CA GLU A 1473 -5.15 -24.09 -38.30
C GLU A 1473 -4.93 -24.30 -36.81
N ARG A 1474 -5.75 -25.10 -36.15
CA ARG A 1474 -5.82 -25.07 -34.69
C ARG A 1474 -4.46 -25.33 -34.04
N TRP A 1475 -3.73 -26.34 -34.50
CA TRP A 1475 -2.52 -26.73 -33.79
C TRP A 1475 -1.40 -25.71 -33.99
N ARG A 1476 -1.20 -25.24 -35.21
CA ARG A 1476 -0.19 -24.21 -35.46
C ARG A 1476 -0.45 -23.00 -34.57
N ASN A 1477 -1.71 -22.67 -34.35
CA ASN A 1477 -2.05 -21.57 -33.47
C ASN A 1477 -1.58 -21.84 -32.04
N TYR A 1478 -1.77 -23.06 -31.55
CA TYR A 1478 -1.34 -23.39 -30.19
C TYR A 1478 0.18 -23.31 -30.08
N GLY A 1479 0.89 -23.82 -31.08
CA GLY A 1479 2.33 -23.70 -31.07
C GLY A 1479 2.79 -22.26 -31.03
N ILE A 1480 2.21 -21.42 -31.89
CA ILE A 1480 2.57 -20.01 -31.91
C ILE A 1480 2.27 -19.36 -30.56
N PHE A 1481 1.12 -19.70 -29.97
CA PHE A 1481 0.71 -19.07 -28.72
C PHE A 1481 1.67 -19.41 -27.59
N ILE A 1482 2.04 -20.69 -27.48
CA ILE A 1482 3.00 -21.08 -26.45
C ILE A 1482 4.36 -20.44 -26.71
N CYS A 1483 4.76 -20.32 -27.98
CA CYS A 1483 5.99 -19.61 -28.28
C CYS A 1483 5.92 -18.17 -27.82
N TYR A 1484 4.75 -17.53 -27.97
CA TYR A 1484 4.61 -16.17 -27.49
C TYR A 1484 4.74 -16.11 -25.97
N ILE A 1485 4.16 -17.07 -25.26
CA ILE A 1485 4.31 -17.10 -23.81
C ILE A 1485 5.79 -17.21 -23.45
N ALA A 1486 6.52 -18.09 -24.14
CA ALA A 1486 7.93 -18.30 -23.83
C ALA A 1486 8.72 -17.03 -24.08
N PHE A 1487 8.54 -16.40 -25.24
CA PHE A 1487 9.22 -15.13 -25.50
C PHE A 1487 8.85 -14.11 -24.44
N ASN A 1488 7.60 -14.12 -23.98
CA ASN A 1488 7.18 -13.14 -23.00
C ASN A 1488 7.92 -13.31 -21.69
N TYR A 1489 8.09 -14.55 -21.22
CA TYR A 1489 8.88 -14.76 -20.02
C TYR A 1489 10.35 -14.44 -20.25
N ILE A 1490 10.87 -14.71 -21.45
CA ILE A 1490 12.25 -14.35 -21.72
C ILE A 1490 12.43 -12.83 -21.59
N ALA A 1491 11.52 -12.07 -22.19
CA ALA A 1491 11.62 -10.62 -22.10
C ALA A 1491 11.40 -10.13 -20.68
N GLY A 1492 10.53 -10.82 -19.92
CA GLY A 1492 10.30 -10.43 -18.54
C GLY A 1492 11.52 -10.65 -17.67
N VAL A 1493 12.24 -11.75 -17.91
CA VAL A 1493 13.49 -11.97 -17.18
C VAL A 1493 14.55 -10.98 -17.62
N PHE A 1494 14.57 -10.64 -18.91
CA PHE A 1494 15.59 -9.71 -19.39
C PHE A 1494 15.39 -8.31 -18.83
N PHE A 1495 14.17 -7.78 -18.91
CA PHE A 1495 13.92 -6.41 -18.52
C PHE A 1495 14.25 -6.16 -17.05
N TYR A 1496 14.10 -7.18 -16.20
CA TYR A 1496 14.49 -7.00 -14.82
C TYR A 1496 15.98 -6.67 -14.72
N TRP A 1497 16.83 -7.48 -15.34
CA TRP A 1497 18.26 -7.19 -15.30
C TRP A 1497 18.53 -5.84 -15.92
N LEU A 1498 17.83 -5.51 -17.00
CA LEU A 1498 18.08 -4.26 -17.70
C LEU A 1498 17.79 -3.05 -16.81
N ALA A 1499 16.69 -3.10 -16.06
CA ALA A 1499 16.22 -1.92 -15.34
C ALA A 1499 16.53 -1.93 -13.86
N ARG A 1500 16.09 -2.96 -13.14
CA ARG A 1500 16.16 -2.97 -11.68
C ARG A 1500 17.51 -3.39 -11.13
N VAL A 1501 18.27 -4.21 -11.83
CA VAL A 1501 19.55 -4.69 -11.30
C VAL A 1501 20.61 -3.64 -11.55
N PRO A 1502 21.33 -3.16 -10.51
CA PRO A 1502 22.40 -2.19 -10.72
C PRO A 1502 23.71 -2.86 -11.13
PG ATP B . 3.87 -1.38 22.05
O1G ATP B . 4.29 -0.44 23.14
O2G ATP B . 4.94 -1.66 21.02
O3G ATP B . 2.50 -1.11 21.46
PB ATP B . 2.57 -2.88 23.99
O1B ATP B . 3.20 -3.56 25.18
O2B ATP B . 1.88 -1.55 24.14
O3B ATP B . 3.64 -2.78 22.79
PA ATP B . 0.14 -4.09 24.25
O1A ATP B . -1.02 -3.45 23.54
O2A ATP B . 0.52 -3.70 25.65
O3A ATP B . 1.48 -3.89 23.39
O5' ATP B . -0.01 -5.68 24.18
C5' ATP B . 0.11 -6.41 25.39
C4' ATP B . -0.37 -7.84 25.21
O4' ATP B . -1.73 -7.81 24.80
C3' ATP B . 0.41 -8.58 24.15
O3' ATP B . 0.94 -9.79 24.70
C2' ATP B . -0.58 -8.88 23.04
O2' ATP B . -0.46 -10.25 22.62
C1' ATP B . -1.94 -8.60 23.64
N9 ATP B . -2.84 -7.85 22.74
C8 ATP B . -2.59 -6.68 22.14
N7 ATP B . -3.66 -6.30 21.38
C5 ATP B . -4.60 -7.25 21.49
C6 ATP B . -5.95 -7.48 20.96
N6 ATP B . -6.53 -6.59 20.13
N1 ATP B . -6.59 -8.60 21.33
C2 ATP B . -6.03 -9.50 22.16
N3 ATP B . -4.80 -9.35 22.68
C4 ATP B . -4.05 -8.27 22.39
H5'1 ATP B . -0.48 -5.88 26.15
H5'2 ATP B . 1.14 -6.41 25.73
H4' ATP B . -0.27 -8.36 26.16
H3' ATP B . 1.21 -7.94 23.75
HO3' ATP B . 1.53 -10.21 24.05
H2' ATP B . -0.39 -8.20 22.20
HO2' ATP B . 0.37 -10.37 22.14
H1' ATP B . -2.40 -9.56 23.93
H8 ATP B . -1.68 -6.11 22.25
HN61 ATP B . -7.46 -6.75 19.77
HN62 ATP B . -6.03 -5.74 19.86
H2 ATP B . -6.59 -10.39 22.42
MG MG C . 18.93 5.68 11.16
PB AOV D . 20.36 8.50 11.33
O1B AOV D . 20.28 7.03 11.26
O2B AOV D . 21.88 8.95 11.57
O3B AOV D . 19.44 9.05 12.54
PA AOV D . 20.56 9.32 8.53
O1A AOV D . 22.00 9.08 8.68
O2A AOV D . 19.92 8.28 7.49
O3A AOV D . 19.86 9.15 9.96
O5' AOV D . 20.34 10.81 7.99
C5' AOV D . 21.44 11.69 7.81
C4' AOV D . 21.06 12.80 6.84
O4' AOV D . 20.68 12.24 5.57
C3' AOV D . 19.86 13.59 7.43
O3' AOV D . 20.16 14.98 7.38
C2' AOV D . 18.66 13.27 6.51
O2' AOV D . 17.84 14.42 6.30
C1' AOV D . 19.44 12.90 5.24
N9 AOV D . 18.87 12.92 3.89
C8 AOV D . 17.99 13.86 3.43
N7 AOV D . 17.69 13.60 2.19
C5 AOV D . 18.36 12.49 1.79
C6 AOV D . 18.42 11.75 0.60
N6 AOV D . 17.67 12.16 -0.49
N1 AOV D . 19.19 10.69 0.56
C2 AOV D . 19.90 10.32 1.60
N3 AOV D . 19.88 10.96 2.74
C4 AOV D . 19.13 12.05 2.88
VG AOV D . 18.43 7.79 13.42
O1G AOV D . 18.06 7.08 12.06
O2G AOV D . 19.91 7.28 14.38
O3G AOV D . 17.34 9.13 14.07
O4G AOV D . 17.42 6.55 14.32
H2B AOV D . 21.97 9.63 12.06
H2A AOV D . 19.90 7.48 7.78
H5'1 AOV D . 21.69 12.07 8.66
H5'2 AOV D . 22.19 11.19 7.44
H4' AOV D . 21.82 13.40 6.72
H3' AOV D . 19.69 13.31 8.34
H1' AOV D . 19.02 12.03 5.29
HA AOV D . 20.10 15.38 8.14
H2' AOV D . 18.14 12.53 6.85
HB AOV D . 18.19 15.15 6.60
H8 AOV D . 17.66 14.58 3.91
H61N AOV D . 17.27 12.91 -0.47
H62N AOV D . 17.48 11.59 -1.10
H2 AOV D . 20.43 9.55 1.53
H2G1 AOV D . 19.98 6.44 14.47
H3G1 AOV D . 17.09 9.00 14.87
H4G1 AOV D . 16.62 6.47 14.03
#